data_5HPT
#
_entry.id   5HPT
#
_cell.length_a   114.005
_cell.length_b   118.897
_cell.length_c   158.663
_cell.angle_alpha   90.00
_cell.angle_beta   90.00
_cell.angle_gamma   90.00
#
_symmetry.space_group_name_H-M   'P 21 21 21'
#
loop_
_entity.id
_entity.type
_entity.pdbx_description
1 polymer 'NEDD4-like E3 ubiquitin-protein ligase WWP1'
2 polymer 'Ubiquitin variant  P2.3'
3 polymer 'Ubiquitin-conjugating enzyme E2 L3'
4 water water
#
loop_
_entity_poly.entity_id
_entity_poly.type
_entity_poly.pdbx_seq_one_letter_code
_entity_poly.pdbx_strand_id
1 'polypeptide(L)'
;GSGGPQIAYERGFRWKLAHFRYLCQSNALPSHVKINVSRQTLFEDSFQQIMALKPYDLRRRLYVIFRGEEGLDYGGLARE
WFFLLSHEVLNPMYCLFEYAGKNNYCLQINPASTINPDHLSYFCFIGRFIAMALFHGKFIDTGFSLPFYKRMLSKKLTIK
DLESIDTEFYNSLIWIRDNNIEECGLEMYFSVDMEILGKVTSHDLKLGGSNILVTEENKDEYIGLMTEWRFSRGVQEQTK
AFLDGFNEVVPLQWLQYFDEKELEVMLCGMQEVDLADWQRNTVYRHYTRNSKQIIWFWQFVKETDNEVRMRLLQFVTGTC
RLPLGGFAELMGSNGPQKFCIEKVGKDTWLPRSHTCFNRLDLPPYKSYEQLKEKLLFAIEETE
;
A,D,G
2 'polypeptide(L)'
;GSGGS(MSE)QILVKTFTWKTITLEVEPSDTIENVKAKIQDKEGIPPDQQRLIFAGKQLEDGRTLSDYNIK(MSE)GSSL
YLVLRLPGQRI
;
B,E,H
3 'polypeptide(L)'
;AASRRLMKELEEIRKCGMKNFRNIQVDEANLLTWQGLIVPDNPPYDKGAFRIEINFPAEYPFKPPKITFKTKIYHPNIDE
KGQVCLPVISAENWKPATKTDQVIQSLIALVNDPQPEHPLRADLAEEYSKDRKKFCKNAEEFTKKYGEKRPVDGGHHHHH
H
;
C,F
#
# COMPACT_ATOMS: atom_id res chain seq x y z
N ARG A 11 -15.76 -31.83 24.99
CA ARG A 11 -17.09 -31.22 24.85
C ARG A 11 -17.04 -29.77 24.31
N GLY A 12 -16.28 -29.59 23.22
CA GLY A 12 -16.18 -28.32 22.51
C GLY A 12 -16.94 -28.41 21.19
N PHE A 13 -16.45 -27.70 20.17
CA PHE A 13 -17.22 -27.46 18.95
C PHE A 13 -17.59 -28.70 18.12
N ARG A 14 -16.67 -29.63 18.03
CA ARG A 14 -16.85 -30.89 17.36
C ARG A 14 -18.06 -31.57 17.87
N TRP A 15 -18.27 -31.46 19.16
CA TRP A 15 -19.25 -32.25 19.87
C TRP A 15 -20.58 -31.56 19.75
N LYS A 16 -20.57 -30.25 20.01
CA LYS A 16 -21.76 -29.42 19.78
C LYS A 16 -22.32 -29.66 18.40
N LEU A 17 -21.44 -29.77 17.43
CA LEU A 17 -21.85 -30.00 16.07
C LEU A 17 -22.57 -31.34 15.88
N ALA A 18 -22.00 -32.42 16.43
CA ALA A 18 -22.58 -33.79 16.35
C ALA A 18 -23.95 -33.83 17.00
N HIS A 19 -24.00 -33.16 18.14
CA HIS A 19 -25.23 -33.02 18.87
C HIS A 19 -26.29 -32.36 18.01
N PHE A 20 -25.98 -31.16 17.51
CA PHE A 20 -26.94 -30.44 16.68
C PHE A 20 -27.34 -31.24 15.44
N ARG A 21 -26.38 -31.92 14.82
CA ARG A 21 -26.69 -32.70 13.61
C ARG A 21 -27.57 -33.86 13.97
N TYR A 22 -27.33 -34.49 15.14
CA TYR A 22 -28.13 -35.61 15.57
C TYR A 22 -29.55 -35.15 15.89
N LEU A 23 -29.70 -34.04 16.62
CA LEU A 23 -31.02 -33.47 16.83
C LEU A 23 -31.78 -33.35 15.50
N CYS A 24 -31.09 -32.90 14.45
CA CYS A 24 -31.79 -32.69 13.20
C CYS A 24 -32.15 -34.02 12.55
N GLN A 25 -31.16 -34.85 12.28
CA GLN A 25 -31.41 -36.19 11.77
C GLN A 25 -32.61 -36.84 12.49
N SER A 26 -32.50 -36.91 13.81
CA SER A 26 -33.48 -37.60 14.62
C SER A 26 -34.86 -36.96 14.58
N ASN A 27 -34.99 -35.80 13.96
CA ASN A 27 -36.27 -35.06 13.93
C ASN A 27 -36.85 -34.80 12.54
N ALA A 28 -36.26 -35.41 11.52
CA ALA A 28 -36.69 -35.20 10.16
C ALA A 28 -37.92 -36.01 9.78
N LEU A 29 -38.93 -35.33 9.27
CA LEU A 29 -40.10 -36.02 8.72
C LEU A 29 -39.73 -36.76 7.42
N PRO A 30 -40.48 -37.82 7.08
CA PRO A 30 -40.15 -38.57 5.86
C PRO A 30 -40.62 -37.85 4.59
N SER A 31 -40.62 -38.56 3.47
CA SER A 31 -40.98 -38.00 2.17
C SER A 31 -40.10 -36.78 1.82
N HIS A 32 -40.61 -35.90 0.98
CA HIS A 32 -39.82 -34.79 0.50
C HIS A 32 -40.65 -33.52 0.36
N VAL A 33 -39.99 -32.41 0.08
CA VAL A 33 -40.73 -31.19 -0.15
C VAL A 33 -40.20 -30.56 -1.43
N LYS A 34 -41.10 -30.14 -2.31
CA LYS A 34 -40.71 -29.68 -3.62
C LYS A 34 -40.59 -28.16 -3.65
N ILE A 35 -39.42 -27.66 -4.01
CA ILE A 35 -39.15 -26.25 -4.15
C ILE A 35 -38.87 -25.94 -5.61
N ASN A 36 -39.89 -25.49 -6.33
CA ASN A 36 -39.75 -25.19 -7.75
C ASN A 36 -39.51 -23.70 -7.98
N VAL A 37 -38.33 -23.37 -8.52
CA VAL A 37 -37.98 -21.97 -8.80
C VAL A 37 -37.33 -21.88 -10.16
N SER A 38 -37.09 -20.66 -10.64
CA SER A 38 -36.13 -20.48 -11.71
C SER A 38 -35.24 -19.33 -11.33
N ARG A 39 -34.00 -19.35 -11.83
CA ARG A 39 -33.02 -18.32 -11.45
C ARG A 39 -33.53 -16.92 -11.69
N GLN A 40 -34.31 -16.75 -12.75
CA GLN A 40 -34.76 -15.42 -13.13
C GLN A 40 -35.80 -14.92 -12.13
N THR A 41 -36.56 -15.83 -11.53
CA THR A 41 -37.59 -15.47 -10.58
C THR A 41 -37.37 -16.17 -9.23
N LEU A 42 -36.11 -16.17 -8.78
CA LEU A 42 -35.71 -16.94 -7.62
C LEU A 42 -36.35 -16.49 -6.30
N PHE A 43 -36.38 -15.18 -6.05
CA PHE A 43 -36.92 -14.69 -4.79
C PHE A 43 -38.46 -14.87 -4.77
N GLU A 44 -39.18 -14.40 -5.77
CA GLU A 44 -40.63 -14.50 -5.71
C GLU A 44 -41.05 -15.96 -5.66
N ASP A 45 -40.39 -16.82 -6.42
CA ASP A 45 -40.79 -18.24 -6.42
C ASP A 45 -40.52 -18.90 -5.08
N SER A 46 -39.32 -18.64 -4.56
CA SER A 46 -38.90 -19.15 -3.25
C SER A 46 -39.88 -18.71 -2.17
N PHE A 47 -40.01 -17.40 -1.99
CA PHE A 47 -40.97 -16.87 -1.02
C PHE A 47 -42.38 -17.46 -1.18
N GLN A 48 -42.83 -17.63 -2.42
CA GLN A 48 -44.11 -18.29 -2.63
C GLN A 48 -44.10 -19.77 -2.13
N GLN A 49 -43.19 -20.56 -2.67
CA GLN A 49 -43.02 -21.97 -2.30
C GLN A 49 -42.92 -22.23 -0.77
N ILE A 50 -41.95 -21.57 -0.11
CA ILE A 50 -41.71 -21.77 1.32
C ILE A 50 -42.86 -21.28 2.20
N MET A 51 -43.52 -20.20 1.78
CA MET A 51 -44.56 -19.64 2.66
C MET A 51 -45.82 -20.51 2.62
N ALA A 52 -45.99 -21.29 1.57
CA ALA A 52 -47.18 -22.09 1.40
C ALA A 52 -47.08 -23.36 2.20
N LEU A 53 -45.90 -23.65 2.74
CA LEU A 53 -45.69 -24.91 3.43
C LEU A 53 -45.67 -24.69 4.92
N LYS A 54 -45.88 -25.78 5.67
CA LYS A 54 -45.87 -25.67 7.12
C LYS A 54 -44.45 -25.85 7.60
N PRO A 55 -44.10 -25.20 8.73
CA PRO A 55 -42.75 -25.44 9.27
C PRO A 55 -42.39 -26.92 9.25
N TYR A 56 -43.20 -27.83 9.79
CA TYR A 56 -42.92 -29.27 9.72
C TYR A 56 -42.39 -29.74 8.34
N ASP A 57 -43.09 -29.35 7.27
CA ASP A 57 -42.72 -29.74 5.89
C ASP A 57 -41.29 -29.33 5.56
N LEU A 58 -40.86 -28.24 6.18
CA LEU A 58 -39.52 -27.76 5.92
C LEU A 58 -38.48 -28.65 6.61
N ARG A 59 -38.92 -29.72 7.27
CA ARG A 59 -38.00 -30.74 7.82
C ARG A 59 -38.00 -32.02 7.00
N ARG A 60 -38.93 -32.16 6.06
CA ARG A 60 -38.86 -33.23 5.07
C ARG A 60 -37.64 -33.04 4.16
N ARG A 61 -37.36 -34.04 3.33
CA ARG A 61 -36.27 -34.01 2.37
C ARG A 61 -36.54 -32.92 1.35
N LEU A 62 -35.47 -32.27 0.90
CA LEU A 62 -35.57 -31.09 0.03
C LEU A 62 -35.34 -31.43 -1.44
N TYR A 63 -36.36 -31.26 -2.28
CA TYR A 63 -36.13 -31.40 -3.73
C TYR A 63 -36.22 -30.02 -4.36
N VAL A 64 -35.08 -29.47 -4.74
CA VAL A 64 -35.15 -28.22 -5.47
C VAL A 64 -35.10 -28.46 -6.96
N ILE A 65 -36.02 -27.85 -7.70
CA ILE A 65 -35.93 -27.80 -9.15
C ILE A 65 -35.59 -26.41 -9.67
N PHE A 66 -34.61 -26.29 -10.57
CA PHE A 66 -34.47 -25.05 -11.36
C PHE A 66 -35.08 -25.24 -12.73
N ARG A 67 -36.29 -24.74 -12.99
CA ARG A 67 -36.91 -25.08 -14.27
C ARG A 67 -36.18 -24.40 -15.45
N GLY A 68 -36.01 -25.14 -16.52
CA GLY A 68 -35.22 -24.67 -17.63
C GLY A 68 -33.81 -25.22 -17.58
N GLU A 69 -33.43 -25.78 -16.44
CA GLU A 69 -32.16 -26.49 -16.34
C GLU A 69 -32.44 -27.95 -16.00
N GLU A 70 -33.62 -28.42 -16.39
CA GLU A 70 -34.40 -29.31 -15.54
C GLU A 70 -33.96 -30.75 -15.29
N GLY A 71 -33.52 -31.45 -16.32
CA GLY A 71 -33.31 -32.88 -16.16
C GLY A 71 -31.87 -33.23 -16.45
N LEU A 72 -31.21 -32.32 -17.17
CA LEU A 72 -29.80 -32.44 -17.46
C LEU A 72 -29.41 -30.97 -17.42
N ASP A 73 -28.79 -30.48 -16.34
CA ASP A 73 -28.48 -31.16 -15.09
C ASP A 73 -29.83 -31.38 -14.34
N TYR A 74 -29.87 -32.08 -13.19
CA TYR A 74 -28.72 -32.39 -12.35
C TYR A 74 -28.20 -33.83 -12.28
N GLY A 75 -26.90 -34.00 -11.97
CA GLY A 75 -25.93 -32.93 -11.72
C GLY A 75 -26.13 -32.25 -10.35
N GLY A 76 -25.85 -30.95 -10.26
CA GLY A 76 -26.17 -30.11 -9.11
C GLY A 76 -25.92 -30.48 -7.65
N LEU A 77 -26.82 -30.07 -6.75
CA LEU A 77 -27.78 -29.01 -7.06
C LEU A 77 -27.85 -28.07 -5.90
N ALA A 78 -29.09 -27.85 -5.48
CA ALA A 78 -29.44 -26.70 -4.72
C ALA A 78 -29.15 -26.85 -3.24
N ARG A 79 -27.85 -26.67 -3.03
CA ARG A 79 -27.18 -25.98 -1.98
C ARG A 79 -26.78 -24.72 -2.72
N GLU A 80 -27.04 -24.76 -4.03
CA GLU A 80 -26.93 -23.63 -4.90
C GLU A 80 -28.06 -22.65 -4.60
N TRP A 81 -29.28 -23.17 -4.49
CA TRP A 81 -30.44 -22.40 -4.06
C TRP A 81 -30.13 -21.64 -2.79
N PHE A 82 -29.48 -22.31 -1.84
CA PHE A 82 -29.16 -21.65 -0.60
C PHE A 82 -28.17 -20.53 -0.83
N PHE A 83 -27.10 -20.76 -1.59
CA PHE A 83 -26.18 -19.65 -1.91
C PHE A 83 -26.94 -18.55 -2.66
N LEU A 84 -27.57 -18.89 -3.77
CA LEU A 84 -28.20 -17.93 -4.64
C LEU A 84 -29.25 -17.11 -3.95
N LEU A 85 -30.15 -17.79 -3.24
CA LEU A 85 -31.23 -17.10 -2.52
C LEU A 85 -30.70 -16.22 -1.42
N SER A 86 -29.69 -16.70 -0.70
CA SER A 86 -29.19 -15.95 0.45
C SER A 86 -28.73 -14.65 -0.07
N HIS A 87 -28.12 -14.69 -1.26
CA HIS A 87 -27.56 -13.49 -1.90
C HIS A 87 -28.67 -12.51 -2.30
N GLU A 88 -29.87 -13.03 -2.61
CA GLU A 88 -31.00 -12.19 -2.98
C GLU A 88 -31.66 -11.58 -1.77
N VAL A 89 -32.15 -12.40 -0.84
CA VAL A 89 -32.95 -11.88 0.28
C VAL A 89 -32.13 -11.02 1.27
N LEU A 90 -30.83 -11.18 1.33
CA LEU A 90 -30.01 -10.45 2.28
C LEU A 90 -29.42 -9.20 1.67
N ASN A 91 -29.76 -8.93 0.41
CA ASN A 91 -29.24 -7.79 -0.34
C ASN A 91 -29.80 -6.47 0.16
N PRO A 92 -28.96 -5.62 0.78
CA PRO A 92 -29.51 -4.38 1.36
C PRO A 92 -30.39 -3.54 0.43
N MET A 93 -30.25 -3.66 -0.89
CA MET A 93 -31.10 -2.95 -1.86
C MET A 93 -32.57 -3.13 -1.58
N TYR A 94 -32.95 -4.29 -1.06
CA TYR A 94 -34.34 -4.62 -0.87
C TYR A 94 -34.83 -4.08 0.43
N CYS A 95 -33.93 -3.45 1.17
CA CYS A 95 -34.32 -2.84 2.42
C CYS A 95 -34.89 -3.78 3.52
N LEU A 96 -34.54 -5.05 3.55
CA LEU A 96 -34.89 -5.88 4.70
C LEU A 96 -33.73 -5.96 5.70
N PHE A 97 -32.55 -6.36 5.25
CA PHE A 97 -31.37 -6.28 6.09
C PHE A 97 -30.46 -5.22 5.54
N GLU A 98 -29.56 -4.72 6.38
CA GLU A 98 -28.60 -3.72 5.95
C GLU A 98 -27.21 -4.07 6.41
N TYR A 99 -26.18 -3.49 5.79
CA TYR A 99 -24.82 -3.72 6.26
C TYR A 99 -24.63 -3.12 7.65
N ALA A 100 -23.70 -3.66 8.43
CA ALA A 100 -23.49 -3.17 9.80
C ALA A 100 -22.81 -1.80 9.88
N GLY A 101 -21.80 -1.61 9.04
CA GLY A 101 -21.10 -0.34 8.98
C GLY A 101 -20.93 -0.05 7.51
N LYS A 102 -20.28 1.08 7.18
CA LYS A 102 -19.94 1.34 5.79
C LYS A 102 -19.00 0.24 5.27
N ASN A 103 -17.94 -0.02 6.03
CA ASN A 103 -16.86 -0.88 5.54
C ASN A 103 -16.81 -2.30 6.12
N ASN A 104 -17.75 -2.68 6.98
CA ASN A 104 -17.83 -4.10 7.33
C ASN A 104 -19.20 -4.68 6.94
N TYR A 105 -19.20 -5.90 6.39
CA TYR A 105 -20.29 -6.33 5.50
C TYR A 105 -21.11 -7.53 5.97
N CYS A 106 -21.46 -7.53 7.25
CA CYS A 106 -22.29 -8.60 7.82
C CYS A 106 -23.63 -8.04 8.27
N LEU A 107 -24.70 -8.69 7.83
CA LEU A 107 -26.04 -8.15 7.90
C LEU A 107 -26.60 -7.85 9.30
N GLN A 108 -27.45 -6.82 9.36
CA GLN A 108 -28.36 -6.62 10.49
C GLN A 108 -29.69 -6.12 9.92
N ILE A 109 -30.73 -6.06 10.74
CA ILE A 109 -32.05 -5.64 10.26
C ILE A 109 -32.08 -4.12 10.01
N ASN A 110 -32.67 -3.70 8.88
CA ASN A 110 -32.79 -2.28 8.56
C ASN A 110 -34.12 -1.73 9.10
N PRO A 111 -34.04 -0.70 9.97
CA PRO A 111 -35.29 -0.13 10.50
C PRO A 111 -36.22 0.43 9.41
N ALA A 112 -35.66 0.80 8.27
CA ALA A 112 -36.42 1.25 7.11
C ALA A 112 -37.22 0.16 6.39
N SER A 113 -37.20 -1.06 6.92
CA SER A 113 -37.77 -2.21 6.24
C SER A 113 -39.27 -2.07 6.03
N THR A 114 -39.90 -1.22 6.86
CA THR A 114 -41.35 -1.02 6.90
C THR A 114 -41.90 -0.45 5.60
N ILE A 115 -41.05 0.24 4.86
CA ILE A 115 -41.39 0.65 3.50
C ILE A 115 -41.73 -0.52 2.54
N ASN A 116 -41.38 -1.76 2.92
CA ASN A 116 -41.89 -2.96 2.23
C ASN A 116 -43.29 -3.36 2.73
N PRO A 117 -44.27 -3.41 1.81
CA PRO A 117 -45.66 -3.66 2.10
C PRO A 117 -45.96 -4.73 3.19
N ASP A 118 -45.27 -5.85 3.21
CA ASP A 118 -45.60 -6.77 4.32
C ASP A 118 -44.39 -7.25 5.10
N HIS A 119 -43.54 -6.33 5.54
CA HIS A 119 -42.18 -6.70 5.92
C HIS A 119 -42.14 -7.86 6.93
N LEU A 120 -43.03 -7.91 7.91
CA LEU A 120 -43.01 -8.98 8.89
C LEU A 120 -43.14 -10.35 8.26
N SER A 121 -43.80 -10.43 7.11
CA SER A 121 -43.85 -11.70 6.43
C SER A 121 -42.48 -12.10 5.86
N TYR A 122 -41.77 -11.16 5.28
CA TYR A 122 -40.51 -11.50 4.66
C TYR A 122 -39.50 -11.84 5.75
N PHE A 123 -39.56 -11.22 6.92
CA PHE A 123 -38.60 -11.62 7.94
C PHE A 123 -38.95 -13.03 8.48
N CYS A 124 -40.22 -13.41 8.43
CA CYS A 124 -40.57 -14.77 8.86
C CYS A 124 -40.04 -15.80 7.85
N PHE A 125 -40.28 -15.54 6.57
CA PHE A 125 -39.62 -16.24 5.46
C PHE A 125 -38.11 -16.40 5.66
N ILE A 126 -37.41 -15.33 5.99
CA ILE A 126 -35.97 -15.42 6.03
C ILE A 126 -35.57 -16.23 7.26
N GLY A 127 -36.38 -16.15 8.31
CA GLY A 127 -36.11 -16.88 9.54
C GLY A 127 -36.22 -18.36 9.27
N ARG A 128 -37.24 -18.71 8.51
CA ARG A 128 -37.45 -20.10 8.14
C ARG A 128 -36.31 -20.58 7.31
N PHE A 129 -35.96 -19.71 6.37
CA PHE A 129 -34.94 -20.01 5.39
C PHE A 129 -33.61 -20.38 6.03
N ILE A 130 -33.11 -19.51 6.89
CA ILE A 130 -31.87 -19.74 7.63
C ILE A 130 -31.99 -21.00 8.49
N ALA A 131 -33.11 -21.17 9.19
CA ALA A 131 -33.21 -22.36 10.00
C ALA A 131 -33.13 -23.55 9.06
N MET A 132 -33.68 -23.43 7.86
CA MET A 132 -33.62 -24.56 6.92
C MET A 132 -32.13 -24.81 6.66
N ALA A 133 -31.39 -23.73 6.48
CA ALA A 133 -29.97 -23.88 6.19
C ALA A 133 -29.29 -24.69 7.31
N LEU A 134 -29.51 -24.31 8.57
CA LEU A 134 -28.87 -25.06 9.67
C LEU A 134 -29.37 -26.51 9.66
N PHE A 135 -30.67 -26.65 9.57
CA PHE A 135 -31.27 -27.96 9.63
C PHE A 135 -30.74 -28.91 8.54
N HIS A 136 -30.45 -28.44 7.34
CA HIS A 136 -30.08 -29.39 6.31
C HIS A 136 -28.57 -29.37 6.12
N GLY A 137 -27.90 -28.62 6.99
CA GLY A 137 -26.46 -28.53 6.95
C GLY A 137 -25.97 -27.95 5.63
N LYS A 138 -26.65 -26.90 5.17
CA LYS A 138 -26.23 -26.16 4.00
C LYS A 138 -25.79 -24.77 4.44
N PHE A 139 -24.69 -24.28 3.89
CA PHE A 139 -24.21 -22.93 4.17
C PHE A 139 -24.80 -21.86 3.24
N ILE A 140 -24.81 -20.62 3.70
CA ILE A 140 -25.32 -19.43 2.99
C ILE A 140 -24.21 -18.41 2.84
N ASP A 141 -24.32 -17.60 1.78
CA ASP A 141 -23.22 -16.74 1.35
C ASP A 141 -22.58 -15.68 2.25
N THR A 142 -23.43 -14.93 2.94
CA THR A 142 -22.91 -13.95 3.89
C THR A 142 -23.93 -14.03 5.02
N GLY A 143 -23.44 -13.75 6.23
CA GLY A 143 -24.27 -13.93 7.40
C GLY A 143 -24.48 -12.65 8.19
N PHE A 144 -24.84 -12.82 9.46
CA PHE A 144 -25.20 -11.68 10.25
C PHE A 144 -24.12 -11.27 11.21
N SER A 145 -24.33 -10.11 11.84
CA SER A 145 -23.40 -9.61 12.81
C SER A 145 -23.44 -10.43 14.08
N LEU A 146 -22.37 -10.30 14.86
CA LEU A 146 -22.23 -11.11 16.06
C LEU A 146 -23.29 -10.70 17.11
N PRO A 147 -23.57 -9.39 17.28
CA PRO A 147 -24.75 -9.07 18.11
C PRO A 147 -26.03 -9.72 17.60
N PHE A 148 -26.17 -9.84 16.29
CA PHE A 148 -27.36 -10.47 15.79
C PHE A 148 -27.41 -11.90 16.28
N TYR A 149 -26.28 -12.60 16.20
CA TYR A 149 -26.24 -14.00 16.59
C TYR A 149 -26.53 -14.15 18.10
N LYS A 150 -25.96 -13.25 18.90
CA LYS A 150 -26.20 -13.26 20.32
C LYS A 150 -27.69 -13.15 20.64
N ARG A 151 -28.41 -12.33 19.88
CA ARG A 151 -29.85 -12.24 20.08
C ARG A 151 -30.47 -13.61 19.82
N MET A 152 -30.02 -14.34 18.81
CA MET A 152 -30.64 -15.62 18.46
C MET A 152 -30.47 -16.66 19.61
N LEU A 153 -29.30 -16.63 20.22
CA LEU A 153 -28.96 -17.42 21.40
C LEU A 153 -29.56 -16.86 22.70
N SER A 154 -30.28 -15.73 22.58
CA SER A 154 -30.82 -14.96 23.72
C SER A 154 -29.76 -14.58 24.76
N LYS A 155 -28.57 -14.21 24.28
CA LYS A 155 -27.51 -13.74 25.15
C LYS A 155 -27.66 -12.24 25.25
N LYS A 156 -27.19 -11.67 26.36
CA LYS A 156 -27.38 -10.26 26.62
C LYS A 156 -26.38 -9.40 25.86
N LEU A 157 -26.87 -8.35 25.21
CA LEU A 157 -26.00 -7.44 24.46
C LEU A 157 -25.39 -6.42 25.42
N THR A 158 -24.10 -6.11 25.24
CA THR A 158 -23.40 -5.29 26.23
C THR A 158 -22.66 -4.20 25.51
N ILE A 159 -22.23 -3.20 26.26
CA ILE A 159 -21.63 -2.03 25.66
C ILE A 159 -20.46 -2.44 24.76
N LYS A 160 -19.75 -3.53 25.10
CA LYS A 160 -18.58 -3.92 24.29
C LYS A 160 -19.03 -4.56 22.98
N ASP A 161 -20.28 -5.02 22.94
CA ASP A 161 -20.85 -5.57 21.71
C ASP A 161 -21.06 -4.47 20.69
N LEU A 162 -21.07 -3.22 21.17
CA LEU A 162 -21.29 -2.08 20.29
C LEU A 162 -20.14 -1.83 19.38
N GLU A 163 -18.92 -1.94 19.92
CA GLU A 163 -17.67 -1.62 19.19
C GLU A 163 -17.70 -2.13 17.75
N SER A 164 -18.16 -3.35 17.54
CA SER A 164 -18.24 -3.90 16.19
C SER A 164 -19.26 -3.23 15.27
N ILE A 165 -20.42 -2.84 15.78
CA ILE A 165 -21.45 -2.33 14.88
C ILE A 165 -21.61 -0.83 14.80
N ASP A 166 -21.31 -0.10 15.85
CA ASP A 166 -21.13 1.36 15.75
C ASP A 166 -20.07 2.05 16.62
N THR A 167 -18.88 2.05 16.04
CA THR A 167 -17.68 2.38 16.76
C THR A 167 -17.70 3.79 17.37
N GLU A 168 -18.24 4.79 16.66
CA GLU A 168 -18.29 6.17 17.20
C GLU A 168 -19.27 6.26 18.36
N PHE A 169 -20.41 5.65 18.18
CA PHE A 169 -21.40 5.67 19.23
C PHE A 169 -20.78 4.98 20.49
N TYR A 170 -20.15 3.80 20.28
CA TYR A 170 -19.34 3.14 21.30
C TYR A 170 -18.33 4.03 22.02
N ASN A 171 -17.40 4.67 21.27
CA ASN A 171 -16.40 5.56 21.89
C ASN A 171 -17.05 6.69 22.67
N SER A 172 -18.12 7.25 22.14
CA SER A 172 -18.83 8.30 22.83
C SER A 172 -19.39 7.80 24.13
N LEU A 173 -20.16 6.72 24.06
CA LEU A 173 -20.65 6.05 25.26
C LEU A 173 -19.56 5.85 26.31
N ILE A 174 -18.50 5.14 25.92
CA ILE A 174 -17.44 4.89 26.87
C ILE A 174 -16.76 6.16 27.36
N TRP A 175 -16.58 7.17 26.50
CA TRP A 175 -16.04 8.43 26.99
C TRP A 175 -16.82 8.95 28.21
N ILE A 176 -18.15 8.83 28.15
CA ILE A 176 -19.04 9.33 29.18
C ILE A 176 -18.97 8.52 30.46
N ARG A 177 -18.72 7.23 30.34
CA ARG A 177 -18.54 6.34 31.49
C ARG A 177 -17.26 6.68 32.25
N ASP A 178 -16.20 6.96 31.50
CA ASP A 178 -14.88 6.99 32.08
C ASP A 178 -14.34 8.40 32.35
N ASN A 179 -15.18 9.41 32.14
CA ASN A 179 -14.84 10.80 32.47
C ASN A 179 -15.88 11.50 33.35
N ASN A 180 -15.41 12.35 34.26
CA ASN A 180 -16.31 13.20 35.03
C ASN A 180 -16.86 14.30 34.12
N ILE A 181 -18.17 14.52 34.15
CA ILE A 181 -18.78 15.40 33.19
C ILE A 181 -19.43 16.62 33.81
N GLU A 182 -19.34 16.76 35.14
CA GLU A 182 -20.07 17.80 35.85
C GLU A 182 -19.78 19.22 35.36
N GLU A 183 -18.52 19.47 34.99
CA GLU A 183 -18.10 20.80 34.56
C GLU A 183 -17.84 20.81 33.07
N CYS A 184 -18.67 20.07 32.35
CA CYS A 184 -18.37 19.76 30.96
C CYS A 184 -19.32 20.36 29.96
N GLY A 185 -20.44 20.87 30.44
CA GLY A 185 -21.43 21.49 29.57
C GLY A 185 -21.88 20.61 28.42
N LEU A 186 -21.80 19.29 28.60
CA LEU A 186 -22.51 18.39 27.71
C LEU A 186 -23.98 18.70 27.87
N GLU A 187 -24.72 18.81 26.78
CA GLU A 187 -26.13 19.04 26.98
C GLU A 187 -26.76 17.77 26.51
N MET A 188 -26.90 16.85 27.45
CA MET A 188 -27.34 15.51 27.12
C MET A 188 -28.56 15.23 27.95
N TYR A 189 -29.53 14.63 27.30
CA TYR A 189 -30.81 14.40 27.92
C TYR A 189 -31.20 12.95 27.67
N PHE A 190 -32.16 12.45 28.45
CA PHE A 190 -32.52 11.07 28.23
C PHE A 190 -33.44 11.11 27.01
N SER A 191 -32.87 11.36 25.82
CA SER A 191 -33.60 11.01 24.60
C SER A 191 -32.57 10.99 23.48
N VAL A 192 -32.96 10.49 22.32
CA VAL A 192 -31.97 10.30 21.29
C VAL A 192 -32.66 10.23 19.93
N ASP A 193 -32.03 10.81 18.92
CA ASP A 193 -32.68 10.96 17.64
C ASP A 193 -32.05 10.05 16.60
N MET A 194 -32.85 9.67 15.63
CA MET A 194 -32.39 8.77 14.60
C MET A 194 -33.00 9.19 13.27
N GLU A 195 -32.18 9.17 12.23
CA GLU A 195 -32.62 9.44 10.90
C GLU A 195 -32.95 8.16 10.12
N ILE A 196 -34.14 8.07 9.54
CA ILE A 196 -34.44 6.95 8.68
C ILE A 196 -35.01 7.43 7.36
N LEU A 197 -34.30 7.11 6.29
CA LEU A 197 -34.71 7.47 4.94
C LEU A 197 -34.85 8.99 4.78
N GLY A 198 -33.97 9.73 5.45
CA GLY A 198 -34.06 11.18 5.46
C GLY A 198 -34.92 11.82 6.54
N LYS A 199 -35.78 11.06 7.24
CA LYS A 199 -36.65 11.66 8.24
C LYS A 199 -36.19 11.44 9.68
N VAL A 200 -36.12 12.51 10.48
CA VAL A 200 -35.54 12.41 11.81
C VAL A 200 -36.57 12.22 12.91
N THR A 201 -36.36 11.24 13.76
CA THR A 201 -37.35 11.01 14.79
C THR A 201 -36.75 10.93 16.21
N SER A 202 -37.60 11.20 17.20
CA SER A 202 -37.18 11.34 18.61
C SER A 202 -37.73 10.22 19.50
N HIS A 203 -36.86 9.65 20.31
CA HIS A 203 -37.26 8.59 21.22
C HIS A 203 -36.89 8.96 22.64
N ASP A 204 -37.85 8.92 23.55
CA ASP A 204 -37.53 9.09 24.95
C ASP A 204 -37.04 7.73 25.51
N LEU A 205 -36.08 7.77 26.43
CA LEU A 205 -35.41 6.57 26.91
C LEU A 205 -36.04 6.09 28.21
N LYS A 206 -36.72 7.01 28.86
CA LYS A 206 -37.59 6.76 30.01
C LYS A 206 -38.68 7.86 29.96
N LEU A 207 -39.62 7.89 30.91
CA LEU A 207 -40.77 8.80 30.84
C LEU A 207 -40.37 10.29 30.80
N GLY A 208 -40.65 10.96 29.67
CA GLY A 208 -40.40 12.39 29.60
C GLY A 208 -38.91 12.60 29.60
N GLY A 209 -38.22 11.63 29.01
CA GLY A 209 -36.78 11.55 29.04
C GLY A 209 -36.13 12.74 28.37
N SER A 210 -36.74 13.25 27.30
CA SER A 210 -36.21 14.44 26.60
C SER A 210 -36.05 15.64 27.54
N ASN A 211 -36.79 15.67 28.64
CA ASN A 211 -36.64 16.74 29.62
C ASN A 211 -35.78 16.46 30.83
N ILE A 212 -35.23 15.26 30.90
CA ILE A 212 -34.32 14.90 31.97
C ILE A 212 -32.89 15.10 31.49
N LEU A 213 -32.09 15.81 32.29
CA LEU A 213 -30.71 16.11 31.94
C LEU A 213 -29.72 15.07 32.45
N VAL A 214 -28.89 14.52 31.56
CA VAL A 214 -27.74 13.69 31.97
C VAL A 214 -26.72 14.42 32.83
N THR A 215 -26.50 13.90 34.04
CA THR A 215 -25.46 14.36 34.97
C THR A 215 -24.72 13.17 35.61
N GLU A 216 -23.78 13.47 36.51
CA GLU A 216 -22.89 12.45 37.05
C GLU A 216 -23.66 11.38 37.75
N GLU A 217 -24.84 11.74 38.26
CA GLU A 217 -25.55 10.80 39.10
C GLU A 217 -26.45 9.88 38.26
N ASN A 218 -26.93 10.35 37.10
CA ASN A 218 -27.79 9.46 36.28
C ASN A 218 -27.06 8.86 35.11
N LYS A 219 -25.77 9.14 35.05
CA LYS A 219 -24.98 8.90 33.85
C LYS A 219 -25.01 7.42 33.50
N ASP A 220 -24.82 6.57 34.52
CA ASP A 220 -24.81 5.12 34.35
C ASP A 220 -26.15 4.60 33.83
N GLU A 221 -27.26 5.01 34.43
CA GLU A 221 -28.61 4.64 33.96
C GLU A 221 -28.76 4.97 32.49
N TYR A 222 -28.31 6.18 32.17
CA TYR A 222 -28.34 6.74 30.82
C TYR A 222 -27.56 5.84 29.90
N ILE A 223 -26.29 5.60 30.25
CA ILE A 223 -25.44 4.77 29.42
C ILE A 223 -26.09 3.43 29.12
N GLY A 224 -26.68 2.84 30.16
CA GLY A 224 -27.48 1.64 30.02
C GLY A 224 -28.53 1.71 28.93
N LEU A 225 -29.51 2.61 29.12
CA LEU A 225 -30.60 2.76 28.18
C LEU A 225 -30.14 3.07 26.77
N MET A 226 -29.09 3.87 26.62
CA MET A 226 -28.61 4.16 25.26
C MET A 226 -28.18 2.89 24.60
N THR A 227 -27.54 2.03 25.42
CA THR A 227 -26.90 0.85 24.86
C THR A 227 -27.97 -0.07 24.35
N GLU A 228 -28.99 -0.36 25.18
CA GLU A 228 -30.11 -1.09 24.62
C GLU A 228 -30.62 -0.43 23.34
N TRP A 229 -31.03 0.84 23.45
CA TRP A 229 -31.68 1.53 22.35
C TRP A 229 -30.88 1.35 21.07
N ARG A 230 -29.57 1.55 21.12
CA ARG A 230 -28.78 1.48 19.89
C ARG A 230 -28.90 0.11 19.21
N PHE A 231 -28.96 -0.97 20.02
CA PHE A 231 -29.06 -2.34 19.49
C PHE A 231 -30.45 -2.59 18.95
N SER A 232 -31.40 -2.16 19.76
CA SER A 232 -32.82 -2.43 19.61
C SER A 232 -33.61 -1.55 18.63
N ARG A 233 -33.08 -0.37 18.29
CA ARG A 233 -33.86 0.74 17.73
C ARG A 233 -34.55 0.40 16.41
N GLY A 234 -35.88 0.48 16.43
CA GLY A 234 -36.70 0.36 15.24
C GLY A 234 -36.83 -1.01 14.58
N VAL A 235 -36.54 -2.07 15.31
CA VAL A 235 -36.55 -3.41 14.71
C VAL A 235 -37.08 -4.52 15.64
N GLN A 236 -37.80 -4.13 16.68
CA GLN A 236 -38.42 -5.08 17.62
C GLN A 236 -39.34 -6.06 16.93
N GLU A 237 -40.14 -5.56 15.99
CA GLU A 237 -41.15 -6.38 15.36
C GLU A 237 -40.54 -7.28 14.28
N GLN A 238 -39.60 -6.75 13.50
CA GLN A 238 -38.96 -7.56 12.45
C GLN A 238 -38.16 -8.70 13.10
N THR A 239 -37.34 -8.36 14.09
CA THR A 239 -36.64 -9.35 14.87
C THR A 239 -37.56 -10.48 15.40
N LYS A 240 -38.63 -10.15 16.10
CA LYS A 240 -39.52 -11.20 16.56
C LYS A 240 -40.09 -12.03 15.40
N ALA A 241 -40.25 -11.44 14.23
CA ALA A 241 -40.87 -12.15 13.13
C ALA A 241 -39.91 -13.22 12.73
N PHE A 242 -38.65 -12.79 12.59
CA PHE A 242 -37.52 -13.64 12.22
C PHE A 242 -37.34 -14.83 13.22
N LEU A 243 -37.11 -14.52 14.49
CA LEU A 243 -36.93 -15.55 15.52
C LEU A 243 -38.11 -16.48 15.51
N ASP A 244 -39.34 -15.97 15.35
CA ASP A 244 -40.48 -16.88 15.33
C ASP A 244 -40.37 -17.80 14.10
N GLY A 245 -40.13 -17.22 12.94
CA GLY A 245 -40.07 -18.02 11.73
C GLY A 245 -38.98 -19.06 11.86
N PHE A 246 -37.85 -18.67 12.47
CA PHE A 246 -36.74 -19.58 12.69
C PHE A 246 -37.10 -20.72 13.66
N ASN A 247 -37.74 -20.34 14.77
CA ASN A 247 -38.00 -21.27 15.83
C ASN A 247 -38.99 -22.35 15.39
N GLU A 248 -39.96 -21.99 14.55
CA GLU A 248 -40.90 -22.99 14.00
C GLU A 248 -40.12 -24.08 13.25
N VAL A 249 -39.10 -23.69 12.50
CA VAL A 249 -38.37 -24.67 11.72
C VAL A 249 -37.33 -25.45 12.57
N VAL A 250 -36.45 -24.73 13.28
CA VAL A 250 -35.42 -25.31 14.13
C VAL A 250 -35.57 -24.60 15.47
N PRO A 251 -36.04 -25.32 16.52
CA PRO A 251 -36.13 -24.77 17.89
C PRO A 251 -34.89 -24.04 18.30
N LEU A 252 -35.00 -22.79 18.73
CA LEU A 252 -33.85 -22.03 19.21
C LEU A 252 -33.12 -22.70 20.35
N GLN A 253 -33.77 -23.64 21.01
CA GLN A 253 -33.17 -24.20 22.20
C GLN A 253 -32.13 -25.25 21.83
N TRP A 254 -32.26 -25.82 20.62
CA TRP A 254 -31.21 -26.65 20.06
C TRP A 254 -29.92 -25.90 19.91
N LEU A 255 -29.95 -24.57 20.00
CA LEU A 255 -28.74 -23.72 19.80
C LEU A 255 -28.01 -23.37 21.06
N GLN A 256 -28.51 -23.86 22.17
CA GLN A 256 -28.10 -23.37 23.46
C GLN A 256 -26.66 -23.71 23.83
N TYR A 257 -26.05 -24.70 23.20
CA TYR A 257 -24.64 -24.98 23.55
C TYR A 257 -23.68 -24.14 22.70
N PHE A 258 -24.17 -23.66 21.57
CA PHE A 258 -23.36 -22.80 20.73
C PHE A 258 -23.21 -21.40 21.32
N ASP A 259 -22.03 -20.81 21.12
CA ASP A 259 -21.84 -19.35 21.28
C ASP A 259 -22.11 -18.61 19.93
N GLU A 260 -22.02 -17.29 19.90
CA GLU A 260 -22.32 -16.55 18.65
C GLU A 260 -21.25 -16.78 17.59
N LYS A 261 -20.00 -17.00 18.00
CA LYS A 261 -18.95 -17.23 17.01
C LYS A 261 -19.11 -18.58 16.34
N GLU A 262 -19.53 -19.59 17.10
CA GLU A 262 -19.68 -20.92 16.51
C GLU A 262 -20.84 -20.90 15.53
N LEU A 263 -21.94 -20.22 15.89
CA LEU A 263 -23.10 -20.11 15.01
C LEU A 263 -22.76 -19.38 13.69
N GLU A 264 -21.90 -18.36 13.73
CA GLU A 264 -21.35 -17.82 12.49
C GLU A 264 -20.80 -18.94 11.63
N VAL A 265 -19.93 -19.76 12.22
CA VAL A 265 -19.17 -20.73 11.44
C VAL A 265 -20.10 -21.83 10.95
N MET A 266 -21.26 -21.97 11.57
CA MET A 266 -22.17 -23.02 11.13
C MET A 266 -23.00 -22.63 9.94
N LEU A 267 -22.99 -21.33 9.61
CA LEU A 267 -23.89 -20.82 8.59
C LEU A 267 -23.07 -20.47 7.39
N CYS A 268 -21.93 -19.86 7.65
CA CYS A 268 -20.84 -19.75 6.68
C CYS A 268 -20.17 -21.10 6.70
N GLY A 269 -19.32 -21.41 5.75
CA GLY A 269 -18.64 -22.67 5.90
C GLY A 269 -17.45 -22.51 6.83
N MET A 270 -16.50 -23.44 6.73
CA MET A 270 -15.16 -23.13 7.17
C MET A 270 -14.49 -22.39 6.01
N GLN A 271 -14.05 -21.18 6.28
CA GLN A 271 -13.46 -20.34 5.25
C GLN A 271 -12.03 -20.83 4.94
N GLU A 272 -11.49 -20.39 3.81
CA GLU A 272 -10.11 -20.70 3.45
C GLU A 272 -9.17 -19.62 3.93
N VAL A 273 -8.26 -19.97 4.82
CA VAL A 273 -7.22 -19.02 5.20
C VAL A 273 -5.88 -19.45 4.59
N ASP A 274 -5.31 -18.59 3.76
CA ASP A 274 -4.00 -18.83 3.18
C ASP A 274 -2.92 -18.30 4.13
N LEU A 275 -2.28 -19.19 4.88
CA LEU A 275 -1.33 -18.78 5.91
C LEU A 275 -0.22 -17.88 5.38
N ALA A 276 0.08 -18.00 4.10
CA ALA A 276 1.02 -17.07 3.50
C ALA A 276 0.45 -15.68 3.46
N ASP A 277 -0.71 -15.57 2.80
CA ASP A 277 -1.44 -14.31 2.60
C ASP A 277 -1.65 -13.55 3.91
N TRP A 278 -1.85 -14.29 4.98
CA TRP A 278 -1.97 -13.74 6.32
C TRP A 278 -0.66 -13.09 6.83
N GLN A 279 0.44 -13.86 6.79
CA GLN A 279 1.78 -13.42 7.22
C GLN A 279 2.32 -12.23 6.44
N ARG A 280 2.14 -12.27 5.12
CA ARG A 280 2.54 -11.18 4.24
C ARG A 280 1.93 -9.85 4.70
N ASN A 281 0.67 -9.90 5.13
CA ASN A 281 -0.12 -8.70 5.34
C ASN A 281 -0.41 -8.35 6.81
N THR A 282 0.33 -8.96 7.71
CA THR A 282 0.24 -8.61 9.11
C THR A 282 1.23 -7.49 9.43
N VAL A 283 0.81 -6.50 10.21
CA VAL A 283 1.74 -5.47 10.65
C VAL A 283 1.95 -5.63 12.17
N TYR A 284 3.02 -5.03 12.69
CA TYR A 284 3.42 -5.27 14.06
C TYR A 284 3.72 -3.94 14.77
N ARG A 285 3.06 -3.69 15.90
CA ARG A 285 3.33 -2.51 16.70
C ARG A 285 4.09 -2.91 17.95
N HIS A 286 5.31 -2.39 18.08
CA HIS A 286 6.22 -2.69 19.19
C HIS A 286 6.66 -4.13 19.23
N TYR A 287 6.29 -4.87 18.20
CA TYR A 287 6.86 -6.16 17.90
C TYR A 287 7.50 -6.03 16.52
N THR A 288 8.23 -7.06 16.11
CA THR A 288 8.81 -7.12 14.77
C THR A 288 8.55 -8.51 14.17
N ARG A 289 8.93 -8.68 12.90
CA ARG A 289 8.83 -9.97 12.22
C ARG A 289 9.79 -11.01 12.86
N ASN A 290 10.63 -10.55 13.79
CA ASN A 290 11.69 -11.37 14.34
C ASN A 290 11.63 -11.56 15.86
N SER A 291 10.82 -10.78 16.58
CA SER A 291 10.59 -11.02 18.00
C SER A 291 9.98 -12.40 18.13
N LYS A 292 10.44 -13.22 19.06
CA LYS A 292 10.05 -14.61 18.95
C LYS A 292 8.78 -14.90 19.72
N GLN A 293 8.13 -13.84 20.20
CA GLN A 293 6.72 -13.97 20.52
C GLN A 293 5.96 -14.13 19.21
N ILE A 294 6.33 -13.35 18.21
CA ILE A 294 5.70 -13.44 16.90
C ILE A 294 6.07 -14.74 16.20
N ILE A 295 7.32 -15.14 16.35
CA ILE A 295 7.82 -16.39 15.79
C ILE A 295 7.02 -17.53 16.38
N TRP A 296 6.87 -17.50 17.70
CA TRP A 296 6.00 -18.42 18.42
C TRP A 296 4.54 -18.34 17.91
N PHE A 297 4.04 -17.12 17.69
CA PHE A 297 2.69 -16.93 17.18
C PHE A 297 2.49 -17.71 15.90
N TRP A 298 3.30 -17.40 14.90
CA TRP A 298 3.12 -18.00 13.59
C TRP A 298 3.36 -19.52 13.63
N GLN A 299 4.11 -19.99 14.62
CA GLN A 299 4.27 -21.44 14.79
C GLN A 299 2.97 -22.07 15.29
N PHE A 300 2.18 -21.28 16.02
CA PHE A 300 0.89 -21.73 16.52
C PHE A 300 -0.17 -21.68 15.41
N VAL A 301 -0.04 -20.69 14.53
CA VAL A 301 -1.00 -20.54 13.45
C VAL A 301 -0.86 -21.70 12.46
N LYS A 302 0.38 -22.13 12.23
CA LYS A 302 0.62 -23.23 11.30
C LYS A 302 0.24 -24.57 11.91
N GLU A 303 0.47 -24.73 13.21
CA GLU A 303 0.32 -26.02 13.87
C GLU A 303 -1.12 -26.51 13.94
N THR A 304 -2.07 -25.64 14.30
CA THR A 304 -3.40 -26.12 14.72
C THR A 304 -4.47 -26.28 13.64
N ASP A 305 -5.67 -26.65 14.14
CA ASP A 305 -6.88 -26.91 13.36
C ASP A 305 -7.20 -25.74 12.46
N ASN A 306 -8.08 -25.97 11.50
CA ASN A 306 -8.57 -24.87 10.70
C ASN A 306 -9.68 -24.14 11.47
N GLU A 307 -10.32 -24.84 12.40
CA GLU A 307 -11.36 -24.21 13.19
C GLU A 307 -10.73 -23.29 14.21
N VAL A 308 -9.55 -23.63 14.69
CA VAL A 308 -8.88 -22.74 15.64
C VAL A 308 -8.55 -21.43 14.93
N ARG A 309 -8.19 -21.55 13.66
CA ARG A 309 -7.75 -20.41 12.88
C ARG A 309 -8.88 -19.43 12.64
N MET A 310 -10.06 -19.96 12.35
CA MET A 310 -11.26 -19.15 12.20
C MET A 310 -11.67 -18.43 13.48
N ARG A 311 -11.70 -19.18 14.57
CA ARG A 311 -11.92 -18.68 15.91
C ARG A 311 -10.94 -17.58 16.26
N LEU A 312 -9.69 -17.79 15.85
CA LEU A 312 -8.65 -16.80 16.05
C LEU A 312 -8.91 -15.59 15.17
N LEU A 313 -9.53 -15.86 14.04
CA LEU A 313 -9.76 -14.83 13.06
C LEU A 313 -10.97 -14.05 13.55
N GLN A 314 -11.84 -14.77 14.26
CA GLN A 314 -12.97 -14.13 14.91
C GLN A 314 -12.54 -13.29 16.11
N PHE A 315 -11.68 -13.84 16.95
CA PHE A 315 -11.11 -13.08 18.06
C PHE A 315 -10.51 -11.74 17.66
N VAL A 316 -9.77 -11.70 16.56
CA VAL A 316 -9.05 -10.48 16.23
C VAL A 316 -9.82 -9.57 15.29
N THR A 317 -10.70 -10.14 14.46
CA THR A 317 -11.41 -9.33 13.48
C THR A 317 -12.94 -9.28 13.64
N GLY A 318 -13.52 -10.11 14.49
CA GLY A 318 -14.94 -10.07 14.76
C GLY A 318 -15.71 -10.93 13.77
N THR A 319 -14.99 -11.60 12.90
CA THR A 319 -15.63 -12.46 11.91
C THR A 319 -14.64 -13.55 11.42
N CYS A 320 -15.18 -14.64 10.90
CA CYS A 320 -14.34 -15.70 10.37
C CYS A 320 -14.22 -15.59 8.85
N ARG A 321 -14.88 -14.61 8.26
CA ARG A 321 -14.83 -14.50 6.82
C ARG A 321 -13.78 -13.48 6.39
N LEU A 322 -13.34 -13.63 5.14
CA LEU A 322 -12.38 -12.68 4.57
C LEU A 322 -13.01 -11.93 3.40
N PRO A 323 -12.53 -10.71 3.14
CA PRO A 323 -13.00 -9.97 1.97
C PRO A 323 -12.63 -10.64 0.66
N LEU A 324 -13.20 -10.15 -0.45
CA LEU A 324 -12.83 -10.60 -1.76
C LEU A 324 -11.35 -10.22 -1.69
N GLY A 325 -10.49 -11.13 -2.14
CA GLY A 325 -9.08 -10.86 -2.19
C GLY A 325 -8.06 -11.40 -1.21
N GLY A 326 -8.38 -11.33 0.07
CA GLY A 326 -7.50 -11.86 1.10
C GLY A 326 -7.09 -10.82 2.12
N PHE A 327 -5.99 -11.07 2.81
CA PHE A 327 -5.62 -10.26 3.96
C PHE A 327 -5.03 -8.93 3.60
N ALA A 328 -4.78 -8.72 2.32
CA ALA A 328 -4.15 -7.50 1.84
C ALA A 328 -5.13 -6.34 1.79
N GLU A 329 -6.41 -6.64 2.05
CA GLU A 329 -7.49 -5.67 1.91
C GLU A 329 -8.45 -5.71 3.07
N LEU A 330 -7.93 -6.12 4.22
CA LEU A 330 -8.71 -6.18 5.43
C LEU A 330 -9.16 -4.78 5.82
N MET A 331 -10.46 -4.64 6.03
CA MET A 331 -11.04 -3.38 6.45
C MET A 331 -11.27 -3.34 7.97
N GLY A 332 -11.16 -2.14 8.53
CA GLY A 332 -11.51 -1.88 9.91
C GLY A 332 -12.75 -1.01 10.01
N SER A 333 -12.77 -0.11 10.99
CA SER A 333 -13.92 0.76 11.19
C SER A 333 -13.80 2.04 10.39
N ASN A 334 -12.59 2.58 10.33
CA ASN A 334 -12.40 3.93 9.83
C ASN A 334 -11.95 3.91 8.39
N GLY A 335 -11.49 2.74 7.98
CA GLY A 335 -10.98 2.54 6.63
C GLY A 335 -10.22 1.24 6.71
N PRO A 336 -9.49 0.91 5.64
CA PRO A 336 -8.67 -0.31 5.62
C PRO A 336 -7.80 -0.42 6.85
N GLN A 337 -7.52 -1.65 7.27
CA GLN A 337 -6.57 -1.92 8.33
C GLN A 337 -6.19 -3.38 8.29
N LYS A 338 -4.89 -3.65 8.22
CA LYS A 338 -4.40 -5.01 8.12
C LYS A 338 -4.38 -5.67 9.50
N PHE A 339 -4.37 -7.01 9.51
CA PHE A 339 -4.19 -7.78 10.74
C PHE A 339 -2.97 -7.25 11.50
N CYS A 340 -3.13 -6.93 12.77
CA CYS A 340 -2.05 -6.27 13.51
C CYS A 340 -1.80 -6.86 14.89
N ILE A 341 -0.56 -7.24 15.20
CA ILE A 341 -0.25 -7.70 16.54
C ILE A 341 0.58 -6.65 17.28
N GLU A 342 0.08 -6.19 18.41
CA GLU A 342 0.79 -5.21 19.21
C GLU A 342 1.17 -5.80 20.58
N LYS A 343 2.29 -5.35 21.12
CA LYS A 343 2.83 -5.88 22.36
C LYS A 343 2.33 -5.10 23.55
N VAL A 344 1.57 -5.74 24.41
CA VAL A 344 1.05 -5.06 25.60
C VAL A 344 1.60 -5.62 26.90
N GLY A 345 1.24 -4.94 28.00
CA GLY A 345 1.90 -5.12 29.28
C GLY A 345 1.49 -6.21 30.25
N LYS A 346 2.39 -6.49 31.20
CA LYS A 346 2.38 -7.70 32.03
C LYS A 346 2.33 -8.94 31.09
N ASP A 347 2.04 -10.12 31.62
CA ASP A 347 1.84 -11.34 30.83
C ASP A 347 1.04 -12.27 31.72
N THR A 348 0.50 -11.63 32.75
CA THR A 348 -0.42 -12.20 33.72
C THR A 348 -1.82 -11.90 33.24
N TRP A 349 -1.85 -11.40 32.01
CA TRP A 349 -3.07 -11.16 31.32
C TRP A 349 -3.32 -12.27 30.35
N LEU A 350 -4.43 -12.15 29.64
CA LEU A 350 -4.67 -12.95 28.46
C LEU A 350 -4.60 -12.02 27.26
N PRO A 351 -4.49 -12.60 26.07
CA PRO A 351 -4.43 -11.68 24.94
C PRO A 351 -5.78 -11.01 24.73
N ARG A 352 -5.75 -9.82 24.16
CA ARG A 352 -7.00 -9.11 23.92
C ARG A 352 -7.01 -8.61 22.50
N SER A 353 -8.17 -8.08 22.10
CA SER A 353 -8.33 -7.73 20.70
C SER A 353 -9.11 -6.46 20.60
N HIS A 354 -9.07 -5.89 19.39
CA HIS A 354 -9.83 -4.72 19.04
C HIS A 354 -10.30 -4.89 17.62
N THR A 355 -11.46 -5.53 17.45
CA THR A 355 -11.97 -5.95 16.12
C THR A 355 -12.15 -4.82 15.09
N CYS A 356 -12.29 -3.61 15.61
CA CYS A 356 -12.53 -2.44 14.79
C CYS A 356 -11.19 -1.94 14.28
N PHE A 357 -10.12 -2.37 14.94
CA PHE A 357 -8.77 -2.03 14.53
C PHE A 357 -8.06 -3.25 13.99
N ASN A 358 -8.76 -4.40 14.04
CA ASN A 358 -8.19 -5.71 13.70
C ASN A 358 -6.86 -6.02 14.40
N ARG A 359 -6.80 -5.74 15.69
CA ARG A 359 -5.53 -5.79 16.42
C ARG A 359 -5.52 -6.79 17.56
N LEU A 360 -4.53 -7.69 17.55
CA LEU A 360 -4.24 -8.57 18.68
C LEU A 360 -3.26 -7.96 19.68
N ASP A 361 -3.69 -7.74 20.92
CA ASP A 361 -2.76 -7.37 21.97
C ASP A 361 -2.15 -8.62 22.60
N LEU A 362 -0.88 -8.86 22.31
CA LEU A 362 -0.18 -10.05 22.80
C LEU A 362 0.88 -9.70 23.85
N PRO A 363 0.57 -9.95 25.12
CA PRO A 363 1.60 -9.72 26.14
C PRO A 363 2.78 -10.64 25.88
N PRO A 364 4.02 -10.16 26.08
CA PRO A 364 5.18 -11.03 25.86
C PRO A 364 5.18 -12.24 26.81
N TYR A 365 4.90 -13.42 26.26
CA TYR A 365 4.89 -14.62 27.08
C TYR A 365 6.27 -15.24 27.06
N LYS A 366 6.47 -16.19 27.98
CA LYS A 366 7.83 -16.59 28.40
C LYS A 366 8.31 -17.90 27.75
N SER A 367 7.40 -18.58 27.06
CA SER A 367 7.64 -19.92 26.53
C SER A 367 6.65 -20.14 25.41
N TYR A 368 7.08 -20.67 24.28
CA TYR A 368 6.15 -21.04 23.24
C TYR A 368 4.90 -21.72 23.82
N GLU A 369 5.05 -22.63 24.77
CA GLU A 369 3.89 -23.33 25.28
C GLU A 369 2.96 -22.33 25.97
N GLN A 370 3.53 -21.34 26.65
CA GLN A 370 2.74 -20.36 27.39
C GLN A 370 1.90 -19.52 26.44
N LEU A 371 2.53 -18.95 25.42
CA LEU A 371 1.80 -18.25 24.38
C LEU A 371 0.73 -19.16 23.76
N LYS A 372 1.05 -20.43 23.52
CA LYS A 372 0.09 -21.33 22.86
C LYS A 372 -1.12 -21.58 23.76
N GLU A 373 -0.89 -21.81 25.03
CA GLU A 373 -1.99 -22.14 25.92
C GLU A 373 -2.82 -20.90 26.28
N LYS A 374 -2.20 -19.72 26.30
CA LYS A 374 -2.94 -18.52 26.70
C LYS A 374 -3.73 -17.97 25.53
N LEU A 375 -3.09 -17.78 24.38
CA LEU A 375 -3.81 -17.45 23.17
C LEU A 375 -4.98 -18.41 22.98
N LEU A 376 -4.72 -19.70 23.06
CA LEU A 376 -5.77 -20.66 22.80
C LEU A 376 -6.86 -20.57 23.86
N PHE A 377 -6.52 -20.11 25.05
CA PHE A 377 -7.52 -19.99 26.06
C PHE A 377 -8.37 -18.73 25.85
N ALA A 378 -7.75 -17.67 25.35
CA ALA A 378 -8.45 -16.43 25.13
C ALA A 378 -9.43 -16.60 23.97
N ILE A 379 -9.03 -17.33 22.95
CA ILE A 379 -9.81 -17.37 21.75
C ILE A 379 -10.87 -18.46 21.79
N GLU A 380 -10.67 -19.46 22.64
CA GLU A 380 -11.68 -20.51 22.74
C GLU A 380 -12.64 -20.15 23.86
N GLU A 381 -12.12 -19.52 24.89
CA GLU A 381 -12.99 -18.98 25.90
C GLU A 381 -13.54 -17.64 25.59
N THR A 382 -14.30 -17.52 24.52
CA THR A 382 -15.15 -16.35 24.47
C THR A 382 -16.54 -16.83 24.84
N GLU A 383 -16.73 -16.85 26.15
CA GLU A 383 -17.86 -17.48 26.80
C GLU A 383 -18.60 -18.42 25.86
N GLN B 7 -27.85 19.58 -9.25
CA GLN B 7 -27.19 18.29 -9.04
C GLN B 7 -27.73 17.62 -7.77
N ILE B 8 -28.15 16.37 -7.89
CA ILE B 8 -28.61 15.64 -6.71
C ILE B 8 -27.80 14.35 -6.48
N LEU B 9 -27.91 13.84 -5.26
CA LEU B 9 -27.27 12.59 -4.84
C LEU B 9 -28.37 11.60 -4.54
N VAL B 10 -28.46 10.52 -5.32
CA VAL B 10 -29.36 9.44 -4.95
C VAL B 10 -28.56 8.33 -4.26
N LYS B 11 -28.84 8.14 -2.97
CA LYS B 11 -28.02 7.27 -2.11
C LYS B 11 -28.61 5.89 -1.95
N THR B 12 -27.78 4.85 -2.11
CA THR B 12 -28.28 3.51 -1.85
C THR B 12 -27.85 2.94 -0.51
N PHE B 13 -28.48 1.84 -0.10
CA PHE B 13 -28.01 1.17 1.10
C PHE B 13 -26.84 0.21 0.85
N THR B 14 -26.30 0.23 -0.36
CA THR B 14 -25.11 -0.54 -0.64
C THR B 14 -23.91 0.40 -0.62
N TRP B 15 -24.15 1.59 -0.07
CA TRP B 15 -23.20 2.68 -0.01
C TRP B 15 -22.65 3.21 -1.38
N LYS B 16 -23.43 3.11 -2.45
CA LYS B 16 -23.13 3.82 -3.70
C LYS B 16 -23.82 5.17 -3.68
N THR B 17 -23.08 6.26 -3.81
CA THR B 17 -23.75 7.55 -4.04
C THR B 17 -23.77 7.85 -5.54
N ILE B 18 -24.93 7.78 -6.16
CA ILE B 18 -25.05 8.16 -7.58
C ILE B 18 -25.39 9.66 -7.75
N THR B 19 -24.50 10.44 -8.36
CA THR B 19 -24.82 11.84 -8.71
C THR B 19 -25.65 11.94 -9.99
N LEU B 20 -26.69 12.75 -9.97
CA LEU B 20 -27.48 12.96 -11.19
C LEU B 20 -27.55 14.43 -11.60
N GLU B 21 -27.48 14.67 -12.91
CA GLU B 21 -27.65 16.02 -13.46
C GLU B 21 -29.12 16.28 -13.76
N VAL B 22 -29.68 17.30 -13.16
CA VAL B 22 -31.13 17.42 -13.24
C VAL B 22 -31.66 18.88 -13.18
N GLU B 23 -32.87 19.12 -13.70
CA GLU B 23 -33.55 20.44 -13.60
C GLU B 23 -34.76 20.31 -12.68
N PRO B 24 -35.22 21.42 -12.05
CA PRO B 24 -36.38 21.31 -11.14
C PRO B 24 -37.64 20.92 -11.88
N SER B 25 -37.52 20.90 -13.19
CA SER B 25 -38.63 20.66 -14.08
C SER B 25 -38.86 19.17 -14.24
N ASP B 26 -37.83 18.40 -13.91
CA ASP B 26 -37.82 16.98 -14.24
C ASP B 26 -38.84 16.21 -13.40
N THR B 27 -39.48 15.24 -14.01
CA THR B 27 -40.49 14.48 -13.29
C THR B 27 -39.81 13.29 -12.56
N ILE B 28 -40.48 12.73 -11.56
CA ILE B 28 -39.92 11.56 -10.88
C ILE B 28 -39.66 10.44 -11.88
N GLU B 29 -40.51 10.34 -12.90
CA GLU B 29 -40.30 9.36 -13.96
C GLU B 29 -38.99 9.65 -14.72
N ASN B 30 -38.69 10.93 -14.95
CA ASN B 30 -37.48 11.31 -15.67
C ASN B 30 -36.26 10.88 -14.88
N VAL B 31 -36.33 11.06 -13.56
CA VAL B 31 -35.19 10.81 -12.70
C VAL B 31 -34.98 9.32 -12.54
N LYS B 32 -36.08 8.58 -12.52
CA LYS B 32 -35.98 7.14 -12.57
C LYS B 32 -35.31 6.72 -13.87
N ALA B 33 -35.68 7.37 -14.98
CA ALA B 33 -35.05 7.10 -16.28
C ALA B 33 -33.55 7.34 -16.27
N LYS B 34 -33.12 8.42 -15.63
CA LYS B 34 -31.69 8.72 -15.54
C LYS B 34 -30.98 7.69 -14.68
N ILE B 35 -31.75 7.01 -13.84
CA ILE B 35 -31.18 5.98 -12.97
C ILE B 35 -31.04 4.72 -13.82
N GLN B 36 -32.12 4.31 -14.50
CA GLN B 36 -32.04 3.20 -15.46
C GLN B 36 -30.87 3.33 -16.42
N ASP B 37 -30.49 4.57 -16.73
CA ASP B 37 -29.46 4.74 -17.73
C ASP B 37 -28.10 4.68 -17.08
N LYS B 38 -28.02 5.10 -15.82
CA LYS B 38 -26.73 5.19 -15.17
C LYS B 38 -26.46 3.93 -14.33
N GLU B 39 -27.48 3.15 -14.05
CA GLU B 39 -27.30 1.97 -13.22
C GLU B 39 -27.89 0.72 -13.84
N GLY B 40 -28.80 0.88 -14.78
CA GLY B 40 -29.38 -0.24 -15.46
C GLY B 40 -30.68 -0.68 -14.80
N ILE B 41 -31.04 -0.03 -13.71
CA ILE B 41 -32.20 -0.45 -12.93
C ILE B 41 -33.50 0.04 -13.56
N PRO B 42 -34.31 -0.91 -14.04
CA PRO B 42 -35.61 -0.58 -14.64
C PRO B 42 -36.51 0.19 -13.68
N PRO B 43 -37.05 1.31 -14.14
CA PRO B 43 -37.85 2.20 -13.28
C PRO B 43 -39.05 1.52 -12.57
N ASP B 44 -39.60 0.46 -13.15
CA ASP B 44 -40.79 -0.14 -12.57
C ASP B 44 -40.49 -0.85 -11.25
N GLN B 45 -39.20 -1.02 -10.96
CA GLN B 45 -38.83 -1.65 -9.70
C GLN B 45 -38.01 -0.69 -8.82
N GLN B 46 -38.20 0.61 -8.99
CA GLN B 46 -37.45 1.58 -8.19
C GLN B 46 -38.34 2.27 -7.15
N ARG B 47 -37.73 2.73 -6.06
CA ARG B 47 -38.43 3.51 -5.05
C ARG B 47 -37.57 4.68 -4.68
N LEU B 48 -38.06 5.89 -4.90
CA LEU B 48 -37.33 7.06 -4.44
C LEU B 48 -38.01 7.66 -3.22
N ILE B 49 -37.19 8.07 -2.26
CA ILE B 49 -37.73 8.65 -1.05
C ILE B 49 -36.98 9.92 -0.80
N PHE B 50 -37.66 10.91 -0.30
CA PHE B 50 -36.95 12.14 0.03
C PHE B 50 -37.49 12.72 1.30
N ALA B 51 -36.58 13.00 2.23
CA ALA B 51 -36.90 13.56 3.54
C ALA B 51 -38.11 12.88 4.20
N GLY B 52 -38.18 11.55 4.07
CA GLY B 52 -39.27 10.75 4.59
C GLY B 52 -40.55 10.68 3.75
N LYS B 53 -40.52 11.24 2.54
CA LYS B 53 -41.67 11.17 1.62
C LYS B 53 -41.36 10.24 0.47
N GLN B 54 -42.21 9.25 0.24
CA GLN B 54 -42.04 8.43 -0.94
C GLN B 54 -42.57 9.20 -2.15
N LEU B 55 -41.68 9.42 -3.13
CA LEU B 55 -41.94 10.23 -4.33
C LEU B 55 -42.80 9.56 -5.38
N GLU B 56 -44.03 10.02 -5.49
CA GLU B 56 -45.00 9.50 -6.44
C GLU B 56 -44.62 9.90 -7.86
N ASP B 57 -44.74 8.96 -8.80
CA ASP B 57 -44.48 9.28 -10.21
C ASP B 57 -45.51 10.27 -10.74
N GLY B 58 -45.08 11.12 -11.67
CA GLY B 58 -45.97 12.15 -12.16
C GLY B 58 -45.85 13.50 -11.46
N ARG B 59 -45.43 13.53 -10.20
CA ARG B 59 -45.12 14.81 -9.59
C ARG B 59 -43.72 15.22 -10.11
N THR B 60 -43.18 16.33 -9.62
CA THR B 60 -41.88 16.86 -10.07
C THR B 60 -40.98 17.15 -8.88
N LEU B 61 -39.68 17.32 -9.13
CA LEU B 61 -38.75 17.59 -8.05
C LEU B 61 -39.11 18.79 -7.19
N SER B 62 -39.78 19.78 -7.79
CA SER B 62 -40.09 21.02 -7.08
C SER B 62 -41.34 20.93 -6.26
N ASP B 63 -42.28 20.10 -6.68
CA ASP B 63 -43.44 19.79 -5.85
C ASP B 63 -42.96 19.25 -4.51
N TYR B 64 -41.90 18.46 -4.55
CA TYR B 64 -41.31 17.89 -3.34
C TYR B 64 -40.25 18.85 -2.74
N ASN B 65 -39.98 19.95 -3.44
CA ASN B 65 -39.06 20.99 -2.96
C ASN B 65 -37.62 20.51 -2.91
N ILE B 66 -37.23 19.75 -3.93
CA ILE B 66 -35.91 19.13 -3.93
C ILE B 66 -35.04 20.27 -4.45
N LYS B 67 -34.21 20.83 -3.59
CA LYS B 67 -33.28 21.86 -4.04
C LYS B 67 -32.05 21.11 -4.46
N GLY B 69 -28.23 19.59 -4.36
CA GLY B 69 -27.46 18.92 -3.35
C GLY B 69 -28.33 18.04 -2.47
N SER B 70 -29.63 18.00 -2.74
CA SER B 70 -30.53 17.14 -2.01
C SER B 70 -30.12 15.66 -2.15
N SER B 71 -30.30 14.88 -1.08
CA SER B 71 -30.06 13.44 -1.17
C SER B 71 -31.37 12.68 -1.27
N LEU B 72 -31.57 11.99 -2.39
CA LEU B 72 -32.66 11.04 -2.49
C LEU B 72 -32.24 9.69 -1.89
N TYR B 73 -33.15 8.73 -1.84
CA TYR B 73 -32.78 7.38 -1.43
C TYR B 73 -33.40 6.40 -2.39
N LEU B 74 -32.57 5.48 -2.86
CA LEU B 74 -33.03 4.51 -3.82
C LEU B 74 -33.17 3.13 -3.13
N VAL B 75 -34.37 2.53 -3.20
CA VAL B 75 -34.64 1.25 -2.63
C VAL B 75 -35.36 0.45 -3.70
N LEU B 76 -35.17 -0.86 -3.73
CA LEU B 76 -35.80 -1.69 -4.74
C LEU B 76 -37.13 -2.24 -4.25
N ARG B 77 -38.01 -2.55 -5.17
CA ARG B 77 -39.24 -3.21 -4.75
C ARG B 77 -38.97 -4.69 -4.70
N LEU B 78 -39.56 -5.38 -3.73
CA LEU B 78 -39.48 -6.83 -3.66
C LEU B 78 -40.12 -7.48 -4.87
N PRO B 79 -39.36 -8.38 -5.53
CA PRO B 79 -39.69 -9.13 -6.76
C PRO B 79 -41.10 -9.67 -6.77
N GLY B 80 -41.49 -10.26 -5.67
CA GLY B 80 -42.81 -10.85 -5.57
C GLY B 80 -43.98 -9.96 -5.97
N GLN B 81 -43.93 -8.70 -5.56
CA GLN B 81 -45.11 -7.83 -5.57
C GLN B 81 -44.97 -6.70 -6.61
N ALA C 1 -35.60 18.97 16.30
CA ALA C 1 -35.42 19.84 17.45
C ALA C 1 -36.55 19.66 18.49
N ALA C 2 -36.27 19.20 19.73
CA ALA C 2 -34.98 18.69 20.28
C ALA C 2 -33.71 19.55 20.01
N SER C 3 -32.57 18.89 19.89
CA SER C 3 -31.33 19.56 19.50
C SER C 3 -30.94 20.67 20.48
N ARG C 4 -31.30 20.52 21.74
CA ARG C 4 -31.05 21.53 22.76
C ARG C 4 -29.56 21.77 23.04
N ARG C 5 -28.70 20.80 22.71
CA ARG C 5 -27.25 21.08 22.69
C ARG C 5 -26.81 21.88 21.46
N LEU C 6 -27.50 21.69 20.35
CA LEU C 6 -27.15 22.39 19.16
C LEU C 6 -27.48 23.88 19.30
N MET C 7 -28.55 24.22 20.02
CA MET C 7 -28.87 25.61 20.26
C MET C 7 -27.76 26.29 21.09
N LYS C 8 -27.44 25.77 22.25
CA LYS C 8 -26.36 26.32 23.08
C LYS C 8 -25.07 26.50 22.31
N GLU C 9 -24.88 25.69 21.27
CA GLU C 9 -23.64 25.68 20.52
C GLU C 9 -23.65 26.75 19.44
N LEU C 10 -24.84 26.97 18.93
CA LEU C 10 -25.10 28.03 17.98
C LEU C 10 -25.05 29.37 18.68
N GLU C 11 -25.69 29.44 19.84
CA GLU C 11 -25.57 30.62 20.67
C GLU C 11 -24.11 30.92 20.99
N GLU C 12 -23.40 29.99 21.61
CA GLU C 12 -21.98 30.23 21.91
C GLU C 12 -21.05 30.05 20.70
N ILE C 13 -21.56 30.16 19.48
CA ILE C 13 -20.67 30.45 18.37
C ILE C 13 -20.94 31.89 17.92
N ARG C 14 -22.21 32.28 17.85
CA ARG C 14 -22.58 33.62 17.43
C ARG C 14 -22.00 34.69 18.37
N LYS C 15 -21.89 34.39 19.66
CA LYS C 15 -21.44 35.39 20.61
C LYS C 15 -19.98 35.19 21.02
N CYS C 16 -19.35 34.19 20.45
CA CYS C 16 -17.99 33.92 20.85
C CYS C 16 -17.04 34.87 20.15
N GLY C 17 -17.57 35.70 19.27
CA GLY C 17 -16.78 36.71 18.60
C GLY C 17 -16.43 36.33 17.17
N MET C 18 -15.99 35.09 16.98
CA MET C 18 -15.66 34.50 15.68
C MET C 18 -15.14 35.38 14.53
N LYS C 19 -13.94 35.90 14.72
CA LYS C 19 -13.21 36.64 13.69
C LYS C 19 -12.97 35.94 12.33
N ASN C 20 -12.70 34.64 12.35
CA ASN C 20 -12.35 33.91 11.14
C ASN C 20 -13.51 33.10 10.57
N PHE C 21 -14.67 33.26 11.18
CA PHE C 21 -15.83 32.46 10.81
C PHE C 21 -17.08 33.28 10.99
N ARG C 22 -17.82 33.49 9.91
CA ARG C 22 -18.96 34.38 9.96
C ARG C 22 -20.06 34.04 8.99
N ASN C 23 -21.10 34.86 9.05
CA ASN C 23 -22.28 34.73 8.24
C ASN C 23 -22.87 33.33 8.37
N ILE C 24 -23.06 32.93 9.63
CA ILE C 24 -23.46 31.58 9.97
C ILE C 24 -24.97 31.41 9.99
N GLN C 25 -25.61 31.13 8.85
CA GLN C 25 -27.03 30.84 8.91
C GLN C 25 -27.19 29.34 8.93
N VAL C 26 -28.39 28.90 9.32
CA VAL C 26 -28.64 27.56 9.86
C VAL C 26 -30.04 27.03 9.46
N ASP C 27 -30.17 25.72 9.25
CA ASP C 27 -31.49 25.09 9.11
C ASP C 27 -32.22 24.97 10.45
N GLU C 28 -33.16 25.87 10.72
CA GLU C 28 -33.68 26.03 12.08
C GLU C 28 -34.80 25.05 12.46
N ALA C 29 -35.15 24.11 11.57
CA ALA C 29 -36.09 23.05 11.93
C ALA C 29 -35.44 22.02 12.86
N ASN C 30 -34.21 21.63 12.52
CA ASN C 30 -33.28 20.87 13.38
C ASN C 30 -31.89 21.42 13.07
N LEU C 31 -31.16 21.88 14.09
CA LEU C 31 -29.95 22.60 13.77
C LEU C 31 -28.90 21.62 13.27
N LEU C 32 -29.26 20.76 12.31
CA LEU C 32 -28.40 19.65 11.89
C LEU C 32 -27.51 19.98 10.70
N THR C 33 -27.64 21.23 10.24
CA THR C 33 -26.92 21.74 9.07
C THR C 33 -26.60 23.19 9.31
N TRP C 34 -25.32 23.52 9.31
CA TRP C 34 -24.92 24.91 9.39
C TRP C 34 -24.14 25.30 8.14
N GLN C 35 -24.18 26.58 7.75
CA GLN C 35 -23.31 27.10 6.70
C GLN C 35 -22.63 28.32 7.25
N GLY C 36 -21.35 28.50 6.91
CA GLY C 36 -20.61 29.63 7.42
C GLY C 36 -19.53 30.05 6.47
N LEU C 37 -18.75 31.07 6.83
CA LEU C 37 -17.63 31.50 5.97
C LEU C 37 -16.32 31.48 6.71
N ILE C 38 -15.32 30.81 6.14
CA ILE C 38 -13.99 30.89 6.70
C ILE C 38 -13.18 32.01 6.02
N VAL C 39 -12.53 32.82 6.85
CA VAL C 39 -11.81 34.01 6.44
C VAL C 39 -10.35 33.93 6.91
N PRO C 40 -9.54 33.15 6.20
CA PRO C 40 -8.13 32.92 6.56
C PRO C 40 -7.35 34.22 6.74
N ASP C 41 -6.33 34.21 7.60
CA ASP C 41 -5.58 35.42 7.91
C ASP C 41 -4.18 35.40 7.29
N ASN C 42 -3.49 34.29 7.47
CA ASN C 42 -2.19 34.11 6.84
C ASN C 42 -2.37 33.71 5.37
N PRO C 43 -1.40 34.09 4.52
CA PRO C 43 -1.36 33.62 3.14
C PRO C 43 -1.03 32.13 3.11
N PRO C 44 -1.30 31.44 1.98
CA PRO C 44 -1.85 31.91 0.71
C PRO C 44 -3.36 31.83 0.58
N TYR C 45 -4.10 32.29 1.57
CA TYR C 45 -5.57 32.24 1.51
C TYR C 45 -6.15 33.53 2.10
N ASP C 46 -5.28 34.46 2.48
CA ASP C 46 -5.71 35.72 3.07
C ASP C 46 -6.46 36.62 2.08
N LYS C 47 -6.34 36.32 0.79
CA LYS C 47 -7.07 37.07 -0.23
C LYS C 47 -8.34 36.35 -0.64
N GLY C 48 -8.93 35.62 0.31
CA GLY C 48 -10.13 34.85 0.01
C GLY C 48 -11.07 34.58 1.18
N ALA C 49 -12.20 33.96 0.85
CA ALA C 49 -13.11 33.45 1.85
C ALA C 49 -13.79 32.19 1.31
N PHE C 50 -14.30 31.34 2.20
CA PHE C 50 -14.74 30.03 1.79
C PHE C 50 -16.03 29.55 2.46
N ARG C 51 -17.10 29.41 1.67
CA ARG C 51 -18.32 28.76 2.17
C ARG C 51 -18.07 27.28 2.55
N ILE C 52 -18.42 26.94 3.77
CA ILE C 52 -18.46 25.54 4.25
C ILE C 52 -19.85 25.11 4.70
N GLU C 53 -20.09 23.81 4.65
CA GLU C 53 -21.24 23.23 5.30
C GLU C 53 -20.79 22.31 6.43
N ILE C 54 -21.49 22.40 7.55
CA ILE C 54 -21.31 21.50 8.66
C ILE C 54 -22.52 20.62 8.81
N ASN C 55 -22.37 19.32 8.65
CA ASN C 55 -23.52 18.44 8.83
C ASN C 55 -23.44 17.62 10.12
N PHE C 56 -24.35 17.89 11.05
CA PHE C 56 -24.47 17.12 12.30
C PHE C 56 -25.36 15.89 12.12
N PRO C 57 -24.84 14.70 12.47
CA PRO C 57 -25.66 13.48 12.48
C PRO C 57 -26.75 13.56 13.55
N ALA C 58 -27.83 12.80 13.36
CA ALA C 58 -28.99 12.86 14.25
C ALA C 58 -28.61 12.58 15.68
N GLU C 59 -27.60 11.74 15.89
CA GLU C 59 -27.19 11.37 17.25
C GLU C 59 -26.09 12.23 17.84
N TYR C 60 -25.87 13.42 17.27
CA TYR C 60 -24.93 14.36 17.84
C TYR C 60 -25.36 14.58 19.29
N PRO C 61 -24.40 14.72 20.22
CA PRO C 61 -22.94 14.71 20.04
C PRO C 61 -22.28 13.34 20.23
N PHE C 62 -22.94 12.24 19.89
CA PHE C 62 -22.31 10.93 20.02
C PHE C 62 -21.47 10.61 18.82
N LYS C 63 -21.83 11.17 17.68
CA LYS C 63 -20.99 10.99 16.51
C LYS C 63 -20.52 12.37 16.06
N PRO C 64 -19.34 12.44 15.44
CA PRO C 64 -18.90 13.80 15.12
C PRO C 64 -19.68 14.40 13.92
N PRO C 65 -19.60 15.74 13.76
CA PRO C 65 -20.03 16.44 12.56
C PRO C 65 -19.15 16.16 11.34
N LYS C 66 -19.68 16.47 10.16
CA LYS C 66 -18.92 16.41 8.90
C LYS C 66 -18.82 17.79 8.22
N ILE C 67 -17.60 18.21 7.93
CA ILE C 67 -17.40 19.50 7.29
C ILE C 67 -17.08 19.30 5.82
N THR C 68 -17.75 20.06 4.96
CA THR C 68 -17.41 20.03 3.53
C THR C 68 -17.19 21.46 3.01
N PHE C 69 -16.26 21.64 2.08
CA PHE C 69 -16.05 22.98 1.55
C PHE C 69 -16.89 23.21 0.31
N LYS C 70 -17.70 24.26 0.35
CA LYS C 70 -18.61 24.52 -0.74
C LYS C 70 -17.84 25.29 -1.83
N THR C 71 -17.18 26.36 -1.41
CA THR C 71 -16.12 26.98 -2.19
C THR C 71 -14.99 25.98 -2.49
N LYS C 72 -14.52 25.95 -3.74
CA LYS C 72 -13.31 25.20 -4.06
C LYS C 72 -12.11 25.80 -3.32
N ILE C 73 -11.03 25.04 -3.22
CA ILE C 73 -9.86 25.50 -2.48
C ILE C 73 -8.65 24.66 -2.93
N TYR C 74 -7.45 25.15 -2.63
CA TYR C 74 -6.19 24.53 -3.02
C TYR C 74 -5.45 24.21 -1.73
N HIS C 75 -5.68 23.01 -1.22
CA HIS C 75 -5.18 22.60 0.09
C HIS C 75 -4.88 21.11 0.08
N PRO C 76 -3.73 20.72 0.63
CA PRO C 76 -3.29 19.32 0.57
C PRO C 76 -4.19 18.37 1.36
N ASN C 77 -5.02 18.91 2.25
CA ASN C 77 -5.87 18.10 3.12
C ASN C 77 -7.37 18.24 2.83
N ILE C 78 -7.72 18.92 1.75
CA ILE C 78 -9.11 19.10 1.32
C ILE C 78 -9.24 18.58 -0.10
N ASP C 79 -10.06 17.57 -0.35
CA ASP C 79 -10.10 17.09 -1.73
C ASP C 79 -10.95 18.02 -2.59
N GLU C 80 -11.09 17.64 -3.85
CA GLU C 80 -11.75 18.52 -4.78
C GLU C 80 -13.25 18.34 -4.71
N LYS C 81 -13.69 17.40 -3.86
CA LYS C 81 -15.12 17.24 -3.58
C LYS C 81 -15.44 17.95 -2.27
N GLY C 82 -14.43 18.62 -1.73
CA GLY C 82 -14.62 19.53 -0.63
C GLY C 82 -14.48 18.90 0.74
N GLN C 83 -14.30 17.58 0.78
CA GLN C 83 -14.11 16.87 2.05
C GLN C 83 -12.82 17.31 2.72
N VAL C 84 -12.90 17.63 4.00
CA VAL C 84 -11.70 17.95 4.74
C VAL C 84 -11.43 16.89 5.82
N CYS C 85 -10.26 16.26 5.74
CA CYS C 85 -9.81 15.36 6.79
C CYS C 85 -9.33 16.19 7.97
N LEU C 86 -10.28 16.55 8.83
CA LEU C 86 -9.99 17.31 10.03
C LEU C 86 -9.98 16.37 11.24
N PRO C 87 -8.81 16.22 11.87
CA PRO C 87 -8.54 15.12 12.83
C PRO C 87 -9.43 15.13 14.08
N VAL C 88 -9.71 16.33 14.61
CA VAL C 88 -10.49 16.49 15.85
C VAL C 88 -11.90 15.93 15.72
N ILE C 89 -12.38 15.80 14.48
CA ILE C 89 -13.71 15.28 14.23
C ILE C 89 -13.62 13.99 13.45
N SER C 90 -12.46 13.33 13.50
CA SER C 90 -12.34 12.04 12.85
C SER C 90 -13.03 11.00 13.72
N ALA C 91 -13.36 9.86 13.11
CA ALA C 91 -14.13 8.83 13.80
C ALA C 91 -13.32 8.20 14.95
N GLU C 92 -12.04 8.56 15.03
CA GLU C 92 -11.13 7.99 16.01
C GLU C 92 -10.78 8.95 17.16
N ASN C 93 -11.01 10.24 17.00
CA ASN C 93 -10.73 11.15 18.11
C ASN C 93 -11.95 11.89 18.64
N TRP C 94 -13.09 11.73 17.98
CA TRP C 94 -14.29 12.39 18.45
C TRP C 94 -14.65 12.07 19.91
N LYS C 95 -14.66 13.10 20.74
CA LYS C 95 -15.27 13.06 22.05
C LYS C 95 -16.60 13.84 22.06
N PRO C 96 -17.54 13.41 22.90
CA PRO C 96 -18.79 14.13 23.18
C PRO C 96 -18.60 15.55 23.71
N ALA C 97 -17.54 15.80 24.47
CA ALA C 97 -17.33 17.11 25.08
C ALA C 97 -16.79 18.16 24.07
N THR C 98 -16.59 17.76 22.82
CA THR C 98 -16.02 18.67 21.85
C THR C 98 -17.06 19.57 21.23
N LYS C 99 -16.88 20.87 21.44
CA LYS C 99 -17.81 21.90 20.94
C LYS C 99 -17.51 22.36 19.49
N THR C 100 -18.52 22.85 18.78
CA THR C 100 -18.32 23.23 17.37
C THR C 100 -17.33 24.39 17.19
N ASP C 101 -17.28 25.36 18.11
CA ASP C 101 -16.29 26.42 18.00
C ASP C 101 -14.84 25.94 18.08
N GLN C 102 -14.58 24.84 18.79
CA GLN C 102 -13.24 24.23 18.81
C GLN C 102 -12.95 23.54 17.47
N VAL C 103 -14.02 23.09 16.82
CA VAL C 103 -13.90 22.37 15.56
C VAL C 103 -13.37 23.35 14.52
N ILE C 104 -14.11 24.45 14.38
CA ILE C 104 -13.79 25.53 13.47
C ILE C 104 -12.38 26.01 13.72
N GLN C 105 -12.09 26.31 14.97
CA GLN C 105 -10.76 26.77 15.38
C GLN C 105 -9.67 25.85 14.82
N SER C 106 -9.88 24.54 14.89
CA SER C 106 -8.89 23.60 14.37
C SER C 106 -8.96 23.49 12.85
N LEU C 107 -10.08 23.92 12.26
CA LEU C 107 -10.19 23.96 10.80
C LEU C 107 -9.37 25.15 10.29
N ILE C 108 -9.59 26.29 10.92
CA ILE C 108 -8.76 27.46 10.65
C ILE C 108 -7.27 27.12 10.74
N ALA C 109 -6.88 26.61 11.90
CA ALA C 109 -5.51 26.19 12.19
C ALA C 109 -4.94 25.35 11.06
N LEU C 110 -5.82 24.59 10.41
CA LEU C 110 -5.46 23.71 9.30
C LEU C 110 -5.33 24.49 7.99
N VAL C 111 -6.12 25.55 7.86
CA VAL C 111 -6.05 26.38 6.68
C VAL C 111 -4.76 27.19 6.75
N ASN C 112 -4.60 27.95 7.84
CA ASN C 112 -3.42 28.79 8.06
C ASN C 112 -2.09 28.09 7.78
N ASP C 113 -1.91 26.89 8.36
CA ASP C 113 -0.78 26.06 7.97
C ASP C 113 -1.11 24.57 7.98
N PRO C 114 -1.17 23.98 6.78
CA PRO C 114 -1.48 22.58 6.52
C PRO C 114 -0.52 21.62 7.21
N GLN C 115 -0.85 20.32 7.16
CA GLN C 115 0.04 19.25 7.58
C GLN C 115 0.01 18.15 6.52
N PRO C 116 1.09 18.06 5.72
CA PRO C 116 1.20 17.18 4.56
C PRO C 116 1.79 15.76 4.81
N GLU C 117 2.13 15.43 6.06
CA GLU C 117 2.56 14.07 6.41
C GLU C 117 1.38 13.09 6.28
N HIS C 118 0.17 13.65 6.27
CA HIS C 118 -1.06 12.89 6.01
C HIS C 118 -1.98 13.77 5.15
N PRO C 119 -2.08 13.48 3.85
CA PRO C 119 -2.84 14.34 2.94
C PRO C 119 -3.97 13.66 2.15
N LEU C 120 -5.01 14.42 1.82
CA LEU C 120 -6.05 13.96 0.90
C LEU C 120 -5.60 14.12 -0.54
N ARG C 121 -4.70 15.07 -0.77
CA ARG C 121 -4.13 15.28 -2.09
C ARG C 121 -2.61 15.25 -2.01
N ALA C 122 -2.02 14.18 -2.53
CA ALA C 122 -0.60 13.95 -2.40
C ALA C 122 0.21 15.01 -3.16
N ASP C 123 -0.14 15.16 -4.42
CA ASP C 123 0.39 16.28 -5.11
C ASP C 123 -0.06 17.12 -3.97
N LEU C 124 0.50 18.31 -3.88
CA LEU C 124 0.05 19.35 -2.99
C LEU C 124 0.83 19.01 -1.78
N ALA C 125 0.60 17.82 -1.25
CA ALA C 125 1.32 17.47 -0.04
C ALA C 125 2.80 17.69 -0.27
N GLU C 126 3.31 17.06 -1.32
CA GLU C 126 4.72 17.19 -1.65
C GLU C 126 5.05 18.58 -2.18
N GLU C 127 4.09 19.22 -2.86
CA GLU C 127 4.32 20.58 -3.34
C GLU C 127 4.35 21.56 -2.17
N TYR C 128 3.88 21.14 -1.00
CA TYR C 128 4.06 21.94 0.21
C TYR C 128 5.36 21.55 0.87
N SER C 129 5.56 20.26 1.10
CA SER C 129 6.78 19.75 1.78
C SER C 129 8.04 20.22 1.07
N LYS C 130 8.12 19.97 -0.23
CA LYS C 130 9.12 20.58 -1.10
C LYS C 130 8.48 21.80 -1.72
N ASP C 131 9.27 22.85 -1.99
CA ASP C 131 8.79 23.99 -2.76
C ASP C 131 7.61 24.73 -2.10
N ARG C 132 7.81 25.19 -0.87
CA ARG C 132 6.76 25.85 -0.09
C ARG C 132 6.18 27.04 -0.86
N LYS C 133 6.93 27.58 -1.82
CA LYS C 133 6.49 28.77 -2.52
C LYS C 133 5.86 28.58 -3.90
N LYS C 134 6.15 27.47 -4.57
CA LYS C 134 5.44 27.16 -5.80
C LYS C 134 4.00 26.81 -5.44
N PHE C 135 3.82 26.33 -4.21
CA PHE C 135 2.49 26.04 -3.68
C PHE C 135 1.67 27.30 -3.55
N CYS C 136 2.24 28.29 -2.90
CA CYS C 136 1.49 29.46 -2.52
C CYS C 136 0.97 30.26 -3.71
N LYS C 137 1.74 30.34 -4.76
CA LYS C 137 1.33 31.21 -5.86
C LYS C 137 0.14 30.55 -6.54
N ASN C 138 0.15 29.22 -6.59
CA ASN C 138 -0.95 28.47 -7.16
C ASN C 138 -2.17 28.50 -6.27
N ALA C 139 -1.94 28.47 -4.97
CA ALA C 139 -3.01 28.58 -3.99
C ALA C 139 -3.66 29.93 -4.16
N GLU C 140 -2.85 30.93 -4.48
CA GLU C 140 -3.36 32.29 -4.59
C GLU C 140 -4.22 32.54 -5.81
N GLU C 141 -3.88 31.98 -6.97
CA GLU C 141 -4.75 32.22 -8.11
C GLU C 141 -5.97 31.32 -8.01
N PHE C 142 -5.87 30.25 -7.24
CA PHE C 142 -7.05 29.45 -6.96
C PHE C 142 -7.99 30.22 -6.04
N THR C 143 -7.46 30.79 -4.95
CA THR C 143 -8.32 31.55 -4.06
C THR C 143 -8.80 32.82 -4.74
N LYS C 144 -7.94 33.43 -5.57
CA LYS C 144 -8.27 34.65 -6.33
C LYS C 144 -9.46 34.45 -7.25
N LYS C 145 -9.41 33.36 -8.00
CA LYS C 145 -10.46 33.07 -8.95
C LYS C 145 -11.68 32.44 -8.33
N TYR C 146 -11.46 31.45 -7.46
CA TYR C 146 -12.57 30.61 -6.99
C TYR C 146 -13.11 30.99 -5.61
N GLY C 147 -12.26 31.54 -4.74
CA GLY C 147 -12.66 31.88 -3.40
C GLY C 147 -13.64 33.05 -3.32
N GLU C 148 -14.08 33.42 -2.13
CA GLU C 148 -15.00 34.55 -2.04
C GLU C 148 -14.42 35.75 -1.30
N LYS C 149 -15.30 36.75 -1.12
CA LYS C 149 -15.00 38.01 -0.46
C LYS C 149 -15.76 37.97 0.89
N ARG C 150 -15.62 38.90 1.84
CA ARG C 150 -14.99 40.21 1.73
C ARG C 150 -13.49 40.10 1.37
N PRO C 151 -12.69 39.21 2.00
CA PRO C 151 -12.64 38.71 3.39
C PRO C 151 -12.56 40.00 4.27
N ARG D 11 -30.08 -34.66 -29.31
CA ARG D 11 -28.71 -35.07 -29.62
C ARG D 11 -27.72 -33.93 -29.47
N GLY D 12 -27.91 -33.13 -28.43
CA GLY D 12 -27.05 -32.00 -28.13
C GLY D 12 -26.33 -32.21 -26.82
N PHE D 13 -26.08 -31.15 -26.07
CA PHE D 13 -25.20 -31.26 -24.92
C PHE D 13 -25.76 -32.14 -23.81
N ARG D 14 -27.05 -31.94 -23.52
CA ARG D 14 -27.69 -32.62 -22.42
C ARG D 14 -27.63 -34.09 -22.58
N TRP D 15 -27.76 -34.57 -23.81
CA TRP D 15 -27.57 -35.99 -24.07
C TRP D 15 -26.10 -36.37 -23.88
N LYS D 16 -25.18 -35.59 -24.46
CA LYS D 16 -23.75 -35.85 -24.35
C LYS D 16 -23.29 -35.99 -22.91
N LEU D 17 -23.83 -35.11 -22.07
CA LEU D 17 -23.59 -35.13 -20.65
C LEU D 17 -24.05 -36.44 -20.06
N ALA D 18 -25.26 -36.84 -20.42
CA ALA D 18 -25.88 -37.99 -19.81
C ALA D 18 -25.06 -39.20 -20.17
N HIS D 19 -24.82 -39.34 -21.46
CA HIS D 19 -24.00 -40.42 -21.96
C HIS D 19 -22.59 -40.48 -21.30
N PHE D 20 -21.94 -39.34 -21.16
CA PHE D 20 -20.62 -39.34 -20.55
C PHE D 20 -20.75 -39.72 -19.08
N ARG D 21 -21.83 -39.24 -18.49
CA ARG D 21 -22.00 -39.40 -17.07
C ARG D 21 -22.44 -40.86 -16.86
N TYR D 22 -23.04 -41.47 -17.86
CA TYR D 22 -23.43 -42.88 -17.71
C TYR D 22 -22.18 -43.74 -17.88
N LEU D 23 -21.37 -43.43 -18.89
CA LEU D 23 -20.09 -44.11 -19.08
C LEU D 23 -19.20 -44.10 -17.83
N CYS D 24 -19.21 -42.99 -17.08
CA CYS D 24 -18.37 -42.90 -15.90
C CYS D 24 -18.96 -43.78 -14.84
N GLN D 25 -20.26 -43.63 -14.65
CA GLN D 25 -20.93 -44.40 -13.63
C GLN D 25 -20.70 -45.90 -13.90
N SER D 26 -20.86 -46.33 -15.14
CA SER D 26 -20.91 -47.75 -15.39
C SER D 26 -19.50 -48.35 -15.39
N ASN D 27 -18.48 -47.51 -15.40
CA ASN D 27 -17.11 -47.98 -15.28
C ASN D 27 -16.54 -47.64 -13.93
N ALA D 28 -17.41 -47.34 -12.99
CA ALA D 28 -16.94 -46.96 -11.66
C ALA D 28 -16.68 -48.24 -10.90
N LEU D 29 -15.73 -48.18 -9.97
CA LEU D 29 -15.23 -49.38 -9.33
C LEU D 29 -15.71 -49.42 -7.91
N PRO D 30 -16.00 -50.63 -7.40
CA PRO D 30 -16.45 -50.68 -6.01
C PRO D 30 -15.39 -50.21 -5.00
N SER D 31 -15.83 -50.13 -3.76
CA SER D 31 -14.99 -49.71 -2.66
C SER D 31 -14.53 -48.26 -2.78
N HIS D 32 -13.30 -48.01 -2.37
CA HIS D 32 -12.84 -46.65 -2.21
C HIS D 32 -11.32 -46.52 -2.08
N VAL D 33 -10.82 -45.36 -2.47
CA VAL D 33 -9.41 -45.05 -2.45
C VAL D 33 -9.27 -43.90 -1.44
N LYS D 34 -8.23 -43.86 -0.61
CA LYS D 34 -8.29 -42.85 0.41
C LYS D 34 -7.22 -41.79 0.20
N ILE D 35 -7.65 -40.54 0.09
CA ILE D 35 -6.75 -39.41 -0.07
C ILE D 35 -6.53 -38.75 1.28
N ASN D 36 -5.35 -38.96 1.83
CA ASN D 36 -5.06 -38.46 3.17
C ASN D 36 -4.11 -37.24 3.14
N VAL D 37 -4.59 -36.10 3.63
CA VAL D 37 -3.89 -34.83 3.42
C VAL D 37 -4.04 -33.86 4.58
N SER D 38 -3.28 -32.79 4.54
CA SER D 38 -3.48 -31.73 5.50
C SER D 38 -3.52 -30.41 4.74
N ARG D 39 -4.18 -29.39 5.27
CA ARG D 39 -4.35 -28.15 4.51
C ARG D 39 -3.04 -27.53 4.13
N GLN D 40 -2.10 -27.51 5.08
CA GLN D 40 -0.81 -26.87 4.86
C GLN D 40 0.19 -27.76 4.14
N THR D 41 -0.20 -28.99 3.81
CA THR D 41 0.65 -29.84 2.98
C THR D 41 -0.17 -30.48 1.88
N LEU D 42 -1.21 -29.75 1.47
CA LEU D 42 -2.15 -30.26 0.50
C LEU D 42 -1.55 -30.76 -0.84
N PHE D 43 -0.63 -29.99 -1.43
CA PHE D 43 -0.05 -30.29 -2.75
C PHE D 43 0.81 -31.57 -2.70
N GLU D 44 1.84 -31.58 -1.84
CA GLU D 44 2.65 -32.80 -1.62
C GLU D 44 1.82 -34.00 -1.24
N ASP D 45 1.01 -33.91 -0.19
CA ASP D 45 0.30 -35.11 0.27
C ASP D 45 -0.53 -35.64 -0.89
N SER D 46 -1.23 -34.76 -1.59
CA SER D 46 -2.04 -35.17 -2.74
C SER D 46 -1.19 -35.86 -3.83
N PHE D 47 -0.11 -35.19 -4.24
CA PHE D 47 0.82 -35.75 -5.22
C PHE D 47 1.31 -37.14 -4.81
N GLN D 48 1.74 -37.26 -3.57
CA GLN D 48 2.29 -38.54 -3.15
C GLN D 48 1.20 -39.62 -3.08
N GLN D 49 -0.02 -39.20 -2.75
CA GLN D 49 -1.16 -40.09 -2.59
C GLN D 49 -1.72 -40.62 -3.89
N ILE D 50 -1.99 -39.69 -4.79
CA ILE D 50 -2.60 -39.97 -6.08
C ILE D 50 -1.65 -40.80 -6.93
N MET D 51 -0.35 -40.49 -6.83
CA MET D 51 0.62 -41.18 -7.68
C MET D 51 0.97 -42.55 -7.11
N ALA D 52 0.58 -42.82 -5.86
CA ALA D 52 0.83 -44.13 -5.28
C ALA D 52 -0.26 -45.12 -5.68
N LEU D 53 -1.27 -44.61 -6.37
CA LEU D 53 -2.43 -45.42 -6.73
C LEU D 53 -2.37 -45.89 -8.16
N LYS D 54 -3.07 -46.96 -8.50
CA LYS D 54 -3.14 -47.38 -9.88
C LYS D 54 -4.17 -46.51 -10.53
N PRO D 55 -3.93 -46.11 -11.76
CA PRO D 55 -4.92 -45.24 -12.39
C PRO D 55 -6.38 -45.67 -12.21
N TYR D 56 -6.74 -46.94 -12.42
CA TYR D 56 -8.15 -47.31 -12.31
C TYR D 56 -8.71 -47.20 -10.90
N ASP D 57 -7.86 -47.09 -9.89
CA ASP D 57 -8.34 -46.99 -8.53
C ASP D 57 -8.96 -45.62 -8.25
N LEU D 58 -8.68 -44.67 -9.12
CA LEU D 58 -9.24 -43.32 -9.06
C LEU D 58 -10.67 -43.30 -9.57
N ARG D 59 -11.11 -44.42 -10.13
CA ARG D 59 -12.53 -44.56 -10.43
C ARG D 59 -13.37 -45.11 -9.28
N ARG D 60 -12.80 -45.34 -8.11
CA ARG D 60 -13.60 -45.89 -6.97
C ARG D 60 -14.24 -44.70 -6.27
N ARG D 61 -14.95 -44.94 -5.16
CA ARG D 61 -15.49 -43.84 -4.38
C ARG D 61 -14.29 -43.19 -3.70
N LEU D 62 -14.43 -41.92 -3.37
CA LEU D 62 -13.29 -41.06 -3.12
C LEU D 62 -13.39 -40.63 -1.69
N TYR D 63 -12.34 -40.81 -0.94
CA TYR D 63 -12.47 -40.66 0.50
C TYR D 63 -11.36 -39.82 1.05
N VAL D 64 -11.67 -38.55 1.17
CA VAL D 64 -10.67 -37.56 1.47
C VAL D 64 -10.60 -37.47 2.98
N ILE D 65 -9.41 -37.35 3.55
CA ILE D 65 -9.27 -37.08 4.95
C ILE D 65 -8.42 -35.85 5.13
N PHE D 66 -8.99 -34.79 5.68
CA PHE D 66 -8.19 -33.65 6.07
C PHE D 66 -7.71 -33.81 7.48
N ARG D 67 -6.40 -34.03 7.64
CA ARG D 67 -5.78 -34.23 8.94
C ARG D 67 -5.85 -32.95 9.76
N GLY D 68 -5.99 -33.07 11.08
CA GLY D 68 -6.51 -34.27 11.72
C GLY D 68 -7.95 -34.67 11.39
N GLU D 69 -8.84 -33.74 11.00
CA GLU D 69 -8.73 -32.28 11.02
C GLU D 69 -8.88 -31.57 12.37
N GLU D 70 -9.87 -31.92 13.21
CA GLU D 70 -10.58 -33.21 13.29
C GLU D 70 -11.43 -33.69 12.11
N GLY D 71 -11.44 -35.01 11.94
CA GLY D 71 -12.47 -35.67 11.18
C GLY D 71 -13.74 -35.73 12.01
N LEU D 72 -13.71 -35.12 13.19
CA LEU D 72 -14.88 -34.95 14.04
C LEU D 72 -15.67 -33.75 13.51
N ASP D 73 -15.25 -33.30 12.32
CA ASP D 73 -15.67 -32.02 11.78
C ASP D 73 -16.17 -32.14 10.33
N TYR D 74 -16.03 -33.33 9.76
CA TYR D 74 -16.53 -33.58 8.41
C TYR D 74 -17.99 -33.19 8.32
N GLY D 75 -18.31 -32.36 7.33
CA GLY D 75 -19.69 -32.05 7.01
C GLY D 75 -20.64 -33.25 6.91
N GLY D 76 -20.38 -34.16 5.99
CA GLY D 76 -19.11 -34.21 5.31
C GLY D 76 -19.06 -34.48 3.84
N LEU D 77 -18.63 -33.50 3.05
CA LEU D 77 -18.21 -33.84 1.70
C LEU D 77 -17.03 -33.00 1.11
N ALA D 78 -15.88 -33.67 0.94
CA ALA D 78 -14.70 -33.05 0.36
C ALA D 78 -14.67 -33.19 -1.17
N ARG D 79 -15.38 -32.24 -1.79
CA ARG D 79 -15.19 -31.75 -3.14
C ARG D 79 -14.44 -30.44 -2.94
N GLU D 80 -14.31 -30.11 -1.66
CA GLU D 80 -13.40 -29.06 -1.22
C GLU D 80 -11.98 -29.36 -1.68
N TRP D 81 -11.58 -30.63 -1.63
CA TRP D 81 -10.26 -31.09 -2.06
C TRP D 81 -9.97 -30.70 -3.51
N PHE D 82 -10.85 -31.02 -4.44
CA PHE D 82 -10.66 -30.64 -5.84
C PHE D 82 -10.50 -29.14 -6.07
N PHE D 83 -11.12 -28.36 -5.21
CA PHE D 83 -11.09 -26.92 -5.29
C PHE D 83 -9.73 -26.42 -4.82
N LEU D 84 -9.37 -26.76 -3.60
CA LEU D 84 -8.11 -26.33 -3.03
C LEU D 84 -6.88 -26.86 -3.76
N LEU D 85 -6.97 -28.06 -4.31
CA LEU D 85 -5.82 -28.68 -4.91
C LEU D 85 -5.69 -28.12 -6.32
N SER D 86 -6.82 -27.88 -6.97
CA SER D 86 -6.77 -27.19 -8.27
C SER D 86 -6.27 -25.76 -8.11
N HIS D 87 -6.57 -25.10 -7.00
CA HIS D 87 -5.99 -23.78 -6.81
C HIS D 87 -4.48 -23.89 -6.56
N GLU D 88 -3.99 -25.07 -6.18
CA GLU D 88 -2.58 -25.22 -5.87
C GLU D 88 -1.69 -25.68 -7.05
N VAL D 89 -2.04 -26.78 -7.71
CA VAL D 89 -1.19 -27.28 -8.79
C VAL D 89 -1.21 -26.33 -10.00
N LEU D 90 -2.29 -25.59 -10.16
CA LEU D 90 -2.44 -24.70 -11.31
C LEU D 90 -1.98 -23.29 -11.01
N ASN D 91 -1.40 -23.10 -9.83
CA ASN D 91 -0.89 -21.81 -9.43
C ASN D 91 0.32 -21.45 -10.28
N PRO D 92 0.22 -20.39 -11.09
CA PRO D 92 1.34 -19.99 -11.95
C PRO D 92 2.70 -19.80 -11.24
N MET D 93 2.71 -19.59 -9.94
CA MET D 93 3.98 -19.51 -9.21
C MET D 93 4.76 -20.82 -9.20
N TYR D 94 4.16 -21.93 -9.57
CA TYR D 94 4.90 -23.17 -9.43
C TYR D 94 5.59 -23.53 -10.73
N CYS D 95 5.29 -22.74 -11.75
CA CYS D 95 5.98 -22.86 -13.02
C CYS D 95 5.63 -24.16 -13.69
N LEU D 96 4.36 -24.53 -13.59
CA LEU D 96 3.85 -25.65 -14.37
C LEU D 96 2.86 -25.16 -15.42
N PHE D 97 1.79 -24.50 -14.99
CA PHE D 97 0.85 -23.85 -15.88
C PHE D 97 1.00 -22.34 -15.72
N GLU D 98 0.72 -21.60 -16.79
CA GLU D 98 0.83 -20.14 -16.72
C GLU D 98 -0.43 -19.50 -17.29
N TYR D 99 -0.60 -18.21 -17.08
CA TYR D 99 -1.69 -17.52 -17.75
C TYR D 99 -1.34 -17.39 -19.23
N ALA D 100 -2.34 -17.41 -20.10
CA ALA D 100 -2.11 -17.22 -21.53
C ALA D 100 -1.50 -15.84 -21.86
N GLY D 101 -2.03 -14.80 -21.22
CA GLY D 101 -1.50 -13.45 -21.36
C GLY D 101 -1.89 -12.56 -20.19
N LYS D 102 -1.60 -11.26 -20.29
CA LYS D 102 -1.89 -10.29 -19.21
C LYS D 102 -3.37 -10.33 -18.79
N ASN D 103 -4.25 -10.10 -19.75
CA ASN D 103 -5.68 -9.94 -19.50
C ASN D 103 -6.42 -11.17 -19.00
N ASN D 104 -6.41 -12.24 -19.80
CA ASN D 104 -7.19 -13.43 -19.47
C ASN D 104 -6.48 -14.37 -18.52
N TYR D 105 -7.25 -14.95 -17.61
CA TYR D 105 -6.73 -15.90 -16.66
C TYR D 105 -7.32 -17.26 -16.96
N CYS D 106 -6.94 -17.79 -18.12
CA CYS D 106 -7.07 -19.23 -18.33
C CYS D 106 -5.66 -19.76 -18.53
N LEU D 107 -5.51 -21.06 -18.35
CA LEU D 107 -4.19 -21.63 -18.18
C LEU D 107 -3.73 -22.38 -19.40
N GLN D 108 -2.41 -22.44 -19.52
CA GLN D 108 -1.73 -23.27 -20.49
C GLN D 108 -0.40 -23.67 -19.89
N ILE D 109 0.23 -24.67 -20.49
CA ILE D 109 1.49 -25.14 -19.99
C ILE D 109 2.56 -24.09 -20.20
N ASN D 110 3.38 -23.90 -19.16
CA ASN D 110 4.47 -22.96 -19.18
C ASN D 110 5.71 -23.61 -19.83
N PRO D 111 6.30 -22.95 -20.84
CA PRO D 111 7.49 -23.62 -21.37
C PRO D 111 8.67 -23.50 -20.43
N ALA D 112 8.53 -22.75 -19.34
CA ALA D 112 9.62 -22.65 -18.36
C ALA D 112 9.56 -23.77 -17.31
N SER D 113 8.75 -24.79 -17.57
CA SER D 113 8.33 -25.73 -16.53
C SER D 113 9.38 -26.80 -16.26
N THR D 114 10.36 -26.85 -17.14
CA THR D 114 11.48 -27.78 -17.04
C THR D 114 12.43 -27.39 -15.93
N ILE D 115 12.25 -26.20 -15.39
CA ILE D 115 13.04 -25.81 -14.25
C ILE D 115 12.69 -26.66 -13.03
N ASN D 116 11.61 -27.42 -13.14
CA ASN D 116 11.18 -28.31 -12.07
C ASN D 116 11.79 -29.67 -12.42
N PRO D 117 12.64 -30.20 -11.50
CA PRO D 117 13.26 -31.52 -11.50
C PRO D 117 12.47 -32.70 -12.05
N ASP D 118 11.24 -32.89 -11.63
CA ASP D 118 10.50 -33.98 -12.20
C ASP D 118 9.27 -33.52 -12.90
N HIS D 119 9.35 -32.37 -13.53
CA HIS D 119 8.15 -31.74 -14.04
C HIS D 119 7.19 -32.61 -14.82
N LEU D 120 7.69 -33.59 -15.57
CA LEU D 120 6.80 -34.43 -16.36
C LEU D 120 5.93 -35.29 -15.45
N SER D 121 6.47 -35.69 -14.29
CA SER D 121 5.65 -36.43 -13.35
C SER D 121 4.52 -35.56 -12.81
N TYR D 122 4.79 -34.30 -12.55
CA TYR D 122 3.72 -33.41 -12.11
C TYR D 122 2.67 -33.17 -13.19
N PHE D 123 3.05 -33.21 -14.47
CA PHE D 123 2.04 -33.06 -15.50
C PHE D 123 1.23 -34.33 -15.65
N CYS D 124 1.88 -35.48 -15.52
CA CYS D 124 1.16 -36.73 -15.42
C CYS D 124 0.21 -36.85 -14.21
N PHE D 125 0.59 -36.22 -13.11
CA PHE D 125 -0.25 -36.06 -11.92
C PHE D 125 -1.50 -35.27 -12.29
N ILE D 126 -1.25 -34.08 -12.84
CA ILE D 126 -2.26 -33.07 -13.03
C ILE D 126 -3.25 -33.57 -14.04
N GLY D 127 -2.76 -34.32 -15.00
CA GLY D 127 -3.66 -34.90 -15.99
C GLY D 127 -4.58 -35.95 -15.40
N ARG D 128 -4.03 -36.85 -14.59
CA ARG D 128 -4.87 -37.78 -13.83
C ARG D 128 -5.86 -37.03 -12.92
N PHE D 129 -5.39 -35.93 -12.34
CA PHE D 129 -6.24 -35.20 -11.42
C PHE D 129 -7.45 -34.53 -12.10
N ILE D 130 -7.21 -33.79 -13.17
CA ILE D 130 -8.29 -33.25 -13.98
C ILE D 130 -9.23 -34.36 -14.44
N ALA D 131 -8.70 -35.48 -14.90
CA ALA D 131 -9.60 -36.59 -15.30
C ALA D 131 -10.45 -37.10 -14.12
N MET D 132 -9.82 -37.13 -12.94
CA MET D 132 -10.55 -37.48 -11.74
C MET D 132 -11.73 -36.56 -11.56
N ALA D 133 -11.50 -35.26 -11.74
CA ALA D 133 -12.59 -34.31 -11.60
C ALA D 133 -13.75 -34.66 -12.54
N LEU D 134 -13.49 -34.75 -13.86
CA LEU D 134 -14.56 -35.06 -14.82
C LEU D 134 -15.30 -36.33 -14.43
N PHE D 135 -14.54 -37.40 -14.15
CA PHE D 135 -15.09 -38.75 -13.94
C PHE D 135 -16.09 -38.71 -12.80
N HIS D 136 -15.68 -38.02 -11.76
CA HIS D 136 -16.47 -37.89 -10.55
C HIS D 136 -17.41 -36.72 -10.58
N GLY D 137 -17.49 -36.02 -11.71
CA GLY D 137 -18.44 -34.93 -11.88
C GLY D 137 -18.26 -33.84 -10.85
N LYS D 138 -17.02 -33.66 -10.39
CA LYS D 138 -16.68 -32.47 -9.63
C LYS D 138 -16.14 -31.35 -10.57
N PHE D 139 -16.14 -30.10 -10.12
CA PHE D 139 -15.66 -29.03 -11.02
C PHE D 139 -14.46 -28.38 -10.39
N ILE D 140 -13.64 -27.73 -11.22
CA ILE D 140 -12.42 -27.11 -10.72
C ILE D 140 -12.43 -25.60 -10.88
N ASP D 141 -11.85 -24.95 -9.89
CA ASP D 141 -11.73 -23.50 -9.86
C ASP D 141 -10.61 -22.86 -10.64
N THR D 142 -10.99 -22.30 -11.77
CA THR D 142 -10.12 -21.88 -12.87
C THR D 142 -9.73 -23.09 -13.75
N GLY D 143 -9.81 -22.86 -15.06
CA GLY D 143 -9.69 -23.88 -16.11
C GLY D 143 -8.69 -23.44 -17.17
N PHE D 144 -8.65 -24.18 -18.26
CA PHE D 144 -7.63 -24.01 -19.29
C PHE D 144 -8.21 -23.23 -20.43
N SER D 145 -7.37 -22.90 -21.39
CA SER D 145 -7.76 -22.15 -22.59
C SER D 145 -8.42 -23.06 -23.60
N LEU D 146 -9.03 -22.46 -24.60
CA LEU D 146 -9.80 -23.25 -25.54
C LEU D 146 -8.89 -24.08 -26.45
N PRO D 147 -7.75 -23.52 -26.89
CA PRO D 147 -6.83 -24.41 -27.63
C PRO D 147 -6.38 -25.63 -26.80
N PHE D 148 -6.18 -25.43 -25.50
CA PHE D 148 -5.82 -26.53 -24.60
C PHE D 148 -6.90 -27.57 -24.67
N TYR D 149 -8.14 -27.09 -24.57
CA TYR D 149 -9.28 -27.97 -24.73
C TYR D 149 -9.31 -28.66 -26.12
N LYS D 150 -9.13 -27.91 -27.20
CA LYS D 150 -9.10 -28.48 -28.57
C LYS D 150 -8.06 -29.59 -28.75
N ARG D 151 -6.91 -29.45 -28.08
CA ARG D 151 -5.90 -30.51 -28.14
C ARG D 151 -6.36 -31.72 -27.33
N MET D 152 -6.99 -31.48 -26.18
CA MET D 152 -7.52 -32.58 -25.40
C MET D 152 -8.47 -33.40 -26.25
N LEU D 153 -9.16 -32.73 -27.17
CA LEU D 153 -10.17 -33.40 -27.96
C LEU D 153 -9.59 -33.96 -29.23
N SER D 154 -8.27 -33.80 -29.38
CA SER D 154 -7.58 -34.14 -30.62
C SER D 154 -8.10 -33.40 -31.85
N LYS D 155 -8.57 -32.17 -31.69
CA LYS D 155 -9.04 -31.39 -32.83
C LYS D 155 -7.86 -30.56 -33.39
N LYS D 156 -7.69 -30.51 -34.70
CA LYS D 156 -6.56 -29.80 -35.23
C LYS D 156 -6.58 -28.31 -34.96
N LEU D 157 -5.50 -27.78 -34.41
CA LEU D 157 -5.42 -26.33 -34.09
C LEU D 157 -5.08 -25.46 -35.33
N THR D 158 -5.94 -24.49 -35.61
CA THR D 158 -5.84 -23.73 -36.84
C THR D 158 -5.49 -22.31 -36.55
N ILE D 159 -5.46 -21.48 -37.60
CA ILE D 159 -4.93 -20.14 -37.41
C ILE D 159 -5.90 -19.29 -36.61
N LYS D 160 -7.22 -19.48 -36.77
CA LYS D 160 -8.11 -18.63 -36.00
C LYS D 160 -7.95 -18.87 -34.50
N ASP D 161 -7.58 -20.10 -34.11
CA ASP D 161 -7.37 -20.42 -32.69
C ASP D 161 -6.21 -19.60 -32.08
N LEU D 162 -5.48 -18.85 -32.89
CA LEU D 162 -4.37 -18.08 -32.32
C LEU D 162 -4.93 -16.86 -31.69
N GLU D 163 -5.97 -16.33 -32.31
CA GLU D 163 -6.54 -15.03 -32.00
C GLU D 163 -6.90 -14.89 -30.52
N SER D 164 -7.14 -16.02 -29.84
CA SER D 164 -7.45 -15.98 -28.42
C SER D 164 -6.20 -15.92 -27.54
N ILE D 165 -5.10 -16.56 -27.94
CA ILE D 165 -3.94 -16.60 -27.06
C ILE D 165 -2.82 -15.60 -27.40
N ASP D 166 -2.63 -15.26 -28.69
CA ASP D 166 -1.75 -14.14 -29.07
C ASP D 166 -2.22 -13.33 -30.29
N THR D 167 -2.83 -12.19 -30.00
CA THR D 167 -3.51 -11.40 -31.03
C THR D 167 -2.55 -10.76 -32.00
N GLU D 168 -1.38 -10.40 -31.49
CA GLU D 168 -0.39 -9.72 -32.29
C GLU D 168 0.24 -10.66 -33.30
N PHE D 169 0.58 -11.85 -32.83
CA PHE D 169 1.24 -12.88 -33.63
C PHE D 169 0.20 -13.40 -34.63
N TYR D 170 -1.04 -13.47 -34.17
CA TYR D 170 -2.10 -13.90 -35.07
C TYR D 170 -2.27 -12.86 -36.20
N ASN D 171 -2.19 -11.58 -35.87
CA ASN D 171 -2.40 -10.51 -36.87
C ASN D 171 -1.34 -10.52 -37.96
N SER D 172 -0.08 -10.49 -37.51
CA SER D 172 1.06 -10.56 -38.37
C SER D 172 0.95 -11.71 -39.32
N LEU D 173 0.47 -12.85 -38.81
CA LEU D 173 0.46 -14.06 -39.61
C LEU D 173 -0.53 -13.93 -40.74
N ILE D 174 -1.65 -13.28 -40.43
CA ILE D 174 -2.73 -13.11 -41.40
C ILE D 174 -2.39 -12.04 -42.44
N TRP D 175 -1.56 -11.10 -42.03
CA TRP D 175 -1.05 -10.11 -42.93
C TRP D 175 -0.22 -10.82 -44.01
N ILE D 176 0.65 -11.72 -43.59
CA ILE D 176 1.55 -12.40 -44.51
C ILE D 176 0.78 -13.32 -45.45
N ARG D 177 -0.25 -13.97 -44.93
CA ARG D 177 -1.11 -14.83 -45.74
C ARG D 177 -1.82 -14.05 -46.82
N ASP D 178 -2.21 -12.83 -46.48
CA ASP D 178 -3.16 -12.07 -47.28
C ASP D 178 -2.54 -10.96 -48.09
N ASN D 179 -1.56 -10.29 -47.52
CA ASN D 179 -0.92 -9.21 -48.26
C ASN D 179 0.33 -9.74 -48.91
N ASN D 180 0.40 -9.61 -50.23
CA ASN D 180 1.59 -10.00 -50.97
C ASN D 180 2.86 -9.29 -50.44
N ILE D 181 4.01 -9.87 -50.71
CA ILE D 181 5.15 -9.84 -49.82
C ILE D 181 6.49 -9.52 -50.47
N GLU D 182 6.46 -8.93 -51.65
CA GLU D 182 7.69 -8.47 -52.32
C GLU D 182 7.72 -6.97 -52.63
N GLU D 183 6.59 -6.27 -52.49
CA GLU D 183 6.58 -4.79 -52.48
C GLU D 183 6.78 -4.38 -51.00
N CYS D 184 7.30 -5.26 -50.18
CA CYS D 184 7.35 -4.92 -48.78
C CYS D 184 8.77 -4.70 -48.36
N GLY D 185 9.67 -5.46 -48.98
CA GLY D 185 11.06 -5.43 -48.58
C GLY D 185 11.21 -6.38 -47.42
N LEU D 186 10.18 -7.22 -47.27
CA LEU D 186 10.10 -8.20 -46.19
C LEU D 186 11.06 -9.35 -46.36
N GLU D 187 11.99 -9.46 -45.41
CA GLU D 187 12.88 -10.61 -45.37
C GLU D 187 12.61 -11.38 -44.11
N MET D 188 11.97 -12.54 -44.28
CA MET D 188 11.74 -13.47 -43.17
C MET D 188 12.28 -14.81 -43.54
N TYR D 189 12.62 -15.60 -42.52
CA TYR D 189 13.16 -16.94 -42.69
C TYR D 189 12.48 -17.94 -41.77
N PHE D 190 12.68 -19.22 -42.10
CA PHE D 190 12.07 -20.32 -41.38
C PHE D 190 12.76 -20.60 -40.02
N SER D 191 12.91 -19.55 -39.21
CA SER D 191 13.29 -19.71 -37.81
C SER D 191 12.60 -18.60 -37.03
N VAL D 192 12.39 -18.82 -35.75
CA VAL D 192 11.65 -17.89 -34.91
C VAL D 192 12.25 -18.03 -33.52
N ASP D 193 12.34 -16.91 -32.81
CA ASP D 193 12.88 -16.89 -31.46
C ASP D 193 11.81 -16.71 -30.39
N MET D 194 12.17 -17.06 -29.16
CA MET D 194 11.28 -17.02 -28.00
C MET D 194 12.09 -16.82 -26.72
N GLU D 195 11.56 -16.04 -25.78
CA GLU D 195 12.21 -15.83 -24.48
C GLU D 195 11.65 -16.75 -23.36
N ILE D 196 12.53 -17.49 -22.70
CA ILE D 196 12.16 -18.39 -21.60
C ILE D 196 12.99 -18.08 -20.36
N LEU D 197 12.34 -17.50 -19.35
CA LEU D 197 13.03 -17.07 -18.13
C LEU D 197 14.21 -16.19 -18.51
N GLY D 198 13.92 -15.19 -19.35
CA GLY D 198 14.90 -14.21 -19.76
C GLY D 198 16.08 -14.67 -20.60
N LYS D 199 15.95 -15.80 -21.29
CA LYS D 199 17.00 -16.21 -22.19
C LYS D 199 16.38 -16.44 -23.55
N VAL D 200 16.91 -15.78 -24.58
CA VAL D 200 16.37 -15.97 -25.91
C VAL D 200 16.95 -17.25 -26.54
N THR D 201 16.05 -18.01 -27.18
CA THR D 201 16.36 -19.29 -27.79
C THR D 201 15.83 -19.19 -29.21
N SER D 202 16.54 -19.79 -30.15
CA SER D 202 16.14 -19.77 -31.55
C SER D 202 15.70 -21.15 -31.94
N HIS D 203 14.67 -21.25 -32.76
CA HIS D 203 14.20 -22.57 -33.17
C HIS D 203 14.00 -22.58 -34.68
N ASP D 204 14.37 -23.68 -35.31
CA ASP D 204 14.29 -23.74 -36.75
C ASP D 204 12.98 -24.46 -37.11
N LEU D 205 12.12 -23.81 -37.89
CA LEU D 205 10.89 -24.47 -38.27
C LEU D 205 11.15 -25.67 -39.18
N LYS D 206 12.24 -25.64 -39.96
CA LYS D 206 12.73 -26.88 -40.58
C LYS D 206 14.23 -26.92 -40.52
N LEU D 207 14.84 -27.98 -41.05
CA LEU D 207 16.29 -28.12 -41.00
C LEU D 207 17.01 -26.99 -41.77
N GLY D 208 17.83 -26.26 -41.06
CA GLY D 208 18.58 -25.15 -41.64
C GLY D 208 17.67 -24.02 -42.04
N GLY D 209 16.61 -23.81 -41.27
CA GLY D 209 15.56 -22.89 -41.67
C GLY D 209 15.87 -21.44 -41.41
N SER D 210 16.91 -21.15 -40.62
CA SER D 210 17.33 -19.76 -40.44
C SER D 210 17.90 -19.20 -41.75
N ASN D 211 18.35 -20.09 -42.64
CA ASN D 211 18.86 -19.69 -43.94
C ASN D 211 17.83 -19.77 -45.08
N ILE D 212 16.60 -20.15 -44.77
CA ILE D 212 15.58 -20.30 -45.81
C ILE D 212 14.60 -19.13 -45.84
N LEU D 213 14.76 -18.28 -46.84
CA LEU D 213 13.97 -17.06 -46.95
C LEU D 213 12.52 -17.42 -47.27
N VAL D 214 11.56 -16.73 -46.66
CA VAL D 214 10.18 -17.16 -46.89
C VAL D 214 9.76 -16.31 -48.04
N THR D 215 9.10 -16.95 -48.99
CA THR D 215 8.78 -16.34 -50.25
C THR D 215 7.28 -16.31 -50.46
N GLU D 216 6.84 -16.50 -51.69
CA GLU D 216 5.43 -16.46 -52.03
C GLU D 216 4.98 -17.86 -52.34
N GLU D 217 5.93 -18.72 -52.65
CA GLU D 217 5.58 -20.08 -52.96
C GLU D 217 5.60 -20.92 -51.69
N ASN D 218 6.36 -20.49 -50.69
CA ASN D 218 6.46 -21.27 -49.46
C ASN D 218 5.85 -20.57 -48.23
N LYS D 219 5.49 -19.31 -48.41
CA LYS D 219 4.74 -18.50 -47.45
C LYS D 219 3.65 -19.31 -46.78
N ASP D 220 3.02 -20.12 -47.59
CA ASP D 220 2.00 -21.09 -47.26
C ASP D 220 2.37 -21.96 -46.08
N GLU D 221 3.45 -22.70 -46.27
CA GLU D 221 3.94 -23.64 -45.29
C GLU D 221 4.63 -22.94 -44.12
N TYR D 222 5.27 -21.83 -44.38
CA TYR D 222 5.81 -21.02 -43.29
C TYR D 222 4.72 -20.71 -42.27
N ILE D 223 3.55 -20.28 -42.74
CA ILE D 223 2.46 -19.90 -41.85
C ILE D 223 2.01 -21.12 -41.04
N GLY D 224 1.90 -22.27 -41.71
CA GLY D 224 1.57 -23.52 -41.04
C GLY D 224 2.54 -23.85 -39.91
N LEU D 225 3.82 -23.80 -40.20
CA LEU D 225 4.81 -24.07 -39.19
C LEU D 225 4.81 -23.01 -38.11
N MET D 226 4.61 -21.76 -38.48
CA MET D 226 4.67 -20.70 -37.47
C MET D 226 3.53 -20.88 -36.50
N THR D 227 2.34 -21.13 -37.04
CA THR D 227 1.13 -21.38 -36.26
C THR D 227 1.34 -22.57 -35.33
N GLU D 228 1.59 -23.75 -35.90
CA GLU D 228 1.88 -24.96 -35.12
C GLU D 228 2.92 -24.71 -34.01
N TRP D 229 3.91 -23.88 -34.29
CA TRP D 229 4.94 -23.64 -33.29
C TRP D 229 4.45 -22.72 -32.19
N ARG D 230 3.50 -21.84 -32.50
CA ARG D 230 3.07 -20.88 -31.49
C ARG D 230 2.31 -21.59 -30.36
N PHE D 231 1.61 -22.67 -30.71
CA PHE D 231 0.88 -23.44 -29.72
C PHE D 231 1.81 -24.36 -28.93
N SER D 232 2.55 -25.16 -29.66
CA SER D 232 3.29 -26.22 -29.07
C SER D 232 4.74 -25.92 -28.68
N ARG D 233 5.19 -24.68 -28.73
CA ARG D 233 6.60 -24.33 -28.46
C ARG D 233 7.08 -24.59 -27.02
N GLY D 234 8.05 -25.46 -26.84
CA GLY D 234 8.59 -25.70 -25.50
C GLY D 234 7.80 -26.66 -24.59
N VAL D 235 6.59 -27.06 -25.02
CA VAL D 235 5.74 -27.84 -24.15
C VAL D 235 5.23 -29.15 -24.72
N GLN D 236 5.86 -29.68 -25.76
CA GLN D 236 5.38 -30.90 -26.42
C GLN D 236 5.41 -32.07 -25.46
N GLU D 237 6.43 -32.10 -24.62
CA GLU D 237 6.56 -33.22 -23.71
C GLU D 237 5.61 -33.13 -22.52
N GLN D 238 5.51 -31.95 -21.91
CA GLN D 238 4.54 -31.74 -20.83
C GLN D 238 3.14 -32.13 -21.30
N THR D 239 2.75 -31.60 -22.46
CA THR D 239 1.50 -31.97 -23.10
C THR D 239 1.34 -33.47 -23.26
N LYS D 240 2.42 -34.16 -23.58
CA LYS D 240 2.31 -35.61 -23.70
C LYS D 240 2.06 -36.23 -22.34
N ALA D 241 2.78 -35.77 -21.33
CA ALA D 241 2.65 -36.36 -20.01
C ALA D 241 1.22 -36.12 -19.48
N PHE D 242 0.76 -34.86 -19.56
CA PHE D 242 -0.60 -34.52 -19.16
C PHE D 242 -1.60 -35.45 -19.84
N LEU D 243 -1.65 -35.41 -21.17
CA LEU D 243 -2.65 -36.21 -21.89
C LEU D 243 -2.54 -37.68 -21.53
N ASP D 244 -1.32 -38.20 -21.43
CA ASP D 244 -1.15 -39.60 -21.14
C ASP D 244 -1.81 -39.93 -19.79
N GLY D 245 -1.55 -39.05 -18.83
CA GLY D 245 -2.08 -39.14 -17.49
C GLY D 245 -3.59 -39.17 -17.55
N PHE D 246 -4.17 -38.09 -18.05
CA PHE D 246 -5.62 -37.94 -18.17
C PHE D 246 -6.18 -39.24 -18.71
N ASN D 247 -5.61 -39.69 -19.81
CA ASN D 247 -6.14 -40.82 -20.57
C ASN D 247 -6.17 -42.13 -19.76
N GLU D 248 -5.27 -42.26 -18.79
CA GLU D 248 -5.25 -43.48 -17.98
C GLU D 248 -6.52 -43.61 -17.10
N VAL D 249 -7.06 -42.49 -16.62
CA VAL D 249 -8.23 -42.47 -15.79
C VAL D 249 -9.53 -42.40 -16.63
N VAL D 250 -9.65 -41.35 -17.44
CA VAL D 250 -10.72 -41.21 -18.43
C VAL D 250 -10.14 -41.37 -19.84
N PRO D 251 -10.63 -42.37 -20.57
CA PRO D 251 -10.15 -42.48 -21.96
C PRO D 251 -10.50 -41.22 -22.79
N LEU D 252 -9.54 -40.68 -23.52
CA LEU D 252 -9.76 -39.46 -24.30
C LEU D 252 -10.88 -39.67 -25.30
N GLN D 253 -11.03 -40.91 -25.72
CA GLN D 253 -12.05 -41.28 -26.64
C GLN D 253 -13.48 -41.04 -26.11
N TRP D 254 -13.63 -40.95 -24.80
CA TRP D 254 -14.96 -40.71 -24.22
C TRP D 254 -15.47 -39.28 -24.49
N LEU D 255 -14.53 -38.40 -24.80
CA LEU D 255 -14.78 -36.99 -24.99
C LEU D 255 -15.15 -36.64 -26.43
N GLN D 256 -15.25 -37.67 -27.26
CA GLN D 256 -15.26 -37.46 -28.70
C GLN D 256 -16.40 -36.58 -29.16
N TYR D 257 -17.57 -36.68 -28.55
CA TYR D 257 -18.69 -35.90 -29.00
C TYR D 257 -18.64 -34.44 -28.53
N PHE D 258 -17.88 -34.15 -27.48
CA PHE D 258 -17.82 -32.78 -26.99
C PHE D 258 -17.01 -31.90 -27.93
N ASP D 259 -17.36 -30.63 -28.03
CA ASP D 259 -16.45 -29.68 -28.62
C ASP D 259 -15.73 -29.01 -27.47
N GLU D 260 -14.85 -28.07 -27.75
CA GLU D 260 -13.98 -27.56 -26.71
C GLU D 260 -14.74 -26.68 -25.77
N LYS D 261 -15.89 -26.17 -26.19
CA LYS D 261 -16.64 -25.20 -25.37
C LYS D 261 -17.49 -25.92 -24.31
N GLU D 262 -18.20 -26.95 -24.74
CA GLU D 262 -18.72 -27.96 -23.88
C GLU D 262 -17.66 -28.46 -22.89
N LEU D 263 -16.49 -28.83 -23.37
CA LEU D 263 -15.50 -29.35 -22.45
C LEU D 263 -15.18 -28.30 -21.41
N GLU D 264 -15.22 -27.03 -21.80
CA GLU D 264 -14.93 -26.00 -20.81
C GLU D 264 -15.97 -26.04 -19.67
N VAL D 265 -17.22 -26.27 -20.06
CA VAL D 265 -18.35 -26.13 -19.17
C VAL D 265 -18.42 -27.34 -18.25
N MET D 266 -17.77 -28.42 -18.69
CA MET D 266 -17.77 -29.66 -17.92
C MET D 266 -16.76 -29.65 -16.78
N LEU D 267 -15.67 -28.90 -16.93
CA LEU D 267 -14.72 -28.78 -15.84
C LEU D 267 -15.09 -27.69 -14.84
N CYS D 268 -15.91 -26.72 -15.27
CA CYS D 268 -16.10 -25.49 -14.51
C CYS D 268 -17.56 -25.15 -14.26
N GLY D 269 -18.29 -26.03 -13.62
CA GLY D 269 -19.62 -25.70 -13.16
C GLY D 269 -20.63 -25.42 -14.25
N MET D 270 -21.27 -24.26 -14.16
CA MET D 270 -22.38 -23.87 -15.02
C MET D 270 -22.62 -22.36 -14.97
N GLU D 272 -26.31 -20.55 -15.48
CA GLU D 272 -26.95 -19.42 -14.82
C GLU D 272 -27.52 -18.48 -15.90
N VAL D 273 -27.37 -17.15 -15.88
CA VAL D 273 -26.65 -16.32 -14.94
C VAL D 273 -27.43 -15.04 -14.65
N ASP D 274 -26.82 -14.10 -13.94
CA ASP D 274 -27.57 -12.85 -13.63
C ASP D 274 -27.90 -12.10 -14.91
N LEU D 275 -29.20 -11.95 -15.19
CA LEU D 275 -29.64 -11.32 -16.42
C LEU D 275 -29.95 -9.85 -16.17
N ALA D 276 -29.43 -9.34 -15.05
CA ALA D 276 -29.52 -7.92 -14.75
C ALA D 276 -28.16 -7.25 -14.96
N ASP D 277 -27.11 -7.83 -14.38
CA ASP D 277 -25.76 -7.28 -14.48
C ASP D 277 -25.29 -7.25 -15.93
N TRP D 278 -25.82 -8.19 -16.70
CA TRP D 278 -25.50 -8.35 -18.10
C TRP D 278 -26.05 -7.18 -18.93
N GLN D 279 -27.32 -6.87 -18.75
CA GLN D 279 -27.86 -5.73 -19.44
C GLN D 279 -27.13 -4.47 -18.99
N ARG D 280 -26.84 -4.38 -17.70
CA ARG D 280 -26.25 -3.18 -17.14
C ARG D 280 -25.03 -2.67 -17.90
N ASN D 281 -24.12 -3.57 -18.26
CA ASN D 281 -22.89 -3.12 -18.93
C ASN D 281 -22.67 -3.66 -20.33
N THR D 282 -23.76 -3.93 -21.04
CA THR D 282 -23.69 -4.14 -22.48
C THR D 282 -23.68 -2.78 -23.17
N VAL D 283 -22.51 -2.35 -23.62
CA VAL D 283 -22.39 -1.06 -24.30
C VAL D 283 -22.62 -1.26 -25.81
N TYR D 284 -23.00 -0.20 -26.52
CA TYR D 284 -23.40 -0.39 -27.91
C TYR D 284 -22.72 0.56 -28.91
N ARG D 285 -22.20 -0.04 -29.97
CA ARG D 285 -21.63 0.72 -31.09
C ARG D 285 -22.55 0.58 -32.31
N HIS D 286 -22.80 1.69 -33.01
CA HIS D 286 -23.73 1.72 -34.17
C HIS D 286 -25.09 1.08 -33.86
N THR D 288 -27.89 1.36 -30.10
CA THR D 288 -28.01 1.91 -28.75
C THR D 288 -29.35 1.62 -28.14
N ARG D 289 -29.55 2.16 -26.94
CA ARG D 289 -30.84 2.21 -26.30
C ARG D 289 -31.42 0.82 -26.14
N ASN D 290 -32.72 0.74 -26.32
CA ASN D 290 -33.36 -0.51 -26.63
C ASN D 290 -33.92 -0.37 -28.03
N SER D 291 -33.20 -0.92 -28.99
CA SER D 291 -33.54 -0.82 -30.39
C SER D 291 -34.41 -2.02 -30.77
N LYS D 292 -34.74 -2.12 -32.05
CA LYS D 292 -35.58 -3.22 -32.53
C LYS D 292 -34.99 -4.56 -32.13
N GLN D 293 -33.70 -4.72 -32.42
CA GLN D 293 -33.03 -5.99 -32.16
C GLN D 293 -32.75 -6.16 -30.67
N ILE D 294 -32.19 -5.13 -30.05
CA ILE D 294 -31.65 -5.27 -28.70
C ILE D 294 -32.65 -5.82 -27.68
N ILE D 295 -33.92 -5.41 -27.73
CA ILE D 295 -34.91 -6.00 -26.81
C ILE D 295 -35.26 -7.41 -27.27
N TRP D 296 -35.38 -7.60 -28.59
CA TRP D 296 -35.52 -8.94 -29.15
C TRP D 296 -34.37 -9.82 -28.65
N PHE D 297 -33.15 -9.27 -28.71
CA PHE D 297 -31.95 -9.93 -28.22
C PHE D 297 -32.05 -10.25 -26.73
N TRP D 298 -32.43 -9.27 -25.93
CA TRP D 298 -32.42 -9.44 -24.49
C TRP D 298 -33.54 -10.34 -23.99
N GLN D 299 -34.65 -10.38 -24.70
CA GLN D 299 -35.71 -11.29 -24.31
C GLN D 299 -35.27 -12.69 -24.74
N PHE D 300 -34.52 -12.75 -25.83
CA PHE D 300 -33.98 -14.04 -26.30
C PHE D 300 -33.07 -14.68 -25.27
N VAL D 301 -32.21 -13.88 -24.66
CA VAL D 301 -31.30 -14.44 -23.67
C VAL D 301 -32.05 -14.80 -22.37
N LYS D 302 -33.25 -14.27 -22.15
CA LYS D 302 -33.90 -14.60 -20.89
C LYS D 302 -35.03 -15.60 -21.08
N GLU D 303 -35.41 -15.87 -22.32
CA GLU D 303 -36.40 -16.90 -22.58
C GLU D 303 -35.77 -18.30 -22.58
N THR D 304 -34.53 -18.40 -23.08
CA THR D 304 -33.92 -19.69 -23.43
C THR D 304 -33.43 -20.54 -22.25
N ASP D 305 -32.66 -21.57 -22.57
CA ASP D 305 -32.15 -22.51 -21.58
C ASP D 305 -30.92 -21.95 -20.91
N ASN D 306 -30.09 -22.82 -20.37
CA ASN D 306 -28.86 -22.32 -19.73
C ASN D 306 -27.59 -22.71 -20.45
N GLU D 307 -27.60 -23.88 -21.08
CA GLU D 307 -26.47 -24.24 -21.91
C GLU D 307 -26.34 -23.26 -23.05
N VAL D 308 -27.47 -22.71 -23.49
CA VAL D 308 -27.46 -21.80 -24.62
C VAL D 308 -27.04 -20.42 -24.18
N ARG D 309 -27.54 -19.99 -23.02
CA ARG D 309 -27.09 -18.76 -22.39
C ARG D 309 -25.57 -18.70 -22.35
N MET D 310 -24.97 -19.86 -22.15
CA MET D 310 -23.57 -19.94 -21.76
C MET D 310 -22.68 -20.18 -22.95
N ARG D 311 -23.28 -20.71 -24.00
CA ARG D 311 -22.58 -20.92 -25.24
C ARG D 311 -22.44 -19.59 -25.92
N LEU D 312 -23.49 -18.79 -25.76
CA LEU D 312 -23.54 -17.40 -26.21
C LEU D 312 -22.40 -16.60 -25.59
N LEU D 313 -22.28 -16.66 -24.28
CA LEU D 313 -21.18 -16.02 -23.59
C LEU D 313 -19.81 -16.56 -24.03
N GLN D 314 -19.76 -17.76 -24.61
CA GLN D 314 -18.49 -18.34 -25.03
C GLN D 314 -18.15 -17.78 -26.41
N PHE D 315 -19.18 -17.69 -27.24
CA PHE D 315 -19.13 -17.05 -28.55
C PHE D 315 -18.52 -15.65 -28.52
N VAL D 316 -18.97 -14.83 -27.58
CA VAL D 316 -18.64 -13.41 -27.58
C VAL D 316 -17.41 -13.06 -26.75
N THR D 317 -17.14 -13.80 -25.69
CA THR D 317 -15.99 -13.46 -24.83
C THR D 317 -14.82 -14.47 -24.86
N GLY D 318 -15.04 -15.65 -25.44
CA GLY D 318 -14.03 -16.69 -25.45
C GLY D 318 -14.13 -17.73 -24.34
N THR D 319 -14.42 -17.30 -23.13
CA THR D 319 -14.65 -18.22 -22.04
C THR D 319 -16.14 -18.19 -21.64
N CYS D 320 -16.52 -18.98 -20.64
CA CYS D 320 -17.89 -18.91 -20.11
C CYS D 320 -17.85 -18.51 -18.64
N ARG D 321 -16.67 -18.15 -18.17
CA ARG D 321 -16.48 -17.82 -16.77
C ARG D 321 -16.58 -16.32 -16.63
N LEU D 322 -16.95 -15.85 -15.45
CA LEU D 322 -16.96 -14.42 -15.23
C LEU D 322 -16.01 -14.03 -14.12
N PRO D 323 -15.30 -12.89 -14.29
CA PRO D 323 -14.49 -12.31 -13.22
C PRO D 323 -15.37 -12.03 -12.01
N LEU D 324 -15.23 -12.83 -10.95
CA LEU D 324 -16.19 -12.88 -9.85
C LEU D 324 -16.65 -11.49 -9.41
N GLY D 325 -17.97 -11.37 -9.20
CA GLY D 325 -18.59 -10.10 -8.90
C GLY D 325 -19.63 -9.68 -9.94
N GLY D 326 -19.39 -10.04 -11.20
CA GLY D 326 -20.28 -9.68 -12.29
C GLY D 326 -19.59 -9.07 -13.51
N PHE D 327 -20.39 -8.69 -14.50
CA PHE D 327 -19.88 -8.15 -15.76
C PHE D 327 -19.15 -6.83 -15.65
N ALA D 328 -19.26 -6.22 -14.48
CA ALA D 328 -18.74 -4.88 -14.20
C ALA D 328 -17.34 -4.65 -14.74
N GLU D 329 -16.49 -5.66 -14.63
CA GLU D 329 -15.13 -5.51 -15.14
C GLU D 329 -14.73 -6.72 -15.98
N LEU D 330 -15.04 -6.66 -17.27
CA LEU D 330 -14.62 -7.70 -18.18
C LEU D 330 -13.28 -7.31 -18.82
N MET D 331 -12.46 -8.30 -19.14
CA MET D 331 -11.15 -8.04 -19.71
C MET D 331 -11.20 -8.11 -21.22
N GLY D 332 -10.14 -7.64 -21.87
CA GLY D 332 -10.02 -7.69 -23.32
C GLY D 332 -8.67 -8.24 -23.75
N SER D 333 -8.03 -7.56 -24.71
CA SER D 333 -6.68 -7.97 -25.15
C SER D 333 -5.59 -7.04 -24.61
N ASN D 334 -5.84 -5.74 -24.70
CA ASN D 334 -4.85 -4.75 -24.27
C ASN D 334 -5.19 -4.08 -22.94
N GLY D 335 -6.47 -4.13 -22.56
CA GLY D 335 -6.92 -3.56 -21.30
C GLY D 335 -8.38 -3.92 -21.05
N PRO D 336 -9.02 -3.20 -20.12
CA PRO D 336 -10.45 -3.37 -19.80
C PRO D 336 -11.38 -3.01 -20.97
N GLN D 337 -12.08 -4.00 -21.54
CA GLN D 337 -13.09 -3.76 -22.58
C GLN D 337 -14.38 -4.46 -22.18
N LYS D 338 -15.52 -3.83 -22.40
CA LYS D 338 -16.78 -4.34 -21.87
C LYS D 338 -17.74 -4.94 -22.89
N PHE D 339 -18.58 -5.86 -22.44
CA PHE D 339 -19.45 -6.58 -23.36
C PHE D 339 -20.13 -5.60 -24.33
N CYS D 340 -20.13 -5.91 -25.63
CA CYS D 340 -20.49 -4.90 -26.62
C CYS D 340 -21.19 -5.49 -27.84
N ILE D 341 -22.02 -4.69 -28.53
CA ILE D 341 -22.76 -5.15 -29.70
C ILE D 341 -22.75 -4.10 -30.83
N GLU D 342 -22.57 -4.49 -32.11
CA GLU D 342 -22.42 -3.43 -33.14
C GLU D 342 -22.91 -3.53 -34.61
N LYS D 343 -22.26 -4.33 -35.47
CA LYS D 343 -22.22 -3.90 -36.88
C LYS D 343 -23.12 -4.61 -37.90
N VAL D 344 -23.67 -3.85 -38.84
CA VAL D 344 -24.30 -4.46 -40.00
C VAL D 344 -25.52 -5.30 -39.66
N GLY D 345 -25.80 -6.34 -40.45
CA GLY D 345 -25.09 -6.80 -41.62
C GLY D 345 -25.97 -7.00 -42.81
N LYS D 346 -26.99 -6.16 -42.91
CA LYS D 346 -27.89 -6.20 -44.05
C LYS D 346 -28.35 -7.62 -44.25
N ASP D 347 -28.44 -8.36 -43.17
CA ASP D 347 -28.77 -9.78 -43.32
C ASP D 347 -27.93 -10.37 -44.44
N THR D 348 -26.71 -9.84 -44.60
CA THR D 348 -25.70 -10.41 -45.48
C THR D 348 -24.95 -11.50 -44.73
N TRP D 349 -24.44 -11.15 -43.55
CA TRP D 349 -23.79 -12.14 -42.68
C TRP D 349 -24.61 -12.31 -41.39
N LEU D 350 -24.69 -13.56 -40.92
CA LEU D 350 -25.36 -13.89 -39.65
C LEU D 350 -24.51 -13.32 -38.51
N PRO D 351 -24.94 -13.47 -37.24
CA PRO D 351 -24.08 -12.85 -36.23
C PRO D 351 -22.70 -13.50 -36.17
N ARG D 352 -21.69 -12.72 -35.79
CA ARG D 352 -20.32 -13.19 -35.70
C ARG D 352 -19.70 -12.45 -34.53
N SER D 353 -18.40 -12.56 -34.30
CA SER D 353 -17.85 -12.09 -33.02
C SER D 353 -16.35 -12.06 -32.96
N HIS D 354 -15.85 -11.16 -32.11
CA HIS D 354 -14.42 -10.95 -31.92
C HIS D 354 -14.08 -11.02 -30.43
N THR D 355 -13.66 -12.20 -29.96
CA THR D 355 -13.55 -12.48 -28.51
C THR D 355 -12.44 -11.69 -27.79
N CYS D 356 -11.71 -10.87 -28.52
CA CYS D 356 -10.66 -10.11 -27.89
C CYS D 356 -11.18 -8.76 -27.47
N PHE D 357 -12.16 -8.25 -28.23
CA PHE D 357 -12.77 -6.96 -27.89
C PHE D 357 -13.95 -7.17 -26.94
N ASN D 358 -14.34 -8.44 -26.78
CA ASN D 358 -15.59 -8.84 -26.12
C ASN D 358 -16.80 -8.31 -26.87
N ARG D 359 -16.85 -8.54 -28.18
CA ARG D 359 -17.87 -7.92 -29.01
C ARG D 359 -18.60 -8.85 -29.98
N LEU D 360 -19.93 -8.75 -30.00
CA LEU D 360 -20.77 -9.41 -31.01
C LEU D 360 -21.24 -8.39 -32.06
N ASP D 361 -21.15 -8.74 -33.34
CA ASP D 361 -21.79 -7.89 -34.33
C ASP D 361 -23.12 -8.50 -34.74
N LEU D 362 -24.22 -7.88 -34.28
CA LEU D 362 -25.56 -8.42 -34.49
C LEU D 362 -26.27 -7.74 -35.67
N PRO D 363 -26.79 -8.56 -36.61
CA PRO D 363 -27.52 -8.08 -37.80
C PRO D 363 -28.89 -7.52 -37.45
N PRO D 364 -29.44 -6.62 -38.28
CA PRO D 364 -30.77 -6.12 -37.90
C PRO D 364 -31.91 -6.96 -38.48
N TYR D 365 -32.45 -7.88 -37.68
CA TYR D 365 -33.51 -8.75 -38.20
C TYR D 365 -34.81 -8.00 -38.36
N LYS D 366 -35.75 -8.73 -38.93
CA LYS D 366 -37.10 -8.26 -39.05
C LYS D 366 -37.97 -8.89 -37.97
N SER D 367 -37.52 -9.99 -37.36
CA SER D 367 -38.38 -10.69 -36.43
C SER D 367 -37.66 -11.46 -35.31
N TYR D 368 -38.37 -11.60 -34.19
CA TYR D 368 -37.93 -12.43 -33.08
C TYR D 368 -37.76 -13.88 -33.51
N GLU D 369 -38.80 -14.43 -34.14
CA GLU D 369 -38.76 -15.79 -34.68
C GLU D 369 -37.63 -15.97 -35.69
N GLN D 370 -37.28 -14.89 -36.41
CA GLN D 370 -36.19 -14.94 -37.38
C GLN D 370 -34.84 -14.76 -36.69
N LEU D 371 -34.82 -13.95 -35.64
CA LEU D 371 -33.62 -13.74 -34.84
C LEU D 371 -33.27 -15.00 -34.05
N LYS D 372 -34.32 -15.73 -33.65
CA LYS D 372 -34.20 -16.95 -32.86
C LYS D 372 -33.24 -17.90 -33.51
N GLU D 373 -33.47 -18.23 -34.78
CA GLU D 373 -32.66 -19.25 -35.46
C GLU D 373 -31.20 -18.85 -35.71
N LYS D 374 -30.95 -17.64 -36.20
CA LYS D 374 -29.57 -17.35 -36.64
C LYS D 374 -28.62 -16.91 -35.52
N LEU D 375 -29.17 -16.63 -34.35
CA LEU D 375 -28.30 -16.40 -33.20
C LEU D 375 -28.03 -17.72 -32.44
N LEU D 376 -28.99 -18.66 -32.48
CA LEU D 376 -28.76 -20.04 -32.00
C LEU D 376 -28.02 -20.83 -33.06
N PHE D 377 -27.36 -20.13 -33.97
CA PHE D 377 -26.67 -20.81 -35.04
C PHE D 377 -25.19 -20.54 -34.98
N ALA D 378 -24.82 -19.27 -34.85
CA ALA D 378 -23.41 -18.90 -34.84
C ALA D 378 -22.75 -19.35 -33.54
N ILE D 379 -23.56 -19.47 -32.49
CA ILE D 379 -23.00 -19.81 -31.20
C ILE D 379 -23.05 -21.33 -31.03
N GLU D 380 -24.20 -21.94 -31.33
CA GLU D 380 -24.46 -23.34 -31.06
C GLU D 380 -23.78 -24.21 -32.09
N GLU D 381 -23.29 -23.58 -33.15
CA GLU D 381 -22.56 -24.29 -34.17
C GLU D 381 -21.26 -23.59 -34.43
N THR D 382 -20.22 -24.07 -33.78
CA THR D 382 -18.87 -23.61 -34.05
C THR D 382 -18.09 -24.84 -34.46
N GLU D 383 -18.83 -25.86 -34.81
CA GLU D 383 -18.32 -27.23 -35.01
C GLU D 383 -18.01 -27.85 -33.63
N GLN E 7 18.50 -0.23 -8.40
CA GLN E 7 17.18 -0.87 -8.51
C GLN E 7 17.11 -1.94 -9.60
N ILE E 8 16.87 -3.18 -9.17
CA ILE E 8 16.61 -4.31 -10.06
C ILE E 8 15.15 -4.72 -9.93
N LEU E 9 14.66 -5.47 -10.93
CA LEU E 9 13.27 -5.91 -10.92
C LEU E 9 13.16 -7.43 -10.71
N VAL E 10 12.17 -7.84 -9.93
CA VAL E 10 11.85 -9.25 -9.79
C VAL E 10 10.47 -9.54 -10.38
N LYS E 11 10.43 -10.35 -11.44
CA LYS E 11 9.16 -10.64 -12.12
C LYS E 11 8.60 -12.00 -11.68
N THR E 12 7.27 -12.10 -11.58
CA THR E 12 6.62 -13.38 -11.35
C THR E 12 5.69 -13.76 -12.48
N PHE E 13 5.28 -15.02 -12.49
CA PHE E 13 4.38 -15.49 -13.53
C PHE E 13 2.94 -15.21 -13.17
N THR E 14 2.75 -14.37 -12.15
CA THR E 14 1.44 -13.88 -11.76
C THR E 14 1.36 -12.37 -12.02
N TRP E 15 2.23 -11.91 -12.93
CA TRP E 15 2.28 -10.53 -13.41
C TRP E 15 2.50 -9.48 -12.33
N LYS E 16 3.19 -9.83 -11.25
CA LYS E 16 3.55 -8.84 -10.25
C LYS E 16 5.05 -8.58 -10.37
N THR E 17 5.43 -7.31 -10.55
CA THR E 17 6.85 -6.97 -10.61
C THR E 17 7.28 -6.41 -9.25
N ILE E 18 8.49 -6.73 -8.81
CA ILE E 18 8.90 -6.34 -7.47
C ILE E 18 10.18 -5.51 -7.49
N THR E 19 10.05 -4.20 -7.27
CA THR E 19 11.19 -3.29 -7.35
C THR E 19 12.09 -3.45 -6.13
N LEU E 20 13.40 -3.62 -6.37
CA LEU E 20 14.34 -3.87 -5.30
C LEU E 20 15.57 -2.95 -5.29
N GLU E 21 15.89 -2.39 -4.12
CA GLU E 21 17.14 -1.66 -3.94
C GLU E 21 18.23 -2.62 -3.46
N VAL E 22 19.29 -2.71 -4.24
CA VAL E 22 20.36 -3.66 -3.94
C VAL E 22 21.73 -3.04 -4.18
N GLU E 23 22.74 -3.68 -3.61
CA GLU E 23 24.12 -3.33 -3.91
C GLU E 23 24.72 -4.52 -4.65
N PRO E 24 25.60 -4.25 -5.64
CA PRO E 24 26.19 -5.30 -6.45
C PRO E 24 26.95 -6.35 -5.63
N SER E 25 27.31 -6.04 -4.40
CA SER E 25 28.06 -6.97 -3.55
C SER E 25 27.15 -7.90 -2.77
N ASP E 26 25.85 -7.63 -2.80
CA ASP E 26 24.84 -8.44 -2.13
C ASP E 26 24.94 -9.90 -2.58
N THR E 27 24.82 -10.84 -1.63
CA THR E 27 24.74 -12.24 -2.00
C THR E 27 23.32 -12.53 -2.45
N ILE E 28 23.09 -13.75 -2.91
CA ILE E 28 21.76 -14.11 -3.34
C ILE E 28 20.88 -14.45 -2.13
N GLU E 29 21.49 -14.93 -1.05
CA GLU E 29 20.73 -15.17 0.16
C GLU E 29 20.17 -13.86 0.64
N ASN E 30 21.04 -12.85 0.67
CA ASN E 30 20.64 -11.49 1.04
C ASN E 30 19.45 -11.00 0.24
N VAL E 31 19.53 -11.08 -1.08
CA VAL E 31 18.45 -10.57 -1.92
C VAL E 31 17.15 -11.37 -1.67
N LYS E 32 17.29 -12.65 -1.35
CA LYS E 32 16.14 -13.47 -0.99
C LYS E 32 15.54 -13.01 0.34
N ALA E 33 16.40 -12.54 1.23
CA ALA E 33 15.94 -12.00 2.51
C ALA E 33 15.07 -10.76 2.28
N LYS E 34 15.48 -9.90 1.35
CA LYS E 34 14.71 -8.71 1.00
C LYS E 34 13.33 -9.06 0.47
N ILE E 35 13.31 -10.08 -0.38
CA ILE E 35 12.08 -10.59 -0.98
C ILE E 35 11.06 -10.98 0.10
N GLN E 36 11.52 -11.73 1.10
CA GLN E 36 10.68 -12.12 2.23
C GLN E 36 10.20 -10.87 2.97
N ASP E 37 11.11 -9.92 3.16
CA ASP E 37 10.78 -8.67 3.84
C ASP E 37 9.74 -7.82 3.07
N LYS E 38 9.48 -8.14 1.80
CA LYS E 38 8.48 -7.40 1.03
C LYS E 38 7.26 -8.26 0.67
N GLU E 39 7.44 -9.58 0.54
CA GLU E 39 6.34 -10.43 0.10
C GLU E 39 6.20 -11.73 0.88
N GLY E 40 7.04 -11.96 1.88
CA GLY E 40 6.81 -13.04 2.82
C GLY E 40 7.31 -14.45 2.49
N ILE E 41 7.92 -14.62 1.33
CA ILE E 41 8.37 -15.95 0.91
C ILE E 41 9.71 -16.36 1.53
N PRO E 42 9.70 -17.41 2.36
CA PRO E 42 10.95 -17.82 3.02
C PRO E 42 12.04 -18.18 2.01
N PRO E 43 13.28 -17.75 2.27
CA PRO E 43 14.40 -17.87 1.33
C PRO E 43 14.56 -19.24 0.70
N ASP E 44 14.31 -20.28 1.48
CA ASP E 44 14.66 -21.63 1.04
C ASP E 44 13.69 -22.20 0.02
N GLN E 45 12.53 -21.59 -0.13
CA GLN E 45 11.59 -22.05 -1.15
C GLN E 45 11.56 -21.11 -2.36
N GLN E 46 12.61 -20.30 -2.50
CA GLN E 46 12.75 -19.46 -3.69
C GLN E 46 13.75 -20.01 -4.68
N ARG E 47 13.36 -19.97 -5.96
CA ARG E 47 14.29 -20.02 -7.09
C ARG E 47 14.43 -18.64 -7.73
N LEU E 48 15.67 -18.20 -7.93
CA LEU E 48 15.91 -16.95 -8.63
C LEU E 48 16.64 -17.21 -9.94
N ILE E 49 16.08 -16.69 -11.03
CA ILE E 49 16.64 -16.98 -12.32
C ILE E 49 16.96 -15.69 -13.03
N PHE E 50 18.11 -15.67 -13.69
CA PHE E 50 18.53 -14.49 -14.41
C PHE E 50 19.08 -14.87 -15.75
N ALA E 51 18.46 -14.36 -16.81
CA ALA E 51 18.80 -14.70 -18.18
C ALA E 51 19.12 -16.19 -18.37
N GLY E 52 18.23 -17.05 -17.87
CA GLY E 52 18.35 -18.49 -18.10
C GLY E 52 18.99 -19.23 -16.94
N LYS E 53 19.75 -18.50 -16.14
CA LYS E 53 20.58 -19.07 -15.07
C LYS E 53 19.87 -19.12 -13.72
N GLN E 54 19.81 -20.31 -13.12
CA GLN E 54 19.24 -20.43 -11.78
C GLN E 54 20.24 -20.02 -10.72
N LEU E 55 20.06 -18.81 -10.21
CA LEU E 55 21.04 -18.15 -9.34
C LEU E 55 21.23 -18.96 -8.05
N GLU E 56 22.44 -19.45 -7.81
CA GLU E 56 22.70 -20.24 -6.61
C GLU E 56 23.30 -19.29 -5.58
N ASP E 57 22.83 -19.40 -4.34
CA ASP E 57 23.01 -18.36 -3.32
C ASP E 57 24.37 -18.36 -2.62
N GLY E 58 25.28 -19.23 -3.05
CA GLY E 58 26.65 -19.17 -2.58
C GLY E 58 27.36 -17.96 -3.18
N ARG E 59 27.00 -17.64 -4.42
CA ARG E 59 27.65 -16.57 -5.16
C ARG E 59 27.02 -15.21 -4.84
N THR E 60 27.44 -14.15 -5.53
CA THR E 60 26.87 -12.81 -5.31
C THR E 60 26.32 -12.19 -6.61
N LEU E 61 25.82 -10.96 -6.51
CA LEU E 61 25.15 -10.29 -7.63
C LEU E 61 26.09 -9.71 -8.69
N SER E 62 27.39 -9.79 -8.45
CA SER E 62 28.35 -9.22 -9.40
C SER E 62 28.98 -10.31 -10.25
N ASP E 63 28.88 -11.53 -9.78
CA ASP E 63 29.53 -12.64 -10.45
C ASP E 63 28.74 -13.12 -11.63
N TYR E 64 27.42 -12.91 -11.61
CA TYR E 64 26.57 -13.25 -12.74
C TYR E 64 26.31 -12.12 -13.70
N ASN E 65 27.12 -11.06 -13.66
CA ASN E 65 26.77 -9.86 -14.40
C ASN E 65 25.38 -9.39 -14.15
N ILE E 66 24.84 -9.47 -12.95
CA ILE E 66 23.44 -9.05 -12.77
C ILE E 66 23.44 -7.53 -12.96
N LYS E 67 24.51 -6.85 -13.11
CA LYS E 67 24.32 -5.49 -13.62
C LYS E 67 23.06 -4.79 -12.99
N GLY E 69 19.17 -2.95 -14.10
CA GLY E 69 17.73 -2.81 -13.98
C GLY E 69 17.52 -4.13 -14.68
N SER E 70 18.25 -5.12 -14.21
CA SER E 70 18.11 -6.43 -14.77
C SER E 70 16.92 -7.10 -14.12
N SER E 71 16.29 -7.98 -14.86
CA SER E 71 15.10 -8.67 -14.43
C SER E 71 15.47 -10.07 -13.97
N LEU E 72 15.37 -10.30 -12.65
CA LEU E 72 15.41 -11.65 -12.12
C LEU E 72 14.01 -12.24 -12.21
N TYR E 73 13.95 -13.56 -12.33
CA TYR E 73 12.66 -14.24 -12.32
C TYR E 73 12.47 -15.01 -11.01
N LEU E 74 11.30 -14.89 -10.39
CA LEU E 74 11.01 -15.60 -9.13
C LEU E 74 9.99 -16.71 -9.29
N VAL E 75 10.37 -17.92 -8.90
CA VAL E 75 9.50 -19.07 -9.00
C VAL E 75 9.57 -19.83 -7.67
N LEU E 76 8.46 -20.47 -7.26
CA LEU E 76 8.49 -21.34 -6.09
C LEU E 76 8.92 -22.75 -6.46
N ARG E 77 9.42 -23.51 -5.51
CA ARG E 77 9.75 -24.89 -5.77
C ARG E 77 8.52 -25.69 -5.51
N LEU E 78 8.38 -26.79 -6.20
CA LEU E 78 7.32 -27.75 -5.87
C LEU E 78 7.57 -28.30 -4.46
N PRO E 79 6.56 -28.32 -3.57
CA PRO E 79 6.85 -28.96 -2.27
C PRO E 79 6.64 -30.48 -2.31
N GLY E 80 7.62 -31.27 -1.90
CA GLY E 80 9.00 -30.85 -1.68
C GLY E 80 9.82 -32.08 -2.00
N GLN E 81 11.06 -31.98 -2.49
CA GLN E 81 11.78 -30.77 -2.86
C GLN E 81 11.79 -29.63 -1.81
N ALA F 1 12.69 -14.42 -34.73
CA ALA F 1 13.98 -14.32 -35.39
C ALA F 1 14.34 -12.89 -35.69
N ALA F 2 15.54 -12.45 -35.28
CA ALA F 2 15.93 -11.06 -35.52
C ALA F 2 17.45 -10.74 -35.49
N SER F 3 18.29 -11.72 -35.24
CA SER F 3 19.69 -11.41 -35.33
C SER F 3 19.89 -10.90 -36.75
N ARG F 4 19.16 -11.41 -37.73
CA ARG F 4 19.36 -10.95 -39.13
C ARG F 4 18.56 -9.71 -39.52
N ARG F 5 17.31 -9.60 -39.14
CA ARG F 5 16.56 -8.41 -39.55
C ARG F 5 16.91 -7.21 -38.69
N LEU F 6 16.96 -7.40 -37.38
CA LEU F 6 17.34 -6.31 -36.50
C LEU F 6 18.72 -5.78 -36.86
N MET F 7 19.61 -6.66 -37.33
CA MET F 7 20.93 -6.25 -37.78
C MET F 7 20.85 -5.41 -39.07
N LYS F 8 20.15 -5.90 -40.08
CA LYS F 8 20.00 -5.15 -41.33
C LYS F 8 19.19 -3.88 -41.08
N GLU F 9 18.35 -3.92 -40.06
CA GLU F 9 17.68 -2.73 -39.60
C GLU F 9 18.68 -1.78 -38.95
N LEU F 10 19.37 -2.26 -37.92
CA LEU F 10 20.31 -1.45 -37.15
C LEU F 10 21.33 -0.70 -38.02
N GLU F 11 21.69 -1.25 -39.18
CA GLU F 11 22.62 -0.57 -40.08
C GLU F 11 21.94 0.32 -41.12
N GLU F 12 20.87 -0.18 -41.75
CA GLU F 12 20.07 0.67 -42.64
C GLU F 12 19.57 1.88 -41.87
N ILE F 13 19.42 1.70 -40.56
CA ILE F 13 19.11 2.80 -39.66
C ILE F 13 20.38 3.60 -39.30
N ARG F 14 21.52 2.91 -39.17
CA ARG F 14 22.79 3.48 -38.67
C ARG F 14 23.37 4.64 -39.49
N LYS F 15 22.99 4.74 -40.76
CA LYS F 15 23.47 5.85 -41.55
C LYS F 15 22.45 6.54 -42.42
N CYS F 16 21.76 7.38 -41.51
CA CYS F 16 20.67 8.23 -41.94
C CYS F 16 20.65 9.29 -40.85
N GLY F 17 20.71 10.17 -41.78
CA GLY F 17 21.08 11.27 -40.91
C GLY F 17 20.26 11.28 -39.63
N MET F 18 20.92 11.05 -38.49
CA MET F 18 20.24 11.01 -37.20
C MET F 18 20.03 12.40 -36.64
N LYS F 19 19.08 13.09 -37.26
CA LYS F 19 18.75 14.47 -36.97
C LYS F 19 18.13 14.60 -35.60
N ASN F 20 17.21 13.70 -35.26
CA ASN F 20 16.45 13.82 -34.02
C ASN F 20 16.77 12.77 -32.97
N PHE F 21 17.41 11.67 -33.37
CA PHE F 21 17.62 10.50 -32.50
C PHE F 21 19.00 9.93 -32.75
N ARG F 22 19.94 10.22 -31.86
CA ARG F 22 21.35 10.08 -32.16
C ARG F 22 22.08 8.98 -31.45
N ASN F 23 21.81 8.87 -30.17
CA ASN F 23 22.61 8.05 -29.25
C ASN F 23 22.30 6.53 -29.35
N ILE F 24 22.62 5.92 -30.49
CA ILE F 24 22.13 4.57 -30.75
C ILE F 24 22.99 3.46 -30.14
N GLN F 25 22.70 3.10 -28.89
CA GLN F 25 23.39 2.00 -28.23
C GLN F 25 22.60 0.70 -28.33
N VAL F 26 23.28 -0.43 -28.16
CA VAL F 26 22.63 -1.73 -28.28
C VAL F 26 23.18 -2.77 -27.31
N ASP F 27 22.47 -3.89 -27.25
CA ASP F 27 22.93 -5.10 -26.62
C ASP F 27 23.16 -6.10 -27.75
N GLU F 28 24.39 -6.13 -28.25
CA GLU F 28 24.73 -6.86 -29.49
C GLU F 28 24.75 -8.39 -29.36
N ALA F 29 24.13 -8.90 -28.30
CA ALA F 29 23.92 -10.33 -28.16
C ALA F 29 22.70 -10.76 -28.97
N ASN F 30 21.74 -9.86 -29.13
CA ASN F 30 20.50 -10.19 -29.79
C ASN F 30 19.79 -8.95 -30.36
N LEU F 31 20.30 -7.78 -30.01
CA LEU F 31 19.78 -6.48 -30.46
C LEU F 31 18.33 -6.23 -30.05
N LEU F 32 17.87 -6.91 -29.00
CA LEU F 32 16.47 -6.79 -28.57
C LEU F 32 16.26 -5.64 -27.60
N THR F 33 17.32 -4.90 -27.32
CA THR F 33 17.18 -3.72 -26.47
C THR F 33 18.01 -2.55 -27.01
N TRP F 34 17.33 -1.51 -27.46
CA TRP F 34 18.00 -0.32 -27.96
C TRP F 34 17.84 0.80 -26.97
N GLN F 35 18.91 1.56 -26.74
CA GLN F 35 18.81 2.82 -26.02
C GLN F 35 19.18 3.95 -26.95
N GLY F 36 18.41 5.03 -26.93
CA GLY F 36 18.67 6.15 -27.80
C GLY F 36 18.34 7.47 -27.14
N LEU F 37 18.57 8.56 -27.86
CA LEU F 37 18.33 9.88 -27.29
C LEU F 37 17.76 10.84 -28.33
N ILE F 38 16.53 11.27 -28.10
CA ILE F 38 15.85 12.09 -29.09
C ILE F 38 16.01 13.60 -28.81
N VAL F 39 16.29 14.34 -29.87
CA VAL F 39 16.47 15.78 -29.79
C VAL F 39 15.46 16.53 -30.68
N PRO F 40 14.36 17.02 -30.08
CA PRO F 40 13.28 17.65 -30.85
C PRO F 40 13.74 18.90 -31.58
N ASP F 41 13.05 19.28 -32.65
CA ASP F 41 13.45 20.41 -33.48
C ASP F 41 12.78 21.72 -33.02
N ASN F 42 11.46 21.72 -32.98
CA ASN F 42 10.74 22.95 -32.65
C ASN F 42 10.36 23.01 -31.17
N PRO F 43 10.13 24.22 -30.65
CA PRO F 43 9.55 24.41 -29.31
C PRO F 43 8.16 23.76 -29.22
N PRO F 44 7.68 23.45 -27.99
CA PRO F 44 8.29 23.67 -26.68
C PRO F 44 9.19 22.54 -26.17
N TYR F 45 9.89 21.83 -27.05
CA TYR F 45 10.85 20.83 -26.60
C TYR F 45 12.21 21.06 -27.26
N ASP F 46 12.39 22.26 -27.81
CA ASP F 46 13.47 22.55 -28.77
C ASP F 46 14.86 22.07 -28.39
N LYS F 47 15.28 22.34 -27.17
CA LYS F 47 16.62 21.98 -26.75
C LYS F 47 16.30 21.37 -25.41
N GLY F 48 16.10 20.06 -25.47
CA GLY F 48 16.12 19.19 -24.31
C GLY F 48 16.34 17.86 -25.00
N ALA F 49 16.80 16.87 -24.26
CA ALA F 49 16.97 15.55 -24.86
C ALA F 49 16.40 14.50 -23.94
N PHE F 50 15.96 13.38 -24.53
CA PHE F 50 15.31 12.35 -23.76
C PHE F 50 15.86 10.97 -24.10
N ARG F 51 16.22 10.23 -23.06
CA ARG F 51 16.59 8.83 -23.24
C ARG F 51 15.31 8.04 -23.48
N ILE F 52 15.14 7.58 -24.72
CA ILE F 52 14.08 6.61 -25.01
C ILE F 52 14.75 5.26 -25.08
N GLU F 53 13.97 4.20 -24.88
CA GLU F 53 14.51 2.86 -24.97
C GLU F 53 13.54 2.02 -25.75
N ILE F 54 14.02 1.31 -26.76
CA ILE F 54 13.19 0.43 -27.56
C ILE F 54 13.41 -1.03 -27.20
N ASN F 55 12.33 -1.71 -26.83
CA ASN F 55 12.41 -3.13 -26.54
C ASN F 55 11.68 -3.95 -27.59
N PHE F 56 12.46 -4.70 -28.37
CA PHE F 56 11.92 -5.65 -29.34
C PHE F 56 11.69 -7.04 -28.72
N PRO F 57 10.46 -7.56 -28.82
CA PRO F 57 10.15 -8.95 -28.47
C PRO F 57 10.81 -9.93 -29.46
N ALA F 58 11.21 -11.12 -29.01
CA ALA F 58 11.91 -12.08 -29.88
C ALA F 58 11.17 -12.50 -31.16
N GLU F 59 9.85 -12.49 -31.16
CA GLU F 59 9.11 -12.95 -32.34
C GLU F 59 9.02 -11.81 -33.36
N TYR F 60 9.71 -10.72 -33.07
CA TYR F 60 9.79 -9.60 -33.99
C TYR F 60 10.22 -10.11 -35.34
N PRO F 61 9.60 -9.63 -36.42
CA PRO F 61 8.61 -8.56 -36.57
C PRO F 61 7.16 -9.03 -36.45
N PHE F 62 6.91 -10.16 -35.80
CA PHE F 62 5.54 -10.64 -35.73
C PHE F 62 4.79 -9.95 -34.60
N LYS F 63 5.55 -9.38 -33.66
CA LYS F 63 4.98 -8.52 -32.62
C LYS F 63 5.80 -7.25 -32.51
N PRO F 64 5.13 -6.09 -32.47
CA PRO F 64 5.80 -4.78 -32.51
C PRO F 64 6.71 -4.55 -31.31
N PRO F 65 7.65 -3.60 -31.42
CA PRO F 65 8.47 -3.21 -30.27
C PRO F 65 7.71 -2.26 -29.33
N LYS F 66 8.19 -2.12 -28.09
CA LYS F 66 7.65 -1.14 -27.13
C LYS F 66 8.63 0.04 -27.02
N ILE F 67 8.13 1.23 -26.78
CA ILE F 67 9.02 2.37 -26.56
C ILE F 67 8.78 2.94 -25.18
N THR F 68 9.87 3.19 -24.47
CA THR F 68 9.82 3.74 -23.14
C THR F 68 10.69 4.97 -23.04
N PHE F 69 10.09 6.10 -22.71
CA PHE F 69 10.87 7.31 -22.45
C PHE F 69 11.46 7.20 -21.06
N LYS F 70 12.77 6.97 -21.00
CA LYS F 70 13.49 6.81 -19.74
C LYS F 70 13.89 8.16 -19.16
N THR F 71 13.40 9.22 -19.80
CA THR F 71 13.45 10.58 -19.27
C THR F 71 12.03 11.07 -19.03
N LYS F 72 11.76 11.66 -17.88
CA LYS F 72 10.44 12.15 -17.68
C LYS F 72 10.20 13.13 -18.80
N ILE F 73 8.95 13.42 -19.10
CA ILE F 73 8.60 14.42 -20.10
C ILE F 73 7.17 14.93 -19.85
N TYR F 74 6.89 16.11 -20.38
CA TYR F 74 5.55 16.67 -20.35
C TYR F 74 4.90 16.50 -21.72
N HIS F 75 4.16 15.40 -21.88
CA HIS F 75 3.56 15.05 -23.15
C HIS F 75 2.26 14.28 -22.91
N PRO F 76 1.19 14.67 -23.62
CA PRO F 76 -0.15 14.06 -23.47
C PRO F 76 -0.20 12.59 -23.93
N ASN F 77 0.74 12.19 -24.77
CA ASN F 77 0.72 10.85 -25.33
C ASN F 77 1.77 9.97 -24.68
N ILE F 78 2.36 10.49 -23.61
CA ILE F 78 3.39 9.80 -22.87
C ILE F 78 3.09 9.87 -21.39
N ASP F 79 2.78 8.74 -20.76
CA ASP F 79 2.45 8.83 -19.33
C ASP F 79 3.73 9.06 -18.52
N GLU F 80 3.59 9.14 -17.20
CA GLU F 80 4.67 9.59 -16.33
C GLU F 80 5.78 8.54 -16.14
N LYS F 81 5.44 7.27 -16.39
CA LYS F 81 6.35 6.15 -16.22
C LYS F 81 7.15 5.88 -17.49
N GLY F 82 6.89 6.68 -18.53
CA GLY F 82 7.65 6.61 -19.77
C GLY F 82 6.91 6.01 -20.96
N GLN F 83 5.87 5.24 -20.68
CA GLN F 83 5.15 4.50 -21.71
C GLN F 83 4.56 5.40 -22.80
N VAL F 84 4.94 5.14 -24.06
CA VAL F 84 4.41 5.92 -25.16
C VAL F 84 3.36 5.22 -25.99
N CYS F 85 2.20 5.84 -26.08
CA CYS F 85 1.15 5.40 -26.98
C CYS F 85 1.46 5.91 -28.40
N LEU F 86 2.02 5.02 -29.21
CA LEU F 86 2.41 5.33 -30.58
C LEU F 86 1.68 4.39 -31.54
N PRO F 87 0.73 4.93 -32.33
CA PRO F 87 -0.20 4.19 -33.20
C PRO F 87 0.44 3.13 -34.10
N VAL F 88 1.55 3.45 -34.76
CA VAL F 88 2.19 2.52 -35.69
C VAL F 88 2.86 1.35 -34.94
N ILE F 89 2.79 1.41 -33.62
CA ILE F 89 3.44 0.47 -32.74
C ILE F 89 2.35 -0.34 -32.00
N SER F 90 1.10 0.00 -32.27
CA SER F 90 -0.02 -0.61 -31.55
C SER F 90 -0.35 -2.00 -32.08
N ALA F 91 -0.99 -2.81 -31.24
CA ALA F 91 -1.38 -4.16 -31.61
C ALA F 91 -2.41 -4.15 -32.74
N GLU F 92 -3.06 -3.00 -32.92
CA GLU F 92 -4.10 -2.82 -33.93
C GLU F 92 -3.52 -2.47 -35.30
N ASN F 93 -2.41 -1.73 -35.35
CA ASN F 93 -1.87 -1.23 -36.63
C ASN F 93 -0.54 -1.85 -37.09
N TRP F 94 0.03 -2.73 -36.26
CA TRP F 94 1.34 -3.30 -36.54
C TRP F 94 1.32 -4.18 -37.78
N LYS F 95 2.28 -3.98 -38.66
CA LYS F 95 2.49 -4.85 -39.80
C LYS F 95 3.95 -5.28 -39.73
N PRO F 96 4.24 -6.56 -40.06
CA PRO F 96 5.61 -7.10 -40.10
C PRO F 96 6.55 -6.30 -41.01
N ALA F 97 6.05 -5.78 -42.12
CA ALA F 97 6.90 -5.03 -43.01
C ALA F 97 7.43 -3.74 -42.39
N THR F 98 6.74 -3.22 -41.38
CA THR F 98 7.08 -1.92 -40.79
C THR F 98 8.51 -1.88 -40.22
N LYS F 99 9.35 -1.04 -40.81
CA LYS F 99 10.75 -0.95 -40.40
C LYS F 99 10.92 0.11 -39.31
N THR F 100 11.93 -0.05 -38.46
CA THR F 100 12.07 0.79 -37.27
C THR F 100 12.29 2.30 -37.49
N ASP F 101 12.86 2.70 -38.61
CA ASP F 101 13.04 4.13 -38.84
C ASP F 101 11.70 4.89 -38.82
N GLN F 102 10.67 4.36 -39.48
CA GLN F 102 9.33 4.96 -39.44
C GLN F 102 8.80 5.06 -38.01
N VAL F 103 9.18 4.09 -37.18
CA VAL F 103 8.76 4.07 -35.77
C VAL F 103 9.36 5.27 -35.05
N ILE F 104 10.61 5.57 -35.37
CA ILE F 104 11.28 6.74 -34.84
C ILE F 104 10.74 8.04 -35.47
N GLN F 105 10.52 8.04 -36.78
CA GLN F 105 9.93 9.19 -37.44
C GLN F 105 8.52 9.46 -36.95
N SER F 106 7.80 8.40 -36.57
CA SER F 106 6.46 8.61 -36.06
C SER F 106 6.54 9.07 -34.62
N LEU F 107 7.64 8.76 -33.95
CA LEU F 107 7.81 9.17 -32.56
C LEU F 107 8.17 10.65 -32.46
N ILE F 108 9.00 11.13 -33.38
CA ILE F 108 9.33 12.56 -33.43
C ILE F 108 8.14 13.36 -33.96
N ALA F 109 7.39 12.80 -34.90
CA ALA F 109 6.17 13.45 -35.36
C ALA F 109 5.21 13.56 -34.19
N LEU F 110 5.30 12.60 -33.27
CA LEU F 110 4.41 12.58 -32.10
C LEU F 110 4.84 13.60 -31.04
N VAL F 111 6.13 13.88 -30.90
CA VAL F 111 6.52 14.94 -29.97
C VAL F 111 6.17 16.29 -30.62
N ASN F 112 6.63 16.54 -31.86
CA ASN F 112 6.33 17.75 -32.62
C ASN F 112 4.85 18.17 -32.55
N ASP F 113 3.94 17.26 -32.86
CA ASP F 113 2.50 17.51 -32.75
C ASP F 113 1.81 16.37 -32.01
N PRO F 114 1.43 16.61 -30.74
CA PRO F 114 0.63 15.64 -29.96
C PRO F 114 -0.77 15.46 -30.53
N GLN F 115 -1.50 14.45 -30.04
CA GLN F 115 -2.84 14.17 -30.51
C GLN F 115 -3.78 13.89 -29.32
N PRO F 116 -4.81 14.73 -29.15
CA PRO F 116 -5.65 14.73 -27.94
C PRO F 116 -6.79 13.70 -27.87
N GLU F 117 -7.35 13.25 -28.99
CA GLU F 117 -8.39 12.21 -28.93
C GLU F 117 -7.74 10.83 -28.73
N HIS F 118 -6.45 10.88 -28.46
CA HIS F 118 -5.58 9.72 -28.28
C HIS F 118 -4.74 9.90 -26.99
N PRO F 119 -5.37 10.22 -25.84
CA PRO F 119 -4.52 10.65 -24.74
C PRO F 119 -4.22 9.63 -23.63
N LEU F 120 -2.99 9.66 -23.13
CA LEU F 120 -2.59 8.84 -21.98
C LEU F 120 -2.71 9.64 -20.70
N ARG F 121 -2.45 10.94 -20.82
CA ARG F 121 -2.69 11.87 -19.73
C ARG F 121 -3.80 12.84 -20.13
N ALA F 122 -4.96 12.67 -19.51
CA ALA F 122 -6.16 13.41 -19.87
C ALA F 122 -6.05 14.91 -19.62
N ASP F 123 -5.49 15.29 -18.47
CA ASP F 123 -5.35 16.71 -18.12
C ASP F 123 -4.50 17.50 -19.13
N LEU F 124 -3.38 16.91 -19.57
CA LEU F 124 -2.52 17.56 -20.55
C LEU F 124 -3.17 17.60 -21.94
N ALA F 125 -3.94 16.56 -22.27
CA ALA F 125 -4.66 16.50 -23.54
C ALA F 125 -5.57 17.70 -23.69
N GLU F 126 -6.23 18.09 -22.60
CA GLU F 126 -7.10 19.25 -22.62
C GLU F 126 -6.27 20.53 -22.51
N GLU F 127 -5.16 20.48 -21.80
CA GLU F 127 -4.31 21.65 -21.66
C GLU F 127 -3.65 21.99 -23.00
N TYR F 128 -3.72 21.06 -23.95
CA TYR F 128 -3.20 21.29 -25.29
C TYR F 128 -4.33 21.69 -26.23
N SER F 129 -5.48 21.02 -26.07
CA SER F 129 -6.67 21.34 -26.85
C SER F 129 -7.18 22.73 -26.48
N LYS F 130 -6.91 23.10 -25.23
CA LYS F 130 -7.37 24.35 -24.65
C LYS F 130 -6.13 25.00 -24.01
N ASP F 131 -5.92 26.30 -24.24
CA ASP F 131 -4.66 26.96 -23.86
C ASP F 131 -3.44 26.28 -24.47
N ARG F 132 -3.23 26.39 -25.79
CA ARG F 132 -2.04 25.82 -26.41
C ARG F 132 -0.75 26.40 -25.81
N LYS F 133 -0.85 27.61 -25.26
CA LYS F 133 0.31 28.32 -24.74
C LYS F 133 0.56 28.08 -23.23
N LYS F 134 -0.50 27.81 -22.46
CA LYS F 134 -0.30 27.49 -21.05
C LYS F 134 0.44 26.17 -20.96
N PHE F 135 0.13 25.30 -21.92
CA PHE F 135 0.78 24.01 -22.06
C PHE F 135 2.29 24.15 -22.23
N CYS F 136 2.68 25.04 -23.13
CA CYS F 136 4.06 25.08 -23.62
C CYS F 136 5.06 25.84 -22.74
N LYS F 137 4.59 26.67 -21.82
CA LYS F 137 5.50 27.27 -20.86
C LYS F 137 5.85 26.23 -19.82
N ASN F 138 4.89 25.37 -19.53
CA ASN F 138 5.11 24.23 -18.65
C ASN F 138 6.07 23.21 -19.29
N ALA F 139 5.71 22.78 -20.49
CA ALA F 139 6.50 21.83 -21.26
C ALA F 139 7.97 22.23 -21.29
N GLU F 140 8.23 23.52 -21.47
CA GLU F 140 9.60 24.03 -21.57
C GLU F 140 10.36 23.92 -20.23
N GLU F 141 9.72 24.23 -19.14
CA GLU F 141 10.45 24.13 -17.91
C GLU F 141 10.82 22.70 -17.73
N PHE F 142 9.82 21.84 -17.89
CA PHE F 142 9.91 20.46 -17.45
C PHE F 142 10.87 19.68 -18.35
N THR F 143 11.14 20.23 -19.54
CA THR F 143 12.24 19.74 -20.36
C THR F 143 13.54 20.42 -19.93
N LYS F 144 13.39 21.48 -19.14
CA LYS F 144 14.52 22.20 -18.53
C LYS F 144 14.89 21.56 -17.18
N LYS F 145 13.87 21.31 -16.35
CA LYS F 145 14.08 20.76 -15.00
C LYS F 145 14.50 19.30 -15.01
N TYR F 146 13.96 18.52 -15.96
CA TYR F 146 14.20 17.09 -15.97
C TYR F 146 14.94 16.61 -17.21
N GLY F 147 15.11 17.48 -18.19
CA GLY F 147 15.65 17.10 -19.49
C GLY F 147 17.11 16.69 -19.52
N GLU F 148 17.70 16.72 -20.72
CA GLU F 148 19.12 16.38 -20.89
C GLU F 148 19.78 17.36 -21.88
N LYS F 149 21.03 17.11 -22.21
CA LYS F 149 21.85 18.03 -23.02
C LYS F 149 21.56 17.93 -24.52
N ARG F 150 22.36 18.62 -25.33
CA ARG F 150 22.26 18.63 -26.80
C ARG F 150 20.83 18.68 -27.36
N GLY G 12 21.06 26.11 41.10
CA GLY G 12 20.84 25.58 39.76
C GLY G 12 21.64 26.42 38.78
N PHE G 13 21.27 26.38 37.50
CA PHE G 13 22.07 27.02 36.47
C PHE G 13 22.16 28.54 36.62
N ARG G 14 21.04 29.20 36.91
CA ARG G 14 21.05 30.66 37.02
C ARG G 14 21.93 31.17 38.16
N TRP G 15 22.23 30.33 39.15
CA TRP G 15 23.16 30.74 40.19
C TRP G 15 24.58 30.47 39.76
N LYS G 16 24.78 29.31 39.15
CA LYS G 16 26.10 28.91 38.70
C LYS G 16 26.68 29.97 37.75
N LEU G 17 25.83 30.45 36.85
CA LEU G 17 26.19 31.48 35.91
C LEU G 17 26.60 32.77 36.61
N ALA G 18 25.79 33.21 37.57
CA ALA G 18 26.12 34.41 38.33
C ALA G 18 27.44 34.19 39.06
N HIS G 19 27.65 32.98 39.54
CA HIS G 19 28.83 32.66 40.30
C HIS G 19 30.05 32.83 39.39
N PHE G 20 29.96 32.25 38.20
CA PHE G 20 31.01 32.31 37.18
C PHE G 20 31.26 33.74 36.70
N ARG G 21 30.18 34.38 36.24
CA ARG G 21 30.23 35.76 35.81
C ARG G 21 30.80 36.62 36.93
N TYR G 22 30.69 36.15 38.17
CA TYR G 22 31.29 36.86 39.30
C TYR G 22 32.79 36.61 39.32
N LEU G 23 33.20 35.36 39.13
CA LEU G 23 34.61 34.98 39.20
C LEU G 23 35.40 35.80 38.20
N CYS G 24 34.89 35.85 36.98
CA CYS G 24 35.49 36.64 35.91
C CYS G 24 35.56 38.11 36.26
N GLN G 25 34.48 38.70 36.75
CA GLN G 25 34.52 40.13 37.05
C GLN G 25 35.52 40.43 38.16
N SER G 26 35.76 39.47 39.04
CA SER G 26 36.62 39.76 40.16
C SER G 26 38.06 39.49 39.78
N ASN G 27 38.22 38.78 38.67
CA ASN G 27 39.54 38.41 38.17
C ASN G 27 39.92 39.16 36.91
N ALA G 28 39.17 40.23 36.62
CA ALA G 28 39.43 41.04 35.45
C ALA G 28 40.55 41.99 35.82
N LEU G 29 41.51 42.16 34.90
CA LEU G 29 42.69 42.98 35.19
C LEU G 29 42.50 44.44 34.72
N PRO G 30 43.21 45.35 35.38
CA PRO G 30 43.01 46.73 34.98
C PRO G 30 43.62 46.99 33.61
N SER G 31 43.40 48.21 33.09
CA SER G 31 43.86 48.62 31.76
C SER G 31 43.17 47.80 30.69
N HIS G 32 43.87 47.57 29.57
CA HIS G 32 43.24 46.95 28.41
C HIS G 32 44.23 46.21 27.52
N VAL G 33 43.68 45.45 26.56
CA VAL G 33 44.43 44.98 25.40
C VAL G 33 43.81 45.45 24.12
N LYS G 34 44.65 45.92 23.21
CA LYS G 34 44.20 46.32 21.89
C LYS G 34 44.50 45.19 20.94
N ILE G 35 43.44 44.66 20.30
CA ILE G 35 43.61 43.72 19.20
C ILE G 35 43.32 44.45 17.88
N ASN G 36 44.37 44.61 17.06
CA ASN G 36 44.30 45.34 15.79
C ASN G 36 44.38 44.44 14.54
N VAL G 37 43.23 44.21 13.89
CA VAL G 37 43.17 43.31 12.74
C VAL G 37 42.41 43.94 11.55
N SER G 38 42.68 43.48 10.33
CA SER G 38 41.83 43.84 9.17
C SER G 38 41.19 42.60 8.55
N ARG G 39 40.02 42.76 7.94
CA ARG G 39 39.20 41.62 7.52
C ARG G 39 39.92 40.56 6.68
N GLN G 40 40.80 40.99 5.78
CA GLN G 40 41.43 40.05 4.85
C GLN G 40 42.63 39.35 5.51
N THR G 41 42.91 39.71 6.75
CA THR G 41 43.96 39.05 7.52
C THR G 41 43.48 38.73 8.95
N LEU G 42 42.16 38.68 9.10
CA LEU G 42 41.49 38.42 10.37
C LEU G 42 42.09 37.25 11.17
N PHE G 43 42.15 36.07 10.57
CA PHE G 43 42.77 34.93 11.22
C PHE G 43 44.21 35.21 11.68
N GLU G 44 45.10 35.39 10.71
CA GLU G 44 46.56 35.51 10.92
C GLU G 44 46.94 36.71 11.78
N ASP G 45 46.14 37.77 11.75
CA ASP G 45 46.45 38.93 12.56
C ASP G 45 46.10 38.63 14.00
N SER G 46 44.93 38.03 14.19
CA SER G 46 44.45 37.69 15.51
C SER G 46 45.37 36.67 16.14
N PHE G 47 45.76 35.68 15.35
CA PHE G 47 46.75 34.78 15.86
C PHE G 47 47.93 35.56 16.40
N GLN G 48 48.40 36.52 15.61
CA GLN G 48 49.62 37.26 15.95
C GLN G 48 49.37 38.07 17.20
N GLN G 49 48.23 38.72 17.18
CA GLN G 49 47.87 39.71 18.17
C GLN G 49 47.80 39.06 19.52
N ILE G 50 47.05 37.97 19.54
CA ILE G 50 46.71 37.26 20.76
C ILE G 50 47.95 36.57 21.29
N MET G 51 48.65 35.86 20.41
CA MET G 51 49.70 34.98 20.83
C MET G 51 50.89 35.76 21.33
N ALA G 52 50.96 37.05 21.03
CA ALA G 52 52.10 37.83 21.50
C ALA G 52 51.87 38.29 22.94
N LEU G 53 50.62 38.22 23.40
CA LEU G 53 50.27 38.62 24.77
C LEU G 53 50.31 37.47 25.78
N LYS G 54 50.63 37.79 27.03
CA LYS G 54 50.42 36.83 28.10
C LYS G 54 48.94 36.44 28.19
N PRO G 55 48.65 35.12 28.36
CA PRO G 55 47.28 34.64 28.53
C PRO G 55 46.42 35.55 29.41
N TYR G 56 46.87 35.91 30.61
CA TYR G 56 46.04 36.76 31.43
C TYR G 56 45.93 38.21 30.96
N ASP G 57 46.63 38.63 29.91
CA ASP G 57 46.36 39.96 29.42
C ASP G 57 45.03 39.91 28.71
N LEU G 58 44.66 38.71 28.23
CA LEU G 58 43.32 38.49 27.63
C LEU G 58 42.18 38.73 28.61
N ARG G 59 42.52 38.93 29.88
CA ARG G 59 41.56 39.22 30.94
C ARG G 59 41.34 40.70 31.13
N ARG G 60 42.20 41.51 30.52
CA ARG G 60 42.03 42.95 30.61
C ARG G 60 40.85 43.37 29.74
N ARG G 61 40.52 44.66 29.76
CA ARG G 61 39.45 45.15 28.90
C ARG G 61 39.90 44.96 27.45
N LEU G 62 38.97 44.63 26.56
CA LEU G 62 39.35 44.40 25.17
C LEU G 62 38.93 45.55 24.27
N TYR G 63 39.86 46.06 23.47
CA TYR G 63 39.56 46.96 22.35
C TYR G 63 39.83 46.24 21.03
N VAL G 64 38.79 45.95 20.25
CA VAL G 64 39.06 45.54 18.86
C VAL G 64 38.98 46.75 17.88
N ILE G 65 39.99 46.87 17.02
CA ILE G 65 40.08 47.89 15.99
C ILE G 65 40.15 47.23 14.62
N PHE G 66 39.19 47.50 13.75
CA PHE G 66 39.24 46.97 12.39
C PHE G 66 39.89 47.92 11.37
N ARG G 67 41.20 47.76 11.24
CA ARG G 67 42.09 48.57 10.40
C ARG G 67 41.60 48.86 8.98
N GLY G 68 41.77 50.11 8.55
CA GLY G 68 41.53 50.50 7.17
C GLY G 68 40.12 51.02 6.91
N GLU G 69 39.19 50.40 7.63
CA GLU G 69 37.79 50.74 7.60
C GLU G 69 37.51 50.69 9.07
N GLU G 70 37.68 51.83 9.70
CA GLU G 70 37.44 51.98 11.15
C GLU G 70 36.35 52.98 11.48
N GLY G 71 35.35 53.12 10.60
CA GLY G 71 34.20 53.97 10.88
C GLY G 71 33.90 53.93 12.36
N TYR G 74 31.33 51.73 16.05
CA TYR G 74 31.95 51.29 14.81
C TYR G 74 30.99 50.80 13.70
N GLY G 75 29.89 50.07 13.97
CA GLY G 75 29.22 49.85 15.26
C GLY G 75 29.97 49.23 16.42
N LEU G 77 31.49 47.42 18.35
CA LEU G 77 31.58 45.99 18.67
C LEU G 77 32.91 45.29 18.45
N ALA G 78 33.35 44.63 19.51
CA ALA G 78 34.35 43.58 19.47
C ALA G 78 33.63 42.24 19.51
N ARG G 79 32.33 42.32 19.81
CA ARG G 79 31.42 41.20 19.74
C ARG G 79 31.35 40.65 18.32
N GLU G 80 31.51 41.53 17.33
CA GLU G 80 31.49 41.06 15.97
C GLU G 80 32.74 40.25 15.69
N TRP G 81 33.88 40.73 16.21
CA TRP G 81 35.18 40.04 16.06
C TRP G 81 35.17 38.57 16.54
N PHE G 82 34.57 38.30 17.70
CA PHE G 82 34.49 36.92 18.18
C PHE G 82 33.76 36.04 17.16
N PHE G 83 32.65 36.53 16.62
CA PHE G 83 31.90 35.75 15.65
C PHE G 83 32.68 35.58 14.34
N LEU G 84 33.25 36.67 13.83
CA LEU G 84 33.94 36.57 12.56
C LEU G 84 35.14 35.64 12.64
N LEU G 85 35.88 35.75 13.74
CA LEU G 85 37.11 35.00 13.88
C LEU G 85 36.80 33.53 14.11
N SER G 86 35.74 33.26 14.85
CA SER G 86 35.35 31.88 15.15
C SER G 86 34.90 31.20 13.89
N HIS G 87 34.33 31.98 12.98
CA HIS G 87 33.77 31.42 11.77
C HIS G 87 34.94 30.99 10.90
N GLU G 88 36.11 31.54 11.20
CA GLU G 88 37.31 31.20 10.45
C GLU G 88 38.12 30.04 11.06
N VAL G 89 38.54 30.15 12.32
CA VAL G 89 39.27 29.06 12.95
C VAL G 89 38.50 27.73 12.87
N LEU G 90 37.17 27.79 12.87
CA LEU G 90 36.40 26.56 12.96
C LEU G 90 36.13 25.98 11.59
N ASN G 91 36.51 26.72 10.55
CA ASN G 91 36.26 26.28 9.20
C ASN G 91 37.05 24.99 8.96
N PRO G 92 36.34 23.89 8.68
CA PRO G 92 36.93 22.55 8.53
C PRO G 92 38.04 22.46 7.47
N MET G 93 38.17 23.48 6.62
CA MET G 93 39.15 23.40 5.55
C MET G 93 40.56 23.72 6.05
N TYR G 94 40.63 24.48 7.14
CA TYR G 94 41.91 24.64 7.82
C TYR G 94 42.29 23.35 8.56
N CYS G 95 41.39 22.38 8.54
CA CYS G 95 41.70 21.03 9.00
C CYS G 95 42.12 21.01 10.48
N LEU G 96 41.55 21.90 11.29
CA LEU G 96 41.77 21.84 12.73
C LEU G 96 40.55 21.14 13.39
N PHE G 97 39.38 21.71 13.17
CA PHE G 97 38.12 21.09 13.56
C PHE G 97 37.31 20.61 12.37
N GLU G 98 36.61 19.50 12.54
CA GLU G 98 35.76 18.93 11.51
C GLU G 98 34.34 18.72 12.03
N TYR G 99 33.38 18.94 11.14
CA TYR G 99 32.01 18.47 11.33
C TYR G 99 31.98 17.03 11.88
N ALA G 100 31.02 16.75 12.76
CA ALA G 100 31.00 15.46 13.47
C ALA G 100 30.26 14.36 12.71
N GLY G 101 29.14 14.73 12.07
CA GLY G 101 28.35 13.77 11.33
C GLY G 101 27.89 14.28 9.97
N LYS G 102 26.93 13.59 9.38
CA LYS G 102 26.56 13.80 7.97
C LYS G 102 25.92 15.17 7.74
N ASN G 103 24.71 15.36 8.26
CA ASN G 103 24.09 16.68 8.27
C ASN G 103 24.21 17.28 9.66
N ASN G 104 25.30 16.89 10.31
CA ASN G 104 25.72 17.46 11.59
C ASN G 104 26.76 18.57 11.36
N TYR G 105 26.52 19.77 11.88
CA TYR G 105 27.50 20.85 11.75
C TYR G 105 28.03 21.30 13.12
N CYS G 106 28.30 20.34 13.99
CA CYS G 106 29.03 20.63 15.22
C CYS G 106 30.44 20.06 15.10
N LEU G 107 31.37 20.63 15.85
CA LEU G 107 32.79 20.44 15.56
C LEU G 107 33.56 19.59 16.52
N GLN G 108 34.52 18.84 15.97
CA GLN G 108 35.43 18.01 16.76
C GLN G 108 36.80 18.13 16.12
N ILE G 109 37.83 17.91 16.89
CA ILE G 109 39.19 18.02 16.42
C ILE G 109 39.48 17.04 15.31
N ASN G 110 40.04 17.52 14.19
CA ASN G 110 40.38 16.64 13.08
C ASN G 110 41.68 15.94 13.36
N PRO G 111 41.69 14.60 13.29
CA PRO G 111 42.98 13.93 13.54
C PRO G 111 44.02 14.20 12.43
N ALA G 112 43.59 14.76 11.30
CA ALA G 112 44.51 15.08 10.21
C ALA G 112 45.18 16.46 10.38
N SER G 113 44.95 17.11 11.51
CA SER G 113 45.46 18.44 11.72
C SER G 113 46.98 18.48 11.76
N THR G 114 47.61 17.31 11.71
CA THR G 114 49.08 17.27 11.78
C THR G 114 49.81 17.66 10.47
N ILE G 115 49.07 18.00 9.40
CA ILE G 115 49.74 18.36 8.15
C ILE G 115 50.16 19.81 8.17
N ASN G 116 49.46 20.62 8.95
CA ASN G 116 49.97 21.95 9.21
C ASN G 116 50.80 21.83 10.46
N PRO G 117 52.13 21.78 10.32
CA PRO G 117 53.04 21.53 11.44
C PRO G 117 52.87 22.50 12.62
N ASP G 118 52.17 23.60 12.39
CA ASP G 118 52.02 24.60 13.42
C ASP G 118 50.78 24.38 14.23
N HIS G 119 50.06 23.32 13.88
CA HIS G 119 48.69 23.10 14.35
C HIS G 119 48.54 23.18 15.86
N LEU G 120 49.45 22.59 16.63
CA LEU G 120 49.27 22.66 18.08
C LEU G 120 49.28 24.10 18.60
N SER G 121 50.10 24.94 17.95
CA SER G 121 50.20 26.36 18.28
C SER G 121 48.80 26.97 18.08
N TYR G 122 48.15 26.55 17.02
CA TYR G 122 46.86 27.09 16.65
C TYR G 122 45.78 26.56 17.65
N PHE G 123 45.78 25.28 17.95
CA PHE G 123 44.89 24.75 18.98
C PHE G 123 45.12 25.43 20.33
N CYS G 124 46.36 25.70 20.69
CA CYS G 124 46.56 26.47 21.90
C CYS G 124 45.94 27.89 21.77
N PHE G 125 46.04 28.46 20.56
CA PHE G 125 45.50 29.78 20.23
C PHE G 125 43.98 29.76 20.37
N ILE G 126 43.37 28.79 19.70
CA ILE G 126 41.92 28.58 19.71
C ILE G 126 41.40 28.38 21.15
N GLY G 127 42.11 27.57 21.94
CA GLY G 127 41.79 27.38 23.34
C GLY G 127 41.73 28.69 24.11
N ARG G 128 42.82 29.44 24.03
CA ARG G 128 42.84 30.78 24.62
C ARG G 128 41.67 31.62 24.11
N PHE G 129 41.39 31.52 22.82
CA PHE G 129 40.38 32.36 22.21
C PHE G 129 39.02 32.12 22.85
N ILE G 130 38.59 30.88 22.74
CA ILE G 130 37.33 30.41 23.31
C ILE G 130 37.17 30.79 24.80
N ALA G 131 38.23 30.58 25.57
CA ALA G 131 38.20 30.98 26.98
C ALA G 131 38.01 32.47 27.10
N MET G 132 38.60 33.24 26.18
CA MET G 132 38.50 34.71 26.21
C MET G 132 37.06 35.17 26.01
N ALA G 133 36.39 34.61 24.99
CA ALA G 133 34.96 34.82 24.80
C ALA G 133 34.19 34.56 26.10
N LEU G 134 34.34 33.34 26.61
CA LEU G 134 33.71 32.96 27.86
C LEU G 134 33.91 33.97 28.96
N PHE G 135 35.15 34.40 29.13
CA PHE G 135 35.52 35.31 30.19
C PHE G 135 34.88 36.66 30.01
N HIS G 136 34.82 37.09 28.75
CA HIS G 136 34.26 38.38 28.43
C HIS G 136 32.75 38.29 28.23
N GLY G 137 32.20 37.08 28.17
CA GLY G 137 30.76 36.93 28.04
C GLY G 137 30.23 37.15 26.64
N LYS G 138 31.04 36.81 25.65
CA LYS G 138 30.61 36.88 24.25
C LYS G 138 30.34 35.50 23.68
N PHE G 139 29.37 35.38 22.78
CA PHE G 139 28.99 34.10 22.23
C PHE G 139 29.73 33.75 20.94
N ILE G 140 29.74 32.46 20.60
CA ILE G 140 30.52 31.88 19.50
C ILE G 140 29.62 31.18 18.47
N ASP G 141 29.90 31.42 17.19
CA ASP G 141 29.00 31.02 16.10
C ASP G 141 28.62 29.54 16.15
N THR G 142 29.60 28.68 15.97
CA THR G 142 29.32 27.26 16.09
C THR G 142 29.99 26.70 17.33
N GLY G 143 29.23 25.97 18.12
CA GLY G 143 29.82 25.33 19.26
C GLY G 143 30.44 24.02 18.84
N PHE G 144 30.85 23.24 19.83
CA PHE G 144 31.37 21.91 19.59
C PHE G 144 30.33 20.87 20.01
N SER G 145 30.64 19.60 19.74
CA SER G 145 29.76 18.52 20.16
C SER G 145 29.77 18.42 21.68
N LEU G 146 28.68 17.91 22.24
CA LEU G 146 28.62 17.68 23.67
C LEU G 146 29.78 16.74 24.14
N PRO G 147 30.08 15.65 23.40
CA PRO G 147 31.30 14.93 23.82
C PRO G 147 32.55 15.82 23.97
N PHE G 148 32.70 16.88 23.14
CA PHE G 148 33.88 17.75 23.20
C PHE G 148 33.80 18.58 24.51
N TYR G 149 32.61 19.10 24.80
CA TYR G 149 32.37 19.80 26.05
C TYR G 149 32.58 18.90 27.28
N LYS G 150 32.26 17.62 27.18
CA LYS G 150 32.48 16.73 28.33
C LYS G 150 33.96 16.53 28.61
N ARG G 151 34.79 16.49 27.56
CA ARG G 151 36.22 16.33 27.78
C ARG G 151 36.82 17.61 28.35
N MET G 152 36.22 18.76 28.06
CA MET G 152 36.69 20.00 28.70
C MET G 152 36.44 19.88 30.19
N LEU G 153 35.29 19.28 30.51
CA LEU G 153 34.83 19.27 31.86
C LEU G 153 35.36 18.04 32.61
N SER G 154 36.13 17.21 31.89
CA SER G 154 36.82 16.03 32.44
C SER G 154 35.83 14.95 32.82
N LYS G 155 34.76 14.84 32.04
CA LYS G 155 33.71 13.89 32.32
C LYS G 155 33.95 12.65 31.46
N LYS G 156 33.76 11.46 32.00
CA LYS G 156 34.02 10.24 31.24
C LYS G 156 33.01 10.12 30.10
N LEU G 157 33.43 9.51 29.01
CA LEU G 157 32.55 9.45 27.85
C LEU G 157 31.89 8.07 27.70
N THR G 158 30.56 8.10 27.68
CA THR G 158 29.74 6.89 27.67
C THR G 158 29.41 6.40 26.26
N ILE G 159 28.96 5.16 26.17
CA ILE G 159 28.47 4.65 24.91
C ILE G 159 27.19 5.37 24.47
N LYS G 160 26.48 6.04 25.37
CA LYS G 160 25.40 6.93 24.90
C LYS G 160 26.01 8.03 24.04
N ASP G 161 27.19 8.50 24.44
CA ASP G 161 27.85 9.61 23.76
C ASP G 161 28.17 9.25 22.29
N LEU G 162 28.37 7.96 22.01
CA LEU G 162 28.53 7.50 20.64
C LEU G 162 27.26 7.64 19.80
N GLU G 163 26.11 7.52 20.45
CA GLU G 163 24.88 7.49 19.69
C GLU G 163 24.68 8.84 18.99
N SER G 164 25.13 9.92 19.62
CA SER G 164 25.05 11.25 19.01
C SER G 164 26.06 11.46 17.90
N ILE G 165 27.32 11.10 18.16
CA ILE G 165 28.43 11.25 17.22
C ILE G 165 28.37 10.31 16.00
N ASP G 166 28.52 9.01 16.25
CA ASP G 166 28.65 8.04 15.16
C ASP G 166 27.64 6.88 15.32
N THR G 167 26.42 7.09 14.86
CA THR G 167 25.33 6.14 15.08
C THR G 167 25.59 4.74 14.50
N GLU G 168 26.16 4.66 13.30
CA GLU G 168 26.48 3.36 12.73
C GLU G 168 27.49 2.62 13.60
N PHE G 169 28.48 3.35 14.09
CA PHE G 169 29.50 2.79 14.98
C PHE G 169 28.90 2.31 16.30
N TYR G 170 28.01 3.13 16.85
CA TYR G 170 27.31 2.80 18.08
C TYR G 170 26.54 1.52 17.87
N ASN G 171 25.87 1.43 16.73
CA ASN G 171 24.98 0.32 16.47
C ASN G 171 25.71 -0.99 16.41
N SER G 172 26.91 -0.97 15.85
CA SER G 172 27.75 -2.18 15.79
C SER G 172 28.21 -2.62 17.17
N LEU G 173 28.58 -1.67 18.00
CA LEU G 173 29.13 -2.02 19.28
C LEU G 173 28.01 -2.60 20.17
N ILE G 174 26.80 -2.07 19.97
CA ILE G 174 25.65 -2.50 20.72
C ILE G 174 25.12 -3.85 20.17
N TRP G 175 25.20 -4.02 18.86
CA TRP G 175 24.79 -5.26 18.26
C TRP G 175 25.69 -6.33 18.80
N ILE G 176 26.96 -5.98 18.95
CA ILE G 176 27.95 -6.88 19.51
C ILE G 176 27.59 -7.21 20.96
N ARG G 177 27.15 -6.21 21.69
CA ARG G 177 26.74 -6.42 23.06
C ARG G 177 25.54 -7.33 23.16
N ASP G 178 24.58 -7.05 22.30
CA ASP G 178 23.26 -7.65 22.42
C ASP G 178 23.17 -9.04 21.79
N ASN G 179 24.22 -9.41 21.04
CA ASN G 179 24.19 -10.69 20.36
C ASN G 179 25.33 -11.63 20.71
N ASN G 180 25.11 -12.92 20.43
CA ASN G 180 26.13 -13.91 20.67
C ASN G 180 27.05 -14.12 19.44
N ILE G 181 28.35 -14.28 19.68
CA ILE G 181 29.30 -14.77 18.67
C ILE G 181 29.45 -16.30 18.76
N GLU G 182 28.29 -16.93 18.62
CA GLU G 182 28.12 -18.34 18.29
C GLU G 182 27.77 -18.35 16.82
N GLU G 183 28.12 -17.25 16.15
CA GLU G 183 27.49 -16.87 14.89
C GLU G 183 27.71 -17.82 13.70
N CYS G 184 28.49 -18.90 13.92
CA CYS G 184 28.96 -19.87 12.90
C CYS G 184 29.78 -19.16 11.82
N GLY G 185 30.26 -17.98 12.18
CA GLY G 185 30.92 -17.00 11.32
C GLY G 185 31.32 -15.88 12.28
N LEU G 186 32.00 -14.86 11.79
CA LEU G 186 32.40 -13.72 12.62
C LEU G 186 33.58 -13.71 13.60
N GLU G 187 34.78 -13.54 13.05
CA GLU G 187 35.93 -13.02 13.76
C GLU G 187 36.31 -11.53 13.81
N MET G 188 36.71 -11.08 14.99
CA MET G 188 37.15 -9.71 15.19
C MET G 188 38.32 -9.79 16.12
N TYR G 189 39.17 -8.78 16.11
CA TYR G 189 40.32 -8.80 16.99
C TYR G 189 40.43 -7.49 17.74
N PHE G 190 41.22 -7.46 18.80
CA PHE G 190 41.38 -6.28 19.63
C PHE G 190 42.24 -5.20 18.97
N SER G 191 42.11 -5.08 17.65
CA SER G 191 42.76 -4.02 16.90
C SER G 191 41.74 -3.31 16.01
N VAL G 192 42.09 -2.10 15.59
CA VAL G 192 41.20 -1.28 14.76
C VAL G 192 42.03 -0.45 13.79
N ASP G 193 41.50 -0.29 12.59
CA ASP G 193 42.14 0.55 11.59
C ASP G 193 41.55 1.95 11.61
N MET G 194 42.39 2.92 11.28
CA MET G 194 41.94 4.29 11.05
C MET G 194 42.55 4.81 9.77
N GLU G 195 41.75 5.54 9.01
CA GLU G 195 42.24 6.25 7.83
C GLU G 195 42.38 7.75 8.10
N ILE G 196 43.61 8.24 7.93
CA ILE G 196 43.89 9.68 8.02
C ILE G 196 44.50 10.18 6.70
N LEU G 197 43.75 11.04 6.02
CA LEU G 197 44.14 11.58 4.71
C LEU G 197 44.43 10.47 3.72
N GLY G 198 43.72 9.36 3.86
CA GLY G 198 43.86 8.26 2.94
C GLY G 198 44.95 7.30 3.35
N LYS G 199 45.67 7.56 4.43
CA LYS G 199 46.62 6.58 4.95
C LYS G 199 46.04 5.68 6.07
N VAL G 200 46.15 4.36 5.90
CA VAL G 200 45.61 3.45 6.91
C VAL G 200 46.63 3.00 7.96
N THR G 201 46.37 3.38 9.21
CA THR G 201 47.16 2.91 10.35
C THR G 201 46.41 1.82 11.12
N SER G 202 47.15 0.89 11.70
CA SER G 202 46.57 -0.16 12.56
C SER G 202 46.79 0.14 14.04
N HIS G 203 45.71 0.21 14.80
CA HIS G 203 45.84 0.44 16.24
C HIS G 203 45.55 -0.84 17.06
N ASP G 204 46.49 -1.24 17.89
CA ASP G 204 46.20 -2.29 18.85
C ASP G 204 45.49 -1.61 20.01
N LEU G 205 44.46 -2.25 20.56
CA LEU G 205 43.64 -1.63 21.62
C LEU G 205 44.25 -1.92 22.99
N LYS G 206 45.02 -3.00 23.06
CA LYS G 206 45.79 -3.32 24.25
C LYS G 206 46.94 -4.24 23.86
N LEU G 207 47.85 -4.48 24.81
CA LEU G 207 48.82 -5.60 24.76
C LEU G 207 49.42 -5.84 23.38
N GLY G 208 49.18 -7.02 22.83
CA GLY G 208 49.46 -7.27 21.41
C GLY G 208 48.12 -7.53 20.76
N GLY G 209 47.23 -6.53 20.81
CA GLY G 209 45.86 -6.71 20.38
C GLY G 209 45.61 -7.20 18.99
N SER G 210 46.62 -7.12 18.13
CA SER G 210 46.50 -7.37 16.69
C SER G 210 45.94 -8.76 16.41
N ASN G 211 46.39 -9.72 17.21
CA ASN G 211 46.11 -11.13 17.00
C ASN G 211 45.38 -11.78 18.18
N ILE G 212 44.87 -10.93 19.08
CA ILE G 212 43.99 -11.37 20.16
C ILE G 212 42.54 -11.42 19.67
N LEU G 213 41.91 -12.59 19.70
CA LEU G 213 40.57 -12.74 19.11
C LEU G 213 39.44 -12.34 20.06
N VAL G 214 38.46 -11.62 19.51
CA VAL G 214 37.34 -11.14 20.31
C VAL G 214 36.31 -12.21 20.49
N THR G 215 36.11 -12.57 21.75
CA THR G 215 35.23 -13.66 22.10
C THR G 215 33.91 -13.21 22.69
N GLU G 216 33.38 -14.04 23.59
CA GLU G 216 32.14 -13.76 24.25
C GLU G 216 32.37 -13.30 25.68
N GLU G 217 33.54 -13.60 26.23
CA GLU G 217 33.79 -13.22 27.62
C GLU G 217 34.69 -12.00 27.76
N ASN G 218 35.28 -11.55 26.65
CA ASN G 218 36.01 -10.29 26.67
C ASN G 218 35.41 -9.20 25.76
N LYS G 219 34.35 -9.51 25.00
CA LYS G 219 33.76 -8.49 24.13
C LYS G 219 33.32 -7.28 24.95
N ASP G 220 33.10 -7.52 26.24
CA ASP G 220 32.89 -6.49 27.24
C ASP G 220 34.04 -5.48 27.29
N GLU G 221 35.28 -5.96 27.32
CA GLU G 221 36.45 -5.11 27.35
C GLU G 221 36.72 -4.51 25.97
N TYR G 222 36.30 -5.21 24.93
CA TYR G 222 36.44 -4.72 23.58
C TYR G 222 35.48 -3.55 23.29
N ILE G 223 34.19 -3.70 23.61
CA ILE G 223 33.20 -2.63 23.43
C ILE G 223 33.69 -1.35 24.12
N GLY G 224 34.26 -1.51 25.30
CA GLY G 224 34.69 -0.39 26.11
C GLY G 224 35.86 0.37 25.51
N LEU G 225 36.78 -0.38 24.91
CA LEU G 225 37.98 0.19 24.31
C LEU G 225 37.73 0.82 22.91
N MET G 226 36.81 0.25 22.13
CA MET G 226 36.39 0.85 20.86
C MET G 226 35.75 2.20 21.11
N THR G 227 35.09 2.31 22.26
CA THR G 227 34.39 3.52 22.65
C THR G 227 35.34 4.61 23.17
N GLU G 228 36.39 4.15 23.83
CA GLU G 228 37.51 4.98 24.25
C GLU G 228 38.14 5.57 23.00
N TRP G 229 38.60 4.68 22.13
CA TRP G 229 39.28 5.01 20.90
C TRP G 229 38.50 5.96 19.98
N ARG G 230 37.23 5.71 19.78
CA ARG G 230 36.44 6.53 18.87
C ARG G 230 36.53 8.02 19.25
N PHE G 231 36.61 8.30 20.55
CA PHE G 231 36.59 9.68 21.04
C PHE G 231 37.92 10.43 21.03
N SER G 232 39.03 9.70 21.08
CA SER G 232 40.33 10.35 21.21
C SER G 232 41.38 9.86 20.19
N ARG G 233 40.93 9.27 19.08
CA ARG G 233 41.84 8.66 18.10
C ARG G 233 42.59 9.76 17.33
N GLY G 234 43.89 9.80 17.59
CA GLY G 234 44.78 10.73 16.92
C GLY G 234 44.52 12.19 17.26
N VAL G 235 43.92 12.46 18.40
CA VAL G 235 43.68 13.87 18.76
C VAL G 235 44.11 14.15 20.18
N GLN G 236 45.04 13.34 20.67
CA GLN G 236 45.59 13.53 22.01
C GLN G 236 46.26 14.89 22.16
N GLU G 237 47.21 15.18 21.27
CA GLU G 237 48.03 16.38 21.42
C GLU G 237 47.21 17.65 21.12
N GLN G 238 46.37 17.58 20.08
CA GLN G 238 45.44 18.65 19.78
C GLN G 238 44.64 19.04 20.99
N THR G 239 44.07 18.02 21.67
CA THR G 239 43.12 18.24 22.74
C THR G 239 43.82 18.89 23.92
N LYS G 240 45.00 18.37 24.26
CA LYS G 240 45.74 18.90 25.41
C LYS G 240 46.21 20.35 25.16
N ALA G 241 46.61 20.67 23.94
CA ALA G 241 47.07 22.04 23.61
C ALA G 241 45.94 23.05 23.75
N PHE G 242 44.81 22.72 23.11
CA PHE G 242 43.56 23.42 23.31
C PHE G 242 43.22 23.66 24.81
N LEU G 243 43.19 22.58 25.62
CA LEU G 243 42.82 22.73 27.03
C LEU G 243 43.85 23.55 27.82
N ASP G 244 45.12 23.35 27.49
CA ASP G 244 46.18 24.05 28.21
C ASP G 244 45.97 25.52 27.97
N GLY G 245 45.66 25.85 26.73
CA GLY G 245 45.56 27.23 26.32
C GLY G 245 44.29 27.79 26.90
N PHE G 246 43.21 27.04 26.73
CA PHE G 246 41.97 27.47 27.35
C PHE G 246 42.21 27.79 28.83
N ASN G 247 42.94 26.88 29.50
CA ASN G 247 43.11 26.90 30.94
C ASN G 247 44.00 28.03 31.40
N GLU G 248 44.77 28.60 30.48
CA GLU G 248 45.67 29.70 30.85
C GLU G 248 44.86 30.98 31.04
N VAL G 249 43.74 31.07 30.32
CA VAL G 249 42.91 32.28 30.33
C VAL G 249 41.83 32.19 31.39
N VAL G 250 41.06 31.11 31.29
CA VAL G 250 40.00 30.76 32.26
C VAL G 250 40.22 29.36 32.84
N PRO G 251 40.71 29.30 34.08
CA PRO G 251 41.04 28.07 34.83
C PRO G 251 39.89 27.09 34.75
N LEU G 252 40.15 25.87 34.29
CA LEU G 252 39.06 24.92 34.07
C LEU G 252 38.29 24.62 35.38
N GLN G 253 38.89 24.92 36.53
CA GLN G 253 38.18 24.71 37.77
C GLN G 253 36.96 25.62 37.91
N TRP G 254 36.94 26.76 37.23
CA TRP G 254 35.76 27.61 37.31
C TRP G 254 34.55 27.00 36.62
N LEU G 255 34.76 25.92 35.89
CA LEU G 255 33.65 25.23 35.27
C LEU G 255 33.31 23.94 36.03
N GLN G 256 33.82 23.83 37.25
CA GLN G 256 33.60 22.65 38.08
C GLN G 256 32.13 22.28 38.09
N TYR G 257 31.29 23.28 38.41
CA TYR G 257 29.88 23.08 38.73
C TYR G 257 28.99 23.03 37.50
N PHE G 258 29.61 22.88 36.35
CA PHE G 258 28.86 22.87 35.12
C PHE G 258 28.94 21.51 34.47
N ASP G 259 27.88 21.16 33.77
CA ASP G 259 27.93 20.02 32.88
C ASP G 259 27.97 20.55 31.46
N GLU G 260 28.12 19.64 30.51
CA GLU G 260 28.38 20.03 29.14
C GLU G 260 27.23 20.81 28.51
N LYS G 261 25.99 20.54 28.93
CA LYS G 261 24.85 21.22 28.32
C LYS G 261 24.78 22.70 28.77
N GLU G 262 25.20 22.96 30.00
CA GLU G 262 25.24 24.34 30.48
C GLU G 262 26.43 25.06 29.88
N LEU G 263 27.42 24.28 29.44
CA LEU G 263 28.60 24.88 28.86
C LEU G 263 28.31 25.24 27.40
N GLU G 264 27.63 24.35 26.70
CA GLU G 264 27.24 24.63 25.33
C GLU G 264 26.44 25.92 25.26
N VAL G 265 25.60 26.12 26.26
CA VAL G 265 24.66 27.21 26.25
C VAL G 265 25.44 28.46 26.60
N MET G 266 26.47 28.31 27.40
CA MET G 266 27.27 29.48 27.75
C MET G 266 28.09 30.04 26.58
N LEU G 267 28.41 29.17 25.62
CA LEU G 267 29.15 29.58 24.46
C LEU G 267 28.26 29.95 23.30
N CYS G 268 27.05 29.41 23.23
CA CYS G 268 26.18 29.69 22.08
C CYS G 268 24.91 30.47 22.41
N GLY G 269 25.03 31.40 23.36
CA GLY G 269 23.90 32.23 23.75
C GLY G 269 22.73 31.39 24.20
N MET G 270 21.62 32.02 24.54
CA MET G 270 20.49 31.22 24.97
C MET G 270 19.32 31.95 24.35
N GLN G 271 18.96 31.54 23.14
CA GLN G 271 17.89 32.22 22.43
C GLN G 271 16.52 31.61 22.71
N GLU G 272 15.50 32.46 22.72
CA GLU G 272 14.15 32.07 23.11
C GLU G 272 13.52 31.04 22.18
N VAL G 273 12.76 30.13 22.78
CA VAL G 273 12.01 29.13 22.05
C VAL G 273 10.53 29.48 21.97
N ASP G 274 10.04 29.69 20.75
CA ASP G 274 8.61 29.92 20.54
C ASP G 274 7.84 28.61 20.52
N LEU G 275 7.01 28.42 21.52
CA LEU G 275 6.30 27.17 21.71
C LEU G 275 5.46 26.82 20.49
N ALA G 276 4.95 27.83 19.78
CA ALA G 276 4.05 27.55 18.67
C ALA G 276 4.77 26.76 17.61
N ASP G 277 5.91 27.27 17.14
CA ASP G 277 6.67 26.64 16.07
C ASP G 277 7.01 25.21 16.46
N TRP G 278 7.12 25.01 17.77
CA TRP G 278 7.36 23.69 18.36
C TRP G 278 6.16 22.76 18.22
N GLN G 279 5.01 23.11 18.79
CA GLN G 279 3.83 22.26 18.67
C GLN G 279 3.41 22.16 17.21
N ARG G 280 3.52 23.28 16.49
CA ARG G 280 3.15 23.33 15.08
C ARG G 280 3.89 22.23 14.34
N ASN G 281 5.10 21.91 14.79
CA ASN G 281 5.94 20.91 14.11
C ASN G 281 6.52 19.85 15.06
N THR G 282 5.76 18.77 15.26
CA THR G 282 6.19 17.66 16.12
C THR G 282 5.37 16.39 15.82
N VAL G 283 6.07 15.29 15.56
CA VAL G 283 5.46 13.98 15.28
C VAL G 283 5.28 13.13 16.57
N TYR G 284 4.34 12.20 16.53
CA TYR G 284 3.93 11.45 17.72
C TYR G 284 3.89 9.93 17.54
N ARG G 285 3.54 9.22 18.61
CA ARG G 285 3.16 7.79 18.59
C ARG G 285 1.87 7.53 19.41
N THR G 288 -1.82 10.71 20.77
CA THR G 288 -2.97 11.56 20.59
C THR G 288 -3.06 12.36 21.89
N ARG G 289 -3.78 13.48 21.85
CA ARG G 289 -4.09 14.17 20.62
C ARG G 289 -2.83 14.93 20.22
N ASN G 290 -2.24 15.83 21.02
CA ASN G 290 -2.67 16.47 22.30
C ASN G 290 -3.62 15.82 23.37
N SER G 291 -3.08 14.75 23.97
CA SER G 291 -3.67 13.82 24.95
C SER G 291 -2.90 13.63 26.28
N LYS G 292 -3.47 12.80 27.16
CA LYS G 292 -3.07 12.60 28.55
C LYS G 292 -1.59 12.80 28.76
N GLN G 293 -0.80 12.24 27.85
CA GLN G 293 0.65 12.39 27.83
C GLN G 293 1.05 13.74 27.25
N ILE G 294 0.49 14.04 26.08
CA ILE G 294 0.93 15.15 25.27
C ILE G 294 0.45 16.49 25.85
N ILE G 295 -0.77 16.54 26.35
CA ILE G 295 -1.26 17.76 26.95
C ILE G 295 -0.34 18.18 28.09
N TRP G 296 -0.13 17.25 29.03
CA TRP G 296 0.73 17.51 30.18
C TRP G 296 2.13 17.89 29.80
N PHE G 297 2.59 17.33 28.69
CA PHE G 297 3.90 17.65 28.17
C PHE G 297 3.94 19.06 27.68
N TRP G 298 3.00 19.40 26.80
CA TRP G 298 2.93 20.75 26.30
C TRP G 298 2.49 21.71 27.39
N GLN G 299 1.63 21.27 28.30
CA GLN G 299 1.34 22.13 29.44
C GLN G 299 2.59 22.36 30.28
N PHE G 300 3.43 21.33 30.35
CA PHE G 300 4.71 21.34 31.10
C PHE G 300 5.76 22.26 30.47
N VAL G 301 5.86 22.22 29.16
CA VAL G 301 6.81 23.10 28.48
C VAL G 301 6.36 24.55 28.57
N LYS G 302 5.09 24.77 28.86
CA LYS G 302 4.54 26.11 28.93
C LYS G 302 4.75 26.74 30.30
N GLU G 303 4.56 25.96 31.35
CA GLU G 303 4.56 26.51 32.71
C GLU G 303 5.96 26.66 33.29
N THR G 304 6.97 26.37 32.48
CA THR G 304 8.32 26.32 33.02
C THR G 304 9.21 27.38 32.41
N ASP G 305 10.38 27.56 33.03
CA ASP G 305 11.47 28.42 32.57
C ASP G 305 11.86 28.19 31.12
N ASN G 306 12.48 29.20 30.50
CA ASN G 306 13.16 28.99 29.23
C ASN G 306 14.39 28.07 29.45
N GLU G 307 14.94 28.15 30.65
CA GLU G 307 16.06 27.31 31.02
C GLU G 307 15.72 25.83 30.88
N VAL G 308 14.62 25.39 31.48
CA VAL G 308 14.24 23.98 31.41
C VAL G 308 13.81 23.60 30.00
N ARG G 309 13.16 24.52 29.30
CA ARG G 309 12.80 24.33 27.90
C ARG G 309 14.02 24.01 27.04
N MET G 310 15.12 24.71 27.27
CA MET G 310 16.31 24.48 26.46
C MET G 310 17.00 23.22 26.89
N ARG G 311 17.01 22.97 28.19
CA ARG G 311 17.47 21.70 28.72
C ARG G 311 16.68 20.57 28.08
N LEU G 312 15.36 20.74 27.93
CA LEU G 312 14.52 19.79 27.20
C LEU G 312 14.97 19.67 25.76
N LEU G 313 15.14 20.83 25.12
CA LEU G 313 15.60 20.86 23.75
C LEU G 313 16.94 20.14 23.58
N GLN G 314 17.88 20.33 24.50
CA GLN G 314 19.18 19.66 24.42
C GLN G 314 19.04 18.13 24.53
N PHE G 315 18.34 17.70 25.58
CA PHE G 315 18.10 16.31 25.89
C PHE G 315 17.59 15.46 24.71
N VAL G 316 16.73 16.04 23.88
CA VAL G 316 16.09 15.29 22.81
C VAL G 316 16.86 15.39 21.49
N THR G 317 17.67 16.43 21.36
CA THR G 317 18.22 16.84 20.07
C THR G 317 19.74 16.69 19.97
N GLY G 318 20.40 16.91 21.11
CA GLY G 318 21.85 16.90 21.17
C GLY G 318 22.39 18.32 21.16
N THR G 319 21.53 19.30 20.98
CA THR G 319 22.01 20.67 20.88
C THR G 319 20.99 21.67 21.36
N CYS G 320 21.47 22.87 21.67
CA CYS G 320 20.61 23.90 22.20
C CYS G 320 20.32 24.99 21.16
N ARG G 321 20.71 24.78 19.92
CA ARG G 321 20.36 25.77 18.93
C ARG G 321 19.47 25.16 17.85
N LEU G 322 18.82 26.03 17.10
CA LEU G 322 17.87 25.63 16.07
C LEU G 322 18.39 26.05 14.71
N PRO G 323 17.99 25.33 13.66
CA PRO G 323 18.29 25.80 12.31
C PRO G 323 17.50 27.09 12.04
N LEU G 324 17.96 27.92 11.10
CA LEU G 324 17.26 29.18 10.84
C LEU G 324 15.95 28.97 10.10
N GLY G 325 14.83 29.27 10.76
CA GLY G 325 13.52 29.02 10.19
C GLY G 325 12.62 28.27 11.17
N GLY G 326 13.24 27.56 12.11
CA GLY G 326 12.52 26.99 13.23
C GLY G 326 12.47 25.47 13.26
N PHE G 327 11.53 24.95 14.04
CA PHE G 327 11.35 23.51 14.20
C PHE G 327 10.82 22.86 12.95
N ALA G 328 10.42 23.69 12.00
CA ALA G 328 9.83 23.19 10.76
C ALA G 328 10.86 22.45 9.92
N GLU G 329 12.13 22.60 10.27
CA GLU G 329 13.20 22.13 9.40
C GLU G 329 14.26 21.35 10.16
N LEU G 330 13.85 20.64 11.20
CA LEU G 330 14.82 19.93 12.02
C LEU G 330 15.48 18.80 11.26
N MET G 331 16.72 18.52 11.61
CA MET G 331 17.50 17.49 10.92
C MET G 331 17.92 16.40 11.90
N GLY G 332 18.34 15.25 11.36
CA GLY G 332 18.73 14.11 12.18
C GLY G 332 20.04 13.41 11.79
N SER G 333 19.91 12.15 11.38
CA SER G 333 21.06 11.32 10.99
C SER G 333 20.85 10.82 9.58
N ASN G 334 19.60 10.78 9.17
CA ASN G 334 19.21 10.28 7.86
C ASN G 334 18.82 11.43 6.94
N GLY G 335 18.11 12.41 7.49
CA GLY G 335 17.63 13.56 6.74
C GLY G 335 16.76 14.49 7.56
N PRO G 336 15.76 15.13 6.94
CA PRO G 336 14.80 15.96 7.66
C PRO G 336 14.06 15.15 8.72
N GLN G 337 14.06 15.60 9.97
CA GLN G 337 13.53 14.81 11.09
C GLN G 337 12.90 15.67 12.21
N LYS G 338 11.57 15.70 12.26
CA LYS G 338 10.89 16.59 13.17
C LYS G 338 11.00 16.07 14.61
N PHE G 339 10.89 16.99 15.56
CA PHE G 339 10.87 16.70 16.99
C PHE G 339 9.76 15.67 17.27
N CYS G 340 10.11 14.54 17.89
CA CYS G 340 9.11 13.49 18.07
C CYS G 340 8.85 13.00 19.51
N ILE G 341 7.61 12.66 19.80
CA ILE G 341 7.25 12.10 21.11
C ILE G 341 6.61 10.71 20.96
N GLU G 342 7.25 9.68 21.50
CA GLU G 342 6.74 8.31 21.39
C GLU G 342 6.20 7.76 22.73
N LYS G 343 5.34 6.74 22.66
CA LYS G 343 4.94 6.03 23.89
C LYS G 343 5.64 4.70 24.04
N VAL G 344 6.85 4.68 24.58
CA VAL G 344 7.46 3.42 24.97
C VAL G 344 7.81 3.46 26.44
N GLY G 345 7.73 2.29 27.08
CA GLY G 345 8.15 2.12 28.46
C GLY G 345 7.05 1.95 29.49
N LYS G 346 7.45 1.70 30.73
CA LYS G 346 6.51 1.53 31.83
C LYS G 346 6.36 2.88 32.55
N ASP G 347 5.31 3.02 33.36
CA ASP G 347 5.07 4.25 34.10
C ASP G 347 6.07 4.46 35.25
N THR G 348 7.04 3.56 35.36
CA THR G 348 8.03 3.58 36.43
C THR G 348 9.42 3.76 35.81
N TRP G 349 9.43 4.00 34.51
CA TRP G 349 10.64 4.30 33.80
C TRP G 349 10.86 5.80 33.65
N LEU G 350 12.07 6.15 33.27
CA LEU G 350 12.39 7.53 32.93
C LEU G 350 12.26 7.71 31.44
N PRO G 351 11.79 8.89 31.00
CA PRO G 351 11.71 9.09 29.55
C PRO G 351 13.13 9.14 28.99
N ARG G 352 13.36 8.56 27.80
CA ARG G 352 14.70 8.61 27.18
C ARG G 352 14.69 9.31 25.83
N SER G 353 15.84 9.36 25.19
CA SER G 353 15.97 10.12 23.95
C SER G 353 16.97 9.53 22.96
N HIS G 354 16.68 9.73 21.69
CA HIS G 354 17.63 9.42 20.63
C HIS G 354 17.94 10.73 19.87
N THR G 355 19.01 11.41 20.24
CA THR G 355 19.31 12.73 19.67
C THR G 355 19.54 12.70 18.15
N CYS G 356 19.87 11.52 17.64
CA CYS G 356 20.09 11.32 16.23
C CYS G 356 18.77 11.13 15.47
N PHE G 357 17.71 10.81 16.19
CA PHE G 357 16.40 10.66 15.57
C PHE G 357 15.45 11.71 16.15
N ASN G 358 15.99 12.61 16.97
CA ASN G 358 15.19 13.64 17.66
C ASN G 358 13.94 13.08 18.31
N ARG G 359 14.11 12.01 19.08
CA ARG G 359 12.97 11.26 19.60
C ARG G 359 12.93 11.32 21.12
N LEU G 360 11.86 11.88 21.68
CA LEU G 360 11.61 11.71 23.12
C LEU G 360 10.74 10.49 23.35
N ASP G 361 11.28 9.51 24.07
CA ASP G 361 10.48 8.34 24.44
C ASP G 361 9.69 8.67 25.69
N LEU G 362 8.39 8.92 25.56
CA LEU G 362 7.58 9.32 26.71
C LEU G 362 6.64 8.22 27.25
N PRO G 363 7.02 7.60 28.38
CA PRO G 363 6.25 6.54 29.03
C PRO G 363 4.84 6.96 29.40
N PRO G 364 3.84 6.10 29.11
CA PRO G 364 2.45 6.47 29.41
C PRO G 364 2.20 6.62 30.90
N TYR G 365 2.46 7.81 31.45
CA TYR G 365 2.26 8.05 32.87
C TYR G 365 0.80 8.22 33.25
N LYS G 366 0.52 7.94 34.52
CA LYS G 366 -0.78 8.21 35.13
C LYS G 366 -0.83 9.70 35.38
N SER G 367 -1.66 10.17 36.30
CA SER G 367 -1.87 11.61 36.43
C SER G 367 -0.60 12.46 36.66
N TYR G 368 -0.72 13.73 36.31
CA TYR G 368 0.37 14.53 35.77
C TYR G 368 1.52 14.97 36.67
N GLU G 369 1.28 15.12 37.97
CA GLU G 369 2.35 15.51 38.91
C GLU G 369 3.53 14.53 38.85
N GLN G 370 3.38 13.51 38.02
CA GLN G 370 4.27 12.39 37.94
C GLN G 370 5.06 12.40 36.63
N LEU G 371 4.39 12.80 35.55
CA LEU G 371 5.08 13.04 34.29
C LEU G 371 6.05 14.18 34.55
N LYS G 372 5.61 15.20 35.28
CA LYS G 372 6.44 16.35 35.50
C LYS G 372 7.71 16.05 36.28
N GLU G 373 7.63 15.20 37.29
CA GLU G 373 8.81 14.98 38.13
C GLU G 373 9.77 14.03 37.44
N LYS G 374 9.24 13.17 36.59
CA LYS G 374 10.08 12.24 35.87
C LYS G 374 10.81 12.88 34.75
N LEU G 375 10.05 13.61 33.94
CA LEU G 375 10.56 14.39 32.84
C LEU G 375 11.57 15.38 33.36
N LEU G 376 11.19 16.06 34.45
CA LEU G 376 12.12 16.95 35.13
C LEU G 376 13.42 16.20 35.41
N PHE G 377 13.30 15.08 36.13
CA PHE G 377 14.47 14.34 36.56
C PHE G 377 15.34 13.88 35.39
N ALA G 378 14.72 13.37 34.34
CA ALA G 378 15.50 12.82 33.22
C ALA G 378 16.24 13.89 32.40
N ILE G 379 15.67 15.09 32.24
CA ILE G 379 16.33 16.13 31.46
C ILE G 379 17.37 16.89 32.29
N GLU G 380 17.24 16.85 33.60
CA GLU G 380 18.22 17.47 34.50
C GLU G 380 19.37 16.52 34.81
N GLU G 381 19.16 15.22 34.59
CA GLU G 381 20.13 14.20 34.98
C GLU G 381 20.72 13.20 34.00
N THR G 382 20.96 13.65 32.78
CA THR G 382 21.67 12.85 31.78
C THR G 382 23.19 13.03 31.68
N GLU G 383 23.77 13.23 32.87
CA GLU G 383 25.21 13.14 33.14
C GLU G 383 26.11 13.63 32.00
N GLN H 7 42.06 11.22 -14.95
CA GLN H 7 40.78 11.55 -14.32
C GLN H 7 40.91 11.28 -12.81
N ILE H 8 41.18 12.33 -12.03
CA ILE H 8 41.41 12.13 -10.59
C ILE H 8 40.52 13.01 -9.70
N LEU H 9 40.42 12.60 -8.42
CA LEU H 9 39.48 13.21 -7.49
C LEU H 9 40.17 13.96 -6.34
N VAL H 10 39.68 15.16 -6.04
CA VAL H 10 40.30 15.99 -5.01
C VAL H 10 39.34 16.28 -3.89
N LYS H 11 39.58 15.66 -2.73
CA LYS H 11 38.65 15.77 -1.62
C LYS H 11 38.92 16.96 -0.68
N THR H 12 37.84 17.54 -0.15
CA THR H 12 37.99 18.43 1.00
C THR H 12 37.30 17.88 2.25
N PHE H 13 37.52 18.54 3.38
CA PHE H 13 36.86 18.21 4.64
C PHE H 13 35.58 19.01 4.85
N THR H 14 35.20 19.79 3.83
CA THR H 14 33.88 20.42 3.77
C THR H 14 33.06 19.65 2.74
N TRP H 15 33.50 18.41 2.52
CA TRP H 15 32.86 17.44 1.63
C TRP H 15 32.43 18.00 0.29
N LYS H 16 33.32 18.80 -0.30
CA LYS H 16 33.26 19.15 -1.70
C LYS H 16 34.30 18.29 -2.44
N THR H 17 33.83 17.44 -3.35
CA THR H 17 34.75 16.60 -4.12
C THR H 17 34.91 17.17 -5.51
N ILE H 18 36.16 17.38 -5.89
CA ILE H 18 36.49 18.06 -7.14
C ILE H 18 37.04 17.07 -8.15
N THR H 19 36.39 17.02 -9.32
CA THR H 19 36.75 16.17 -10.45
C THR H 19 37.75 16.88 -11.38
N LEU H 20 38.79 16.16 -11.80
CA LEU H 20 39.92 16.78 -12.52
C LEU H 20 40.57 15.93 -13.62
N GLU H 21 40.88 16.61 -14.74
CA GLU H 21 41.69 16.07 -15.83
C GLU H 21 43.09 16.57 -15.67
N VAL H 22 43.99 15.60 -15.61
CA VAL H 22 45.40 15.86 -15.45
C VAL H 22 46.06 15.09 -16.58
N GLU H 23 47.36 14.83 -16.46
CA GLU H 23 48.22 13.93 -17.28
C GLU H 23 49.26 13.39 -16.27
N PRO H 24 49.80 12.16 -16.45
CA PRO H 24 50.67 11.62 -15.39
C PRO H 24 51.96 12.45 -15.19
N SER H 25 52.43 13.12 -16.23
CA SER H 25 53.64 13.95 -16.14
C SER H 25 53.39 15.41 -15.71
N ASP H 26 52.14 15.78 -15.46
CA ASP H 26 51.85 17.06 -14.80
C ASP H 26 52.59 17.13 -13.46
N THR H 27 53.29 18.23 -13.20
CA THR H 27 53.77 18.46 -11.85
C THR H 27 52.55 18.83 -11.01
N ILE H 28 52.68 18.80 -9.70
CA ILE H 28 51.56 19.05 -8.80
C ILE H 28 51.14 20.52 -8.87
N GLU H 29 52.07 21.40 -9.23
CA GLU H 29 51.79 22.83 -9.31
C GLU H 29 50.82 23.20 -10.46
N ASN H 30 50.73 22.39 -11.52
CA ASN H 30 49.61 22.55 -12.45
C ASN H 30 48.32 22.17 -11.77
N VAL H 31 48.34 21.03 -11.08
CA VAL H 31 47.14 20.48 -10.46
C VAL H 31 46.56 21.53 -9.53
N LYS H 32 47.44 22.17 -8.76
CA LYS H 32 47.06 23.28 -7.91
C LYS H 32 46.49 24.45 -8.73
N ALA H 33 47.15 24.75 -9.84
CA ALA H 33 46.66 25.77 -10.77
C ALA H 33 45.28 25.38 -11.34
N LYS H 34 45.16 24.15 -11.81
CA LYS H 34 43.88 23.67 -12.33
C LYS H 34 42.79 23.77 -11.26
N ILE H 35 43.20 23.68 -10.00
CA ILE H 35 42.29 23.88 -8.86
C ILE H 35 41.93 25.36 -8.73
N GLN H 36 42.91 26.26 -8.91
CA GLN H 36 42.67 27.70 -8.78
C GLN H 36 41.57 28.22 -9.72
N ASP H 37 41.59 27.79 -10.97
CA ASP H 37 40.66 28.36 -11.92
C ASP H 37 39.37 27.55 -12.01
N LYS H 38 39.27 26.47 -11.25
CA LYS H 38 38.02 25.75 -11.13
C LYS H 38 37.32 26.16 -9.82
N GLU H 39 38.09 26.43 -8.77
CA GLU H 39 37.49 26.67 -7.45
C GLU H 39 37.88 27.99 -6.75
N GLY H 40 38.99 28.57 -7.17
CA GLY H 40 39.32 29.94 -6.77
C GLY H 40 40.50 30.07 -5.80
N ILE H 41 41.10 28.95 -5.43
CA ILE H 41 42.12 28.98 -4.40
C ILE H 41 43.53 29.20 -4.97
N PRO H 42 44.23 30.24 -4.50
CA PRO H 42 45.62 30.40 -4.96
C PRO H 42 46.51 29.25 -4.46
N PRO H 43 47.33 28.69 -5.37
CA PRO H 43 48.22 27.55 -5.11
C PRO H 43 49.11 27.65 -3.87
N ASP H 44 49.42 28.85 -3.40
CA ASP H 44 50.29 28.97 -2.23
C ASP H 44 49.48 28.84 -0.95
N GLN H 45 48.18 28.67 -1.10
CA GLN H 45 47.30 28.41 0.04
C GLN H 45 46.79 26.95 0.04
N GLN H 46 47.39 26.09 -0.79
CA GLN H 46 46.94 24.73 -0.97
C GLN H 46 47.95 23.73 -0.44
N ARG H 47 47.46 22.65 0.18
CA ARG H 47 48.28 21.48 0.41
C ARG H 47 47.54 20.33 -0.22
N LEU H 48 48.28 19.45 -0.87
CA LEU H 48 47.71 18.29 -1.53
C LEU H 48 48.41 17.11 -0.95
N ILE H 49 47.63 16.11 -0.55
CA ILE H 49 48.18 14.93 0.11
C ILE H 49 47.63 13.68 -0.54
N PHE H 50 48.50 12.68 -0.66
CA PHE H 50 48.15 11.37 -1.18
C PHE H 50 48.72 10.32 -0.22
N ALA H 51 47.84 9.44 0.27
CA ALA H 51 48.23 8.38 1.21
C ALA H 51 49.03 8.91 2.39
N GLY H 52 48.69 10.11 2.84
CA GLY H 52 49.30 10.64 4.04
C GLY H 52 50.55 11.45 3.82
N LYS H 53 51.12 11.37 2.61
CA LYS H 53 52.39 12.07 2.33
C LYS H 53 52.18 13.33 1.48
N GLN H 54 52.76 14.43 1.93
CA GLN H 54 52.43 15.72 1.34
C GLN H 54 53.07 15.88 -0.04
N LEU H 55 52.25 16.21 -1.02
CA LEU H 55 52.71 16.32 -2.40
C LEU H 55 53.55 17.58 -2.61
N GLU H 56 54.77 17.39 -3.10
CA GLU H 56 55.68 18.51 -3.32
C GLU H 56 55.45 19.21 -4.67
N ASP H 57 55.48 20.54 -4.67
CA ASP H 57 55.55 21.32 -5.91
C ASP H 57 56.84 20.98 -6.65
N GLY H 58 56.77 20.67 -7.93
CA GLY H 58 58.00 20.32 -8.62
C GLY H 58 58.02 18.88 -9.10
N ARG H 59 57.44 17.97 -8.32
CA ARG H 59 57.30 16.56 -8.69
C ARG H 59 56.00 16.22 -9.40
N THR H 60 56.01 15.14 -10.17
CA THR H 60 54.90 14.75 -11.03
C THR H 60 53.92 13.77 -10.37
N LEU H 61 52.74 13.60 -10.96
CA LEU H 61 51.77 12.67 -10.41
C LEU H 61 52.31 11.24 -10.50
N SER H 62 53.18 11.00 -11.48
CA SER H 62 53.81 9.68 -11.66
C SER H 62 54.77 9.33 -10.53
N ASP H 63 55.56 10.32 -10.10
CA ASP H 63 56.47 10.12 -8.98
C ASP H 63 55.73 9.55 -7.77
N TYR H 64 54.57 10.14 -7.48
CA TYR H 64 53.80 9.81 -6.29
C TYR H 64 52.88 8.63 -6.53
N ASN H 65 53.07 7.99 -7.68
CA ASN H 65 52.24 6.88 -8.13
C ASN H 65 50.78 7.24 -8.23
N ILE H 66 50.51 8.51 -8.41
CA ILE H 66 49.15 8.90 -8.54
C ILE H 66 48.65 8.33 -9.84
N LYS H 67 47.88 7.26 -9.73
CA LYS H 67 47.01 6.81 -10.82
C LYS H 67 45.79 7.66 -10.70
N GLY H 69 42.57 7.13 -11.17
CA GLY H 69 41.40 6.96 -10.34
C GLY H 69 41.63 7.43 -8.91
N SER H 70 42.86 7.84 -8.58
CA SER H 70 43.20 8.10 -7.18
C SER H 70 42.48 9.29 -6.55
N SER H 71 42.64 9.42 -5.24
CA SER H 71 42.00 10.49 -4.50
C SER H 71 43.01 11.29 -3.71
N LEU H 72 43.11 12.58 -4.04
CA LEU H 72 44.00 13.49 -3.34
C LEU H 72 43.19 14.32 -2.36
N TYR H 73 43.82 14.73 -1.27
CA TYR H 73 43.14 15.62 -0.35
C TYR H 73 43.64 17.05 -0.48
N LEU H 74 42.70 18.00 -0.35
CA LEU H 74 42.95 19.43 -0.40
C LEU H 74 42.70 20.08 0.94
N VAL H 75 43.73 20.72 1.47
CA VAL H 75 43.63 21.45 2.74
C VAL H 75 44.24 22.84 2.55
N LEU H 76 43.77 23.83 3.29
CA LEU H 76 44.39 25.16 3.29
C LEU H 76 45.59 25.25 4.25
N ARG H 77 46.57 26.03 3.85
CA ARG H 77 47.69 26.19 4.69
C ARG H 77 47.34 27.21 5.71
N LEU H 78 47.70 26.92 6.94
CA LEU H 78 47.62 27.88 8.04
C LEU H 78 48.66 28.97 7.76
N PRO H 79 48.31 30.25 8.00
CA PRO H 79 49.21 31.41 7.82
C PRO H 79 50.71 31.16 8.11
N GLY H 80 51.02 30.47 9.21
CA GLY H 80 52.38 30.04 9.51
C GLY H 80 53.16 30.91 10.48
#